data_3E5D
# 
_entry.id   3E5D 
# 
_audit_conform.dict_name       mmcif_pdbx.dic 
_audit_conform.dict_version    5.398 
_audit_conform.dict_location   http://mmcif.pdb.org/dictionaries/ascii/mmcif_pdbx.dic 
# 
loop_
_database_2.database_id 
_database_2.database_code 
_database_2.pdbx_database_accession 
_database_2.pdbx_DOI 
PDB   3E5D         pdb_00003e5d 10.2210/pdb3e5d/pdb 
RCSB  RCSB048895   ?            ?                   
WWPDB D_1000048895 ?            ?                   
# 
loop_
_pdbx_audit_revision_history.ordinal 
_pdbx_audit_revision_history.data_content_type 
_pdbx_audit_revision_history.major_revision 
_pdbx_audit_revision_history.minor_revision 
_pdbx_audit_revision_history.revision_date 
1 'Structure model' 1 0 2008-08-26 
2 'Structure model' 1 1 2011-07-13 
3 'Structure model' 1 2 2017-10-25 
4 'Structure model' 1 3 2019-07-24 
5 'Structure model' 1 4 2023-02-01 
6 'Structure model' 1 5 2024-11-13 
# 
_pdbx_audit_revision_details.ordinal             1 
_pdbx_audit_revision_details.revision_ordinal    1 
_pdbx_audit_revision_details.data_content_type   'Structure model' 
_pdbx_audit_revision_details.provider            repository 
_pdbx_audit_revision_details.type                'Initial release' 
_pdbx_audit_revision_details.description         ? 
_pdbx_audit_revision_details.details             ? 
# 
loop_
_pdbx_audit_revision_group.ordinal 
_pdbx_audit_revision_group.revision_ordinal 
_pdbx_audit_revision_group.data_content_type 
_pdbx_audit_revision_group.group 
1  2 'Structure model' Advisory                    
2  2 'Structure model' 'Version format compliance' 
3  3 'Structure model' 'Refinement description'    
4  4 'Structure model' 'Data collection'           
5  4 'Structure model' 'Derived calculations'      
6  4 'Structure model' 'Refinement description'    
7  5 'Structure model' 'Database references'       
8  5 'Structure model' 'Derived calculations'      
9  6 'Structure model' 'Data collection'           
10 6 'Structure model' 'Structure summary'         
# 
loop_
_pdbx_audit_revision_category.ordinal 
_pdbx_audit_revision_category.revision_ordinal 
_pdbx_audit_revision_category.data_content_type 
_pdbx_audit_revision_category.category 
1  3 'Structure model' software                  
2  4 'Structure model' software                  
3  4 'Structure model' struct_conn               
4  5 'Structure model' database_2                
5  5 'Structure model' struct_ref_seq_dif        
6  5 'Structure model' struct_site               
7  6 'Structure model' chem_comp_atom            
8  6 'Structure model' chem_comp_bond            
9  6 'Structure model' pdbx_entry_details        
10 6 'Structure model' pdbx_modification_feature 
# 
loop_
_pdbx_audit_revision_item.ordinal 
_pdbx_audit_revision_item.revision_ordinal 
_pdbx_audit_revision_item.data_content_type 
_pdbx_audit_revision_item.item 
1  3 'Structure model' '_software.classification'                     
2  3 'Structure model' '_software.name'                               
3  4 'Structure model' '_software.classification'                     
4  4 'Structure model' '_software.contact_author'                     
5  4 'Structure model' '_software.contact_author_email'               
6  4 'Structure model' '_software.language'                           
7  4 'Structure model' '_software.location'                           
8  4 'Structure model' '_software.name'                               
9  4 'Structure model' '_software.type'                               
10 4 'Structure model' '_software.version'                            
11 4 'Structure model' '_struct_conn.pdbx_leaving_atom_flag'          
12 5 'Structure model' '_database_2.pdbx_DOI'                         
13 5 'Structure model' '_database_2.pdbx_database_accession'          
14 5 'Structure model' '_struct_ref_seq_dif.details'                  
15 5 'Structure model' '_struct_site.pdbx_auth_asym_id'               
16 5 'Structure model' '_struct_site.pdbx_auth_comp_id'               
17 5 'Structure model' '_struct_site.pdbx_auth_seq_id'                
18 6 'Structure model' '_pdbx_entry_details.has_protein_modification' 
# 
_pdbx_database_status.SG_entry                        Y 
_pdbx_database_status.entry_id                        3E5D 
_pdbx_database_status.deposit_site                    RCSB 
_pdbx_database_status.process_site                    RCSB 
_pdbx_database_status.recvd_initial_deposition_date   2008-08-13 
_pdbx_database_status.status_code                     REL 
_pdbx_database_status.status_code_sf                  REL 
_pdbx_database_status.status_code_mr                  ? 
_pdbx_database_status.status_code_cs                  ? 
_pdbx_database_status.pdb_format_compatible           Y 
_pdbx_database_status.methods_development_category    ? 
_pdbx_database_status.status_code_nmr_data            ? 
# 
_pdbx_database_related.db_name        TargetDB 
_pdbx_database_related.db_id          367570 
_pdbx_database_related.details        . 
_pdbx_database_related.content_type   unspecified 
# 
_audit_author.name           'Joint Center for Structural Genomics (JCSG)' 
_audit_author.pdbx_ordinal   1 
# 
_citation.id                        primary 
_citation.title                     
'Crystal structure of Putative Glyoxalase I (YP_013033.1) from LISTERIA MONOCYTOGENES 4b F2365 at 2.70 A resolution' 
_citation.journal_abbrev            'To be published' 
_citation.journal_volume            ? 
_citation.page_first                ? 
_citation.page_last                 ? 
_citation.year                      ? 
_citation.journal_id_ASTM           ? 
_citation.country                   ? 
_citation.journal_id_ISSN           ? 
_citation.journal_id_CSD            0353 
_citation.book_publisher            ? 
_citation.pdbx_database_id_PubMed   ? 
_citation.pdbx_database_id_DOI      ? 
# 
_citation_author.citation_id        primary 
_citation_author.name               'Joint Center for Structural Genomics (JCSG)' 
_citation_author.ordinal            1 
_citation_author.identifier_ORCID   ? 
# 
loop_
_entity.id 
_entity.type 
_entity.src_method 
_entity.pdbx_description 
_entity.formula_weight 
_entity.pdbx_number_of_molecules 
_entity.pdbx_ec 
_entity.pdbx_mutation 
_entity.pdbx_fragment 
_entity.details 
1 polymer     man 'Putative Glyoxalase I' 14502.468 1 ? ? ? ? 
2 non-polymer syn 'UNKNOWN LIGAND'        ?         1 ? ? ? ? 
3 water       nat water                   18.015    2 ? ? ? ? 
# 
_entity_poly.entity_id                      1 
_entity_poly.type                           'polypeptide(L)' 
_entity_poly.nstd_linkage                   no 
_entity_poly.nstd_monomer                   yes 
_entity_poly.pdbx_seq_one_letter_code       
;G(MSE)KIEHVALWTTNLEQ(MSE)KQFYVTYFGATANDLYENKTKGFNSYFLSFEDGARLEI(MSE)SRTDVTGKTTGE
NLGWAHIAISTGTKEAVDELTEKLRQDGFAIAGEPR(MSE)TGDGYYESVVLDPEGNRIEITW
;
_entity_poly.pdbx_seq_one_letter_code_can   
;GMKIEHVALWTTNLEQMKQFYVTYFGATANDLYENKTKGFNSYFLSFEDGARLEIMSRTDVTGKTTGENLGWAHIAISTG
TKEAVDELTEKLRQDGFAIAGEPRMTGDGYYESVVLDPEGNRIEITW
;
_entity_poly.pdbx_strand_id                 A 
_entity_poly.pdbx_target_identifier         367570 
# 
loop_
_pdbx_entity_nonpoly.entity_id 
_pdbx_entity_nonpoly.name 
_pdbx_entity_nonpoly.comp_id 
2 'UNKNOWN LIGAND' UNL 
3 water            HOH 
# 
loop_
_entity_poly_seq.entity_id 
_entity_poly_seq.num 
_entity_poly_seq.mon_id 
_entity_poly_seq.hetero 
1 1   GLY n 
1 2   MSE n 
1 3   LYS n 
1 4   ILE n 
1 5   GLU n 
1 6   HIS n 
1 7   VAL n 
1 8   ALA n 
1 9   LEU n 
1 10  TRP n 
1 11  THR n 
1 12  THR n 
1 13  ASN n 
1 14  LEU n 
1 15  GLU n 
1 16  GLN n 
1 17  MSE n 
1 18  LYS n 
1 19  GLN n 
1 20  PHE n 
1 21  TYR n 
1 22  VAL n 
1 23  THR n 
1 24  TYR n 
1 25  PHE n 
1 26  GLY n 
1 27  ALA n 
1 28  THR n 
1 29  ALA n 
1 30  ASN n 
1 31  ASP n 
1 32  LEU n 
1 33  TYR n 
1 34  GLU n 
1 35  ASN n 
1 36  LYS n 
1 37  THR n 
1 38  LYS n 
1 39  GLY n 
1 40  PHE n 
1 41  ASN n 
1 42  SER n 
1 43  TYR n 
1 44  PHE n 
1 45  LEU n 
1 46  SER n 
1 47  PHE n 
1 48  GLU n 
1 49  ASP n 
1 50  GLY n 
1 51  ALA n 
1 52  ARG n 
1 53  LEU n 
1 54  GLU n 
1 55  ILE n 
1 56  MSE n 
1 57  SER n 
1 58  ARG n 
1 59  THR n 
1 60  ASP n 
1 61  VAL n 
1 62  THR n 
1 63  GLY n 
1 64  LYS n 
1 65  THR n 
1 66  THR n 
1 67  GLY n 
1 68  GLU n 
1 69  ASN n 
1 70  LEU n 
1 71  GLY n 
1 72  TRP n 
1 73  ALA n 
1 74  HIS n 
1 75  ILE n 
1 76  ALA n 
1 77  ILE n 
1 78  SER n 
1 79  THR n 
1 80  GLY n 
1 81  THR n 
1 82  LYS n 
1 83  GLU n 
1 84  ALA n 
1 85  VAL n 
1 86  ASP n 
1 87  GLU n 
1 88  LEU n 
1 89  THR n 
1 90  GLU n 
1 91  LYS n 
1 92  LEU n 
1 93  ARG n 
1 94  GLN n 
1 95  ASP n 
1 96  GLY n 
1 97  PHE n 
1 98  ALA n 
1 99  ILE n 
1 100 ALA n 
1 101 GLY n 
1 102 GLU n 
1 103 PRO n 
1 104 ARG n 
1 105 MSE n 
1 106 THR n 
1 107 GLY n 
1 108 ASP n 
1 109 GLY n 
1 110 TYR n 
1 111 TYR n 
1 112 GLU n 
1 113 SER n 
1 114 VAL n 
1 115 VAL n 
1 116 LEU n 
1 117 ASP n 
1 118 PRO n 
1 119 GLU n 
1 120 GLY n 
1 121 ASN n 
1 122 ARG n 
1 123 ILE n 
1 124 GLU n 
1 125 ILE n 
1 126 THR n 
1 127 TRP n 
# 
_entity_src_gen.entity_id                          1 
_entity_src_gen.pdbx_src_id                        1 
_entity_src_gen.pdbx_alt_source_flag               sample 
_entity_src_gen.pdbx_seq_type                      ? 
_entity_src_gen.pdbx_beg_seq_num                   ? 
_entity_src_gen.pdbx_end_seq_num                   ? 
_entity_src_gen.gene_src_common_name               ? 
_entity_src_gen.gene_src_genus                     ? 
_entity_src_gen.pdbx_gene_src_gene                 LMOf2365_0426 
_entity_src_gen.gene_src_species                   ? 
_entity_src_gen.gene_src_strain                    ? 
_entity_src_gen.gene_src_tissue                    ? 
_entity_src_gen.gene_src_tissue_fraction           ? 
_entity_src_gen.gene_src_details                   ? 
_entity_src_gen.pdbx_gene_src_fragment             ? 
_entity_src_gen.pdbx_gene_src_scientific_name      'Listeria monocytogenes str. 4b F2365' 
_entity_src_gen.pdbx_gene_src_ncbi_taxonomy_id     265669 
_entity_src_gen.pdbx_gene_src_variant              ? 
_entity_src_gen.pdbx_gene_src_cell_line            ? 
_entity_src_gen.pdbx_gene_src_atcc                 ? 
_entity_src_gen.pdbx_gene_src_organ                ? 
_entity_src_gen.pdbx_gene_src_organelle            ? 
_entity_src_gen.pdbx_gene_src_cell                 ? 
_entity_src_gen.pdbx_gene_src_cellular_location    ? 
_entity_src_gen.host_org_common_name               ? 
_entity_src_gen.pdbx_host_org_scientific_name      'Escherichia Coli' 
_entity_src_gen.pdbx_host_org_ncbi_taxonomy_id     562 
_entity_src_gen.host_org_genus                     ? 
_entity_src_gen.pdbx_host_org_gene                 ? 
_entity_src_gen.pdbx_host_org_organ                ? 
_entity_src_gen.host_org_species                   ? 
_entity_src_gen.pdbx_host_org_tissue               ? 
_entity_src_gen.pdbx_host_org_tissue_fraction      ? 
_entity_src_gen.pdbx_host_org_strain               HK100 
_entity_src_gen.pdbx_host_org_variant              ? 
_entity_src_gen.pdbx_host_org_cell_line            ? 
_entity_src_gen.pdbx_host_org_atcc                 ? 
_entity_src_gen.pdbx_host_org_culture_collection   ? 
_entity_src_gen.pdbx_host_org_cell                 ? 
_entity_src_gen.pdbx_host_org_organelle            ? 
_entity_src_gen.pdbx_host_org_cellular_location    ? 
_entity_src_gen.pdbx_host_org_vector_type          Plasmid 
_entity_src_gen.pdbx_host_org_vector               ? 
_entity_src_gen.host_org_details                   ? 
_entity_src_gen.expression_system_id               ? 
_entity_src_gen.plasmid_name                       SpeedET 
_entity_src_gen.plasmid_details                    ? 
_entity_src_gen.pdbx_description                   ? 
# 
loop_
_chem_comp.id 
_chem_comp.type 
_chem_comp.mon_nstd_flag 
_chem_comp.name 
_chem_comp.pdbx_synonyms 
_chem_comp.formula 
_chem_comp.formula_weight 
ALA 'L-peptide linking' y ALANINE          ? 'C3 H7 N O2'     89.093  
ARG 'L-peptide linking' y ARGININE         ? 'C6 H15 N4 O2 1' 175.209 
ASN 'L-peptide linking' y ASPARAGINE       ? 'C4 H8 N2 O3'    132.118 
ASP 'L-peptide linking' y 'ASPARTIC ACID'  ? 'C4 H7 N O4'     133.103 
GLN 'L-peptide linking' y GLUTAMINE        ? 'C5 H10 N2 O3'   146.144 
GLU 'L-peptide linking' y 'GLUTAMIC ACID'  ? 'C5 H9 N O4'     147.129 
GLY 'peptide linking'   y GLYCINE          ? 'C2 H5 N O2'     75.067  
HIS 'L-peptide linking' y HISTIDINE        ? 'C6 H10 N3 O2 1' 156.162 
HOH non-polymer         . WATER            ? 'H2 O'           18.015  
ILE 'L-peptide linking' y ISOLEUCINE       ? 'C6 H13 N O2'    131.173 
LEU 'L-peptide linking' y LEUCINE          ? 'C6 H13 N O2'    131.173 
LYS 'L-peptide linking' y LYSINE           ? 'C6 H15 N2 O2 1' 147.195 
MSE 'L-peptide linking' n SELENOMETHIONINE ? 'C5 H11 N O2 Se' 196.106 
PHE 'L-peptide linking' y PHENYLALANINE    ? 'C9 H11 N O2'    165.189 
PRO 'L-peptide linking' y PROLINE          ? 'C5 H9 N O2'     115.130 
SER 'L-peptide linking' y SERINE           ? 'C3 H7 N O3'     105.093 
THR 'L-peptide linking' y THREONINE        ? 'C4 H9 N O3'     119.119 
TRP 'L-peptide linking' y TRYPTOPHAN       ? 'C11 H12 N2 O2'  204.225 
TYR 'L-peptide linking' y TYROSINE         ? 'C9 H11 N O3'    181.189 
UNL non-polymer         . 'UNKNOWN LIGAND' ? ?                ?       
VAL 'L-peptide linking' y VALINE           ? 'C5 H11 N O2'    117.146 
# 
loop_
_pdbx_poly_seq_scheme.asym_id 
_pdbx_poly_seq_scheme.entity_id 
_pdbx_poly_seq_scheme.seq_id 
_pdbx_poly_seq_scheme.mon_id 
_pdbx_poly_seq_scheme.ndb_seq_num 
_pdbx_poly_seq_scheme.pdb_seq_num 
_pdbx_poly_seq_scheme.auth_seq_num 
_pdbx_poly_seq_scheme.pdb_mon_id 
_pdbx_poly_seq_scheme.auth_mon_id 
_pdbx_poly_seq_scheme.pdb_strand_id 
_pdbx_poly_seq_scheme.pdb_ins_code 
_pdbx_poly_seq_scheme.hetero 
A 1 1   GLY 1   0   ?   ?   ?   A . n 
A 1 2   MSE 2   1   1   MSE MSE A . n 
A 1 3   LYS 3   2   2   LYS LYS A . n 
A 1 4   ILE 4   3   3   ILE ILE A . n 
A 1 5   GLU 5   4   4   GLU GLU A . n 
A 1 6   HIS 6   5   5   HIS HIS A . n 
A 1 7   VAL 7   6   6   VAL VAL A . n 
A 1 8   ALA 8   7   7   ALA ALA A . n 
A 1 9   LEU 9   8   8   LEU LEU A . n 
A 1 10  TRP 10  9   9   TRP TRP A . n 
A 1 11  THR 11  10  10  THR THR A . n 
A 1 12  THR 12  11  11  THR THR A . n 
A 1 13  ASN 13  12  12  ASN ASN A . n 
A 1 14  LEU 14  13  13  LEU LEU A . n 
A 1 15  GLU 15  14  14  GLU GLU A . n 
A 1 16  GLN 16  15  15  GLN GLN A . n 
A 1 17  MSE 17  16  16  MSE MSE A . n 
A 1 18  LYS 18  17  17  LYS LYS A . n 
A 1 19  GLN 19  18  18  GLN GLN A . n 
A 1 20  PHE 20  19  19  PHE PHE A . n 
A 1 21  TYR 21  20  20  TYR TYR A . n 
A 1 22  VAL 22  21  21  VAL VAL A . n 
A 1 23  THR 23  22  22  THR THR A . n 
A 1 24  TYR 24  23  23  TYR TYR A . n 
A 1 25  PHE 25  24  24  PHE PHE A . n 
A 1 26  GLY 26  25  25  GLY GLY A . n 
A 1 27  ALA 27  26  26  ALA ALA A . n 
A 1 28  THR 28  27  27  THR THR A . n 
A 1 29  ALA 29  28  28  ALA ALA A . n 
A 1 30  ASN 30  29  29  ASN ASN A . n 
A 1 31  ASP 31  30  30  ASP ASP A . n 
A 1 32  LEU 32  31  31  LEU LEU A . n 
A 1 33  TYR 33  32  32  TYR TYR A . n 
A 1 34  GLU 34  33  33  GLU GLU A . n 
A 1 35  ASN 35  34  34  ASN ASN A . n 
A 1 36  LYS 36  35  35  LYS LYS A . n 
A 1 37  THR 37  36  36  THR THR A . n 
A 1 38  LYS 38  37  37  LYS LYS A . n 
A 1 39  GLY 39  38  38  GLY GLY A . n 
A 1 40  PHE 40  39  39  PHE PHE A . n 
A 1 41  ASN 41  40  40  ASN ASN A . n 
A 1 42  SER 42  41  41  SER SER A . n 
A 1 43  TYR 43  42  42  TYR TYR A . n 
A 1 44  PHE 44  43  43  PHE PHE A . n 
A 1 45  LEU 45  44  44  LEU LEU A . n 
A 1 46  SER 46  45  45  SER SER A . n 
A 1 47  PHE 47  46  46  PHE PHE A . n 
A 1 48  GLU 48  47  47  GLU GLU A . n 
A 1 49  ASP 49  48  48  ASP ASP A . n 
A 1 50  GLY 50  49  49  GLY GLY A . n 
A 1 51  ALA 51  50  50  ALA ALA A . n 
A 1 52  ARG 52  51  51  ARG ARG A . n 
A 1 53  LEU 53  52  52  LEU LEU A . n 
A 1 54  GLU 54  53  53  GLU GLU A . n 
A 1 55  ILE 55  54  54  ILE ILE A . n 
A 1 56  MSE 56  55  55  MSE MSE A . n 
A 1 57  SER 57  56  56  SER SER A . n 
A 1 58  ARG 58  57  57  ARG ARG A . n 
A 1 59  THR 59  58  58  THR THR A . n 
A 1 60  ASP 60  59  59  ASP ASP A . n 
A 1 61  VAL 61  60  60  VAL VAL A . n 
A 1 62  THR 62  61  61  THR THR A . n 
A 1 63  GLY 63  62  62  GLY GLY A . n 
A 1 64  LYS 64  63  63  LYS LYS A . n 
A 1 65  THR 65  64  64  THR THR A . n 
A 1 66  THR 66  65  65  THR THR A . n 
A 1 67  GLY 67  66  66  GLY GLY A . n 
A 1 68  GLU 68  67  67  GLU GLU A . n 
A 1 69  ASN 69  68  68  ASN ASN A . n 
A 1 70  LEU 70  69  69  LEU LEU A . n 
A 1 71  GLY 71  70  70  GLY GLY A . n 
A 1 72  TRP 72  71  71  TRP TRP A . n 
A 1 73  ALA 73  72  72  ALA ALA A . n 
A 1 74  HIS 74  73  73  HIS HIS A . n 
A 1 75  ILE 75  74  74  ILE ILE A . n 
A 1 76  ALA 76  75  75  ALA ALA A . n 
A 1 77  ILE 77  76  76  ILE ILE A . n 
A 1 78  SER 78  77  77  SER SER A . n 
A 1 79  THR 79  78  78  THR THR A . n 
A 1 80  GLY 80  79  79  GLY GLY A . n 
A 1 81  THR 81  80  80  THR THR A . n 
A 1 82  LYS 82  81  81  LYS LYS A . n 
A 1 83  GLU 83  82  82  GLU GLU A . n 
A 1 84  ALA 84  83  83  ALA ALA A . n 
A 1 85  VAL 85  84  84  VAL VAL A . n 
A 1 86  ASP 86  85  85  ASP ASP A . n 
A 1 87  GLU 87  86  86  GLU GLU A . n 
A 1 88  LEU 88  87  87  LEU LEU A . n 
A 1 89  THR 89  88  88  THR THR A . n 
A 1 90  GLU 90  89  89  GLU GLU A . n 
A 1 91  LYS 91  90  90  LYS LYS A . n 
A 1 92  LEU 92  91  91  LEU LEU A . n 
A 1 93  ARG 93  92  92  ARG ARG A . n 
A 1 94  GLN 94  93  93  GLN GLN A . n 
A 1 95  ASP 95  94  94  ASP ASP A . n 
A 1 96  GLY 96  95  95  GLY GLY A . n 
A 1 97  PHE 97  96  96  PHE PHE A . n 
A 1 98  ALA 98  97  97  ALA ALA A . n 
A 1 99  ILE 99  98  98  ILE ILE A . n 
A 1 100 ALA 100 99  99  ALA ALA A . n 
A 1 101 GLY 101 100 100 GLY GLY A . n 
A 1 102 GLU 102 101 101 GLU GLU A . n 
A 1 103 PRO 103 102 102 PRO PRO A . n 
A 1 104 ARG 104 103 103 ARG ARG A . n 
A 1 105 MSE 105 104 104 MSE MSE A . n 
A 1 106 THR 106 105 105 THR THR A . n 
A 1 107 GLY 107 106 106 GLY GLY A . n 
A 1 108 ASP 108 107 107 ASP ASP A . n 
A 1 109 GLY 109 108 108 GLY GLY A . n 
A 1 110 TYR 110 109 109 TYR TYR A . n 
A 1 111 TYR 111 110 110 TYR TYR A . n 
A 1 112 GLU 112 111 111 GLU GLU A . n 
A 1 113 SER 113 112 112 SER SER A . n 
A 1 114 VAL 114 113 113 VAL VAL A . n 
A 1 115 VAL 115 114 114 VAL VAL A . n 
A 1 116 LEU 116 115 115 LEU LEU A . n 
A 1 117 ASP 117 116 116 ASP ASP A . n 
A 1 118 PRO 118 117 117 PRO PRO A . n 
A 1 119 GLU 119 118 118 GLU GLU A . n 
A 1 120 GLY 120 119 119 GLY GLY A . n 
A 1 121 ASN 121 120 120 ASN ASN A . n 
A 1 122 ARG 122 121 121 ARG ARG A . n 
A 1 123 ILE 123 122 122 ILE ILE A . n 
A 1 124 GLU 124 123 123 GLU GLU A . n 
A 1 125 ILE 125 124 124 ILE ILE A . n 
A 1 126 THR 126 125 125 THR THR A . n 
A 1 127 TRP 127 126 126 TRP TRP A . n 
# 
loop_
_pdbx_nonpoly_scheme.asym_id 
_pdbx_nonpoly_scheme.entity_id 
_pdbx_nonpoly_scheme.mon_id 
_pdbx_nonpoly_scheme.ndb_seq_num 
_pdbx_nonpoly_scheme.pdb_seq_num 
_pdbx_nonpoly_scheme.auth_seq_num 
_pdbx_nonpoly_scheme.pdb_mon_id 
_pdbx_nonpoly_scheme.auth_mon_id 
_pdbx_nonpoly_scheme.pdb_strand_id 
_pdbx_nonpoly_scheme.pdb_ins_code 
B 2 UNL 1 200 200 UNL UNL A . 
C 3 HOH 1 201 1   HOH HOH A . 
C 3 HOH 2 202 2   HOH HOH A . 
# 
loop_
_pdbx_unobs_or_zero_occ_atoms.id 
_pdbx_unobs_or_zero_occ_atoms.PDB_model_num 
_pdbx_unobs_or_zero_occ_atoms.polymer_flag 
_pdbx_unobs_or_zero_occ_atoms.occupancy_flag 
_pdbx_unobs_or_zero_occ_atoms.auth_asym_id 
_pdbx_unobs_or_zero_occ_atoms.auth_comp_id 
_pdbx_unobs_or_zero_occ_atoms.auth_seq_id 
_pdbx_unobs_or_zero_occ_atoms.PDB_ins_code 
_pdbx_unobs_or_zero_occ_atoms.auth_atom_id 
_pdbx_unobs_or_zero_occ_atoms.label_alt_id 
_pdbx_unobs_or_zero_occ_atoms.label_asym_id 
_pdbx_unobs_or_zero_occ_atoms.label_comp_id 
_pdbx_unobs_or_zero_occ_atoms.label_seq_id 
_pdbx_unobs_or_zero_occ_atoms.label_atom_id 
1 1 Y 1 A LYS 35 ? CD  ? A LYS 36 CD  
2 1 Y 1 A LYS 35 ? CE  ? A LYS 36 CE  
3 1 Y 1 A LYS 35 ? NZ  ? A LYS 36 NZ  
4 1 Y 1 A LYS 63 ? CD  ? A LYS 64 CD  
5 1 Y 1 A LYS 63 ? CE  ? A LYS 64 CE  
6 1 Y 1 A LYS 63 ? NZ  ? A LYS 64 NZ  
7 1 Y 1 A GLU 86 ? OE1 ? A GLU 87 OE1 
8 1 Y 1 A GLU 86 ? OE2 ? A GLU 87 OE2 
# 
loop_
_software.name 
_software.version 
_software.date 
_software.type 
_software.contact_author 
_software.contact_author_email 
_software.classification 
_software.location 
_software.language 
_software.citation_id 
_software.pdbx_ordinal 
REFMAC      5.2.0019 ?                    program 'Murshudov, G.N.'            ccp4@dl.ac.uk                        refinement 
http://www.ccp4.ac.uk/main.html                                    Fortran_77 ? 1 
PHENIX      .        ?                    package 'P.D. Adams'                 PDAdams@lbl.gov                      refinement 
http://www.phenix-online.org/                                      C++        ? 2 
SHELX       .        ?                    package 'George Sheldrick'           gsheldr@shelx.uni-ac.gwdg.de         phasing 
http://shelx.uni-ac.gwdg.de/SHELX/                                 Fortran_77 ? 3 
MolProbity  3beta29  ?                    package 'D.C. & J.S. Richardson lab' molprobity@kinemage.biochem.duke.edu 
'model building'  http://kinemage.biochem.duke.edu/molprobity/                       ?          ? 4 
XSCALE      .        ?                    package 'Wolfgang Kabsch'            ?                                    'data scaling' 
http://www.mpimf-heidelberg.mpg.de/~kabsch/xds/xscale_program.html ?          ? 5 
PDB_EXTRACT 3.004    'September 10, 2007' package PDB                          sw-help@rcsb.rutgers.edu             
'data extraction' http://pdb.rutgers.edu/software/                                   C++        ? 6 
XDS         .        ?                    ?       ?                            ?                                    
'data reduction'  ?                                                                  ?          ? 7 
SHELXD      .        ?                    ?       ?                            ?                                    phasing ? ? ? 
8 
autoSHARP   .        ?                    ?       ?                            ?                                    phasing ? ? ? 
9 
# 
_cell.entry_id           3E5D 
_cell.length_a           123.590 
_cell.length_b           123.590 
_cell.length_c           123.590 
_cell.angle_alpha        90.000 
_cell.angle_beta         90.000 
_cell.angle_gamma        90.000 
_cell.pdbx_unique_axis   ? 
_cell.Z_PDB              24 
_cell.length_a_esd       ? 
_cell.length_b_esd       ? 
_cell.length_c_esd       ? 
_cell.angle_alpha_esd    ? 
_cell.angle_beta_esd     ? 
_cell.angle_gamma_esd    ? 
# 
_symmetry.entry_id                         3E5D 
_symmetry.Int_Tables_number                199 
_symmetry.space_group_name_H-M             'I 21 3' 
_symmetry.pdbx_full_space_group_name_H-M   ? 
_symmetry.cell_setting                     ? 
_symmetry.space_group_name_Hall            ? 
# 
_exptl.crystals_number   1 
_exptl.method            'X-RAY DIFFRACTION' 
_exptl.entry_id          3E5D 
# 
_exptl_crystal.id                    1 
_exptl_crystal.density_Matthews      5.42 
_exptl_crystal.density_meas          ? 
_exptl_crystal.density_percent_sol   77.32 
_exptl_crystal.description           ? 
_exptl_crystal.F_000                 ? 
_exptl_crystal.preparation           ? 
# 
_exptl_crystal_grow.crystal_id      1 
_exptl_crystal_grow.method          'VAPOR DIFFUSION, SITTING DROP' 
_exptl_crystal_grow.pH              7.0 
_exptl_crystal_grow.temp            277 
_exptl_crystal_grow.pdbx_details    
;1.1M sodium citrate, 0.15M sodium chloride, 0.1M TRIS pH 7.0, VAPOR DIFFUSION,SITTING DROP,NANODROP, temperature 277K, VAPOR DIFFUSION, SITTING DROP
;
_exptl_crystal_grow.temp_details    ? 
_exptl_crystal_grow.pdbx_pH_range   ? 
# 
_diffrn.id                     1 
_diffrn.ambient_temp           100 
_diffrn.ambient_temp_details   ? 
_diffrn.crystal_id             1 
# 
_diffrn_detector.diffrn_id              1 
_diffrn_detector.detector               CCD 
_diffrn_detector.type                   'MARMOSAIC 325 mm CCD' 
_diffrn_detector.details                'Flat mirror (vertical focusing)' 
_diffrn_detector.pdbx_collection_date   2008-05-27 
# 
_diffrn_radiation.diffrn_id                        1 
_diffrn_radiation.pdbx_monochromatic_or_laue_m_l   M 
_diffrn_radiation.monochromator                    'Single crystal Si(111) bent monochromator (horizontal focusing)' 
_diffrn_radiation.pdbx_diffrn_protocol             'SINGLE WAVELENGTH' 
_diffrn_radiation.wavelength_id                    1 
_diffrn_radiation.pdbx_scattering_type             x-ray 
# 
_diffrn_radiation_wavelength.id           1 
_diffrn_radiation_wavelength.wavelength   . 
_diffrn_radiation_wavelength.wt           1.0 
# 
_diffrn_source.diffrn_id                   1 
_diffrn_source.source                      SYNCHROTRON 
_diffrn_source.pdbx_synchrotron_beamline   BL11-1 
_diffrn_source.type                        'SSRL BEAMLINE BL11-1' 
_diffrn_source.pdbx_wavelength             ? 
_diffrn_source.pdbx_wavelength_list        ? 
_diffrn_source.pdbx_synchrotron_site       SSRL 
# 
_reflns.entry_id                     3E5D 
_reflns.d_resolution_high            2.70 
_reflns.d_resolution_low             29.136 
_reflns.number_obs                   8775 
_reflns.pdbx_Rmerge_I_obs            0.051 
_reflns.percent_possible_obs         99.700 
_reflns.B_iso_Wilson_estimate        103.91 
_reflns.observed_criterion_sigma_I   -3.00 
_reflns.observed_criterion_sigma_F   ? 
_reflns.number_all                   ? 
_reflns.pdbx_Rsym_value              ? 
_reflns.pdbx_netI_over_sigmaI        22.200 
_reflns.pdbx_redundancy              ? 
_reflns.R_free_details               ? 
_reflns.limit_h_max                  ? 
_reflns.limit_h_min                  ? 
_reflns.limit_k_max                  ? 
_reflns.limit_k_min                  ? 
_reflns.limit_l_max                  ? 
_reflns.limit_l_min                  ? 
_reflns.observed_criterion_F_max     ? 
_reflns.observed_criterion_F_min     ? 
_reflns.pdbx_chi_squared             ? 
_reflns.pdbx_scaling_rejects         ? 
_reflns.pdbx_ordinal                 1 
_reflns.pdbx_diffrn_id               1 
# 
loop_
_reflns_shell.d_res_high 
_reflns_shell.d_res_low 
_reflns_shell.number_measured_obs 
_reflns_shell.number_measured_all 
_reflns_shell.number_unique_obs 
_reflns_shell.Rmerge_I_obs 
_reflns_shell.meanI_over_sigI_obs 
_reflns_shell.pdbx_Rsym_value 
_reflns_shell.pdbx_chi_squared 
_reflns_shell.pdbx_redundancy 
_reflns_shell.percent_possible_obs 
_reflns_shell.number_unique_all 
_reflns_shell.percent_possible_all 
_reflns_shell.pdbx_ordinal 
_reflns_shell.pdbx_diffrn_id 
2.70 2.80   13982 ? 1700 0.991 2.2  ? ? ? ? ? 98.80  1  1 
2.80 2.91   14401 ? 1656 0.605 3.6  ? ? ? ? ? 100.00 2  1 
2.91 3.04   14216 ? 1633 0.351 6.1  ? ? ? ? ? 100.00 3  1 
3.04 3.20   14719 ? 1690 0.192 10.5 ? ? ? ? ? 100.00 4  1 
3.20 3.40   14587 ? 1677 0.106 17.6 ? ? ? ? ? 100.00 5  1 
3.40 3.66   14329 ? 1652 0.075 23.2 ? ? ? ? ? 99.90  6  1 
3.66 4.03   14500 ? 1683 0.051 33.0 ? ? ? ? ? 100.00 7  1 
4.03 4.60   14395 ? 1669 0.040 39.4 ? ? ? ? ? 99.90  8  1 
4.60 5.77   14186 ? 1644 0.036 42.0 ? ? ? ? ? 100.00 9  1 
5.77 29.136 14583 ? 1722 0.034 44.1 ? ? ? ? ? 98.70  10 1 
# 
_refine.entry_id                                 3E5D 
_refine.ls_d_res_high                            2.700 
_refine.ls_d_res_low                             29.136 
_refine.pdbx_ls_sigma_F                          0.00 
_refine.ls_percent_reflns_obs                    99.800 
_refine.ls_number_reflns_obs                     8766 
_refine.pdbx_ls_cross_valid_method               THROUGHOUT 
_refine.pdbx_R_Free_selection_details            RANDOM 
_refine.details                                  
;1. HYDROGENS HAVE BEEN ADDED IN THE RIDING POSITIONS.
 2. ATOM RECORD CONTAINS RESIDUAL B FACTORS ONLY.
 3. A MET-INHIBITION PROTOCOL WAS USED FOR SELENOMETHIONINE
 INCORPORATION DURING PROTEIN EXPRESSION.  THE OCCUPANCY
 OF THE SE ATOMS IN THE MSE RESIDUES WAS REDUCED TO 0.75
 FOR THE REDUCED SCATTERING POWER DUE TO PARTIAL S-MET INCORPORATION.
 4. AN UNKNOWN LIGAND (UNL) HAS BEEN TENTATIVELY MODELED AT
 WHAT APPEARS TO BE THE PUTATIVE ACTIVE SITE(S) SURROUNDED BY
 RESIDUES HIS5, PHE39, GLU53, ARG57, HIS73, ASP107, GLU111
 AND GLU123.
;
_refine.ls_R_factor_obs                          0.173 
_refine.ls_R_factor_R_work                       0.172 
_refine.ls_R_factor_R_free                       0.198 
_refine.ls_percent_reflns_R_free                 4.700 
_refine.ls_number_reflns_R_free                  416 
_refine.B_iso_mean                               57.474 
_refine.correlation_coeff_Fo_to_Fc               0.970 
_refine.correlation_coeff_Fo_to_Fc_free          0.964 
_refine.pdbx_overall_ESU_R                       0.228 
_refine.pdbx_overall_ESU_R_Free                  0.189 
_refine.overall_SU_ML                            0.127 
_refine.overall_SU_B                             13.998 
_refine.solvent_model_details                    MASK 
_refine.pdbx_solvent_vdw_probe_radii             1.200 
_refine.pdbx_solvent_ion_probe_radii             0.800 
_refine.pdbx_solvent_shrinkage_radii             0.800 
_refine.pdbx_method_to_determine_struct          SAD 
_refine.pdbx_stereochemistry_target_values       'MAXIMUM LIKELIHOOD WITH PHASES' 
_refine.pdbx_ls_sigma_I                          ? 
_refine.ls_number_reflns_all                     ? 
_refine.ls_R_factor_all                          ? 
_refine.ls_redundancy_reflns_obs                 ? 
_refine.pdbx_data_cutoff_high_absF               ? 
_refine.pdbx_data_cutoff_low_absF                ? 
_refine.ls_number_parameters                     ? 
_refine.ls_number_restraints                     ? 
_refine.ls_R_factor_R_free_error                 ? 
_refine.ls_R_factor_R_free_error_details         ? 
_refine.pdbx_starting_model                      ? 
_refine.pdbx_stereochem_target_val_spec_case     ? 
_refine.solvent_model_param_bsol                 ? 
_refine.solvent_model_param_ksol                 ? 
_refine.occupancy_max                            ? 
_refine.occupancy_min                            ? 
_refine.pdbx_isotropic_thermal_model             ? 
_refine.aniso_B[1][1]                            ? 
_refine.aniso_B[1][2]                            ? 
_refine.aniso_B[1][3]                            ? 
_refine.aniso_B[2][2]                            ? 
_refine.aniso_B[2][3]                            ? 
_refine.aniso_B[3][3]                            ? 
_refine.B_iso_min                                ? 
_refine.B_iso_max                                ? 
_refine.overall_SU_R_Cruickshank_DPI             ? 
_refine.overall_SU_R_free                        ? 
_refine.pdbx_data_cutoff_high_rms_absF           ? 
_refine.ls_wR_factor_R_free                      ? 
_refine.ls_wR_factor_R_work                      ? 
_refine.overall_FOM_free_R_set                   ? 
_refine.overall_FOM_work_R_set                   ? 
_refine.pdbx_overall_phase_error                 ? 
_refine.pdbx_refine_id                           'X-RAY DIFFRACTION' 
_refine.pdbx_TLS_residual_ADP_flag               'LIKELY RESIDUAL' 
_refine.pdbx_diffrn_id                           1 
_refine.pdbx_overall_SU_R_free_Cruickshank_DPI   ? 
_refine.pdbx_overall_SU_R_Blow_DPI               ? 
_refine.pdbx_overall_SU_R_free_Blow_DPI          ? 
# 
_refine_hist.pdbx_refine_id                   'X-RAY DIFFRACTION' 
_refine_hist.cycle_id                         LAST 
_refine_hist.pdbx_number_atoms_protein        996 
_refine_hist.pdbx_number_atoms_nucleic_acid   0 
_refine_hist.pdbx_number_atoms_ligand         9 
_refine_hist.number_atoms_solvent             2 
_refine_hist.number_atoms_total               1007 
_refine_hist.d_res_high                       2.700 
_refine_hist.d_res_low                        29.136 
# 
loop_
_refine_ls_restr.type 
_refine_ls_restr.number 
_refine_ls_restr.dev_ideal 
_refine_ls_restr.dev_ideal_target 
_refine_ls_restr.weight 
_refine_ls_restr.pdbx_refine_id 
_refine_ls_restr.pdbx_restraint_function 
r_bond_refined_d         1017 0.012  0.022  ? 'X-RAY DIFFRACTION' ? 
r_bond_other_d           666  0.001  0.020  ? 'X-RAY DIFFRACTION' ? 
r_angle_refined_deg      1378 1.657  1.935  ? 'X-RAY DIFFRACTION' ? 
r_angle_other_deg        1618 0.959  3.000  ? 'X-RAY DIFFRACTION' ? 
r_dihedral_angle_1_deg   125  4.031  5.000  ? 'X-RAY DIFFRACTION' ? 
r_dihedral_angle_2_deg   50   29.224 24.600 ? 'X-RAY DIFFRACTION' ? 
r_dihedral_angle_3_deg   168  12.377 15.000 ? 'X-RAY DIFFRACTION' ? 
r_dihedral_angle_4_deg   5    19.148 15.000 ? 'X-RAY DIFFRACTION' ? 
r_chiral_restr           150  0.095  0.200  ? 'X-RAY DIFFRACTION' ? 
r_gen_planes_refined     1150 0.005  0.020  ? 'X-RAY DIFFRACTION' ? 
r_gen_planes_other       216  0.001  0.020  ? 'X-RAY DIFFRACTION' ? 
r_nbd_refined            179  0.218  0.200  ? 'X-RAY DIFFRACTION' ? 
r_nbd_other              647  0.185  0.200  ? 'X-RAY DIFFRACTION' ? 
r_nbtor_refined          494  0.188  0.200  ? 'X-RAY DIFFRACTION' ? 
r_nbtor_other            520  0.085  0.200  ? 'X-RAY DIFFRACTION' ? 
r_xyhbond_nbd_refined    32   0.376  0.200  ? 'X-RAY DIFFRACTION' ? 
r_symmetry_vdw_refined   5    0.147  0.200  ? 'X-RAY DIFFRACTION' ? 
r_symmetry_vdw_other     27   0.206  0.200  ? 'X-RAY DIFFRACTION' ? 
r_symmetry_hbond_refined 3    0.216  0.200  ? 'X-RAY DIFFRACTION' ? 
r_mcbond_it              681  1.373  3.000  ? 'X-RAY DIFFRACTION' ? 
r_mcbond_other           261  0.243  3.000  ? 'X-RAY DIFFRACTION' ? 
r_mcangle_it             995  2.134  5.000  ? 'X-RAY DIFFRACTION' ? 
r_scbond_it              449  3.973  8.000  ? 'X-RAY DIFFRACTION' ? 
r_scangle_it             383  5.127  11.000 ? 'X-RAY DIFFRACTION' ? 
# 
_refine_ls_shell.d_res_high                       2.701 
_refine_ls_shell.d_res_low                        2.771 
_refine_ls_shell.pdbx_total_number_of_bins_used   20 
_refine_ls_shell.percent_reflns_obs               100.000 
_refine_ls_shell.number_reflns_R_work             607 
_refine_ls_shell.R_factor_all                     ? 
_refine_ls_shell.R_factor_R_work                  0.427 
_refine_ls_shell.R_factor_R_free                  0.504 
_refine_ls_shell.percent_reflns_R_free            ? 
_refine_ls_shell.number_reflns_R_free             35 
_refine_ls_shell.R_factor_R_free_error            ? 
_refine_ls_shell.number_reflns_all                642 
_refine_ls_shell.number_reflns_obs                ? 
_refine_ls_shell.redundancy_reflns_obs            ? 
_refine_ls_shell.pdbx_refine_id                   'X-RAY DIFFRACTION' 
# 
_struct.entry_id                  3E5D 
_struct.title                     
'Crystal structure of a putative glyoxalase i (lmof2365_0426) from listeria monocytogenes str. 4b f2365 at 2.70 A resolution' 
_struct.pdbx_model_details        ? 
_struct.pdbx_CASP_flag            ? 
_struct.pdbx_model_type_details   ? 
# 
_struct_keywords.text            
'Structural genomics, Joint Center for Structural Genomics, JCSG, Protein Structure Initiative, PSI-2, lyase' 
_struct_keywords.pdbx_keywords   LYASE 
_struct_keywords.entry_id        3E5D 
# 
loop_
_struct_asym.id 
_struct_asym.pdbx_blank_PDB_chainid_flag 
_struct_asym.pdbx_modified 
_struct_asym.entity_id 
_struct_asym.details 
A N N 1 ? 
B N N 2 ? 
C N N 3 ? 
# 
_struct_ref.id                         1 
_struct_ref.db_name                    UNP 
_struct_ref.db_code                    Q723Q1_LISMF 
_struct_ref.pdbx_db_accession          Q723Q1 
_struct_ref.entity_id                  1 
_struct_ref.pdbx_seq_one_letter_code   
;MKIEHVALWTTNLEQMKQFYVTYFGATANDLYENKTKGFNSYFLSFEDGARLEIMSRTDVTGKTTGENLGWAHIAISTGT
KEAVDELTEKLRQDGFAIAGEPRMTGDGYYESVVLDPEGNRIEITW
;
_struct_ref.pdbx_align_begin           1 
_struct_ref.pdbx_db_isoform            ? 
# 
_struct_ref_seq.align_id                      1 
_struct_ref_seq.ref_id                        1 
_struct_ref_seq.pdbx_PDB_id_code              3E5D 
_struct_ref_seq.pdbx_strand_id                A 
_struct_ref_seq.seq_align_beg                 2 
_struct_ref_seq.pdbx_seq_align_beg_ins_code   ? 
_struct_ref_seq.seq_align_end                 127 
_struct_ref_seq.pdbx_seq_align_end_ins_code   ? 
_struct_ref_seq.pdbx_db_accession             Q723Q1 
_struct_ref_seq.db_align_beg                  1 
_struct_ref_seq.pdbx_db_align_beg_ins_code    ? 
_struct_ref_seq.db_align_end                  126 
_struct_ref_seq.pdbx_db_align_end_ins_code    ? 
_struct_ref_seq.pdbx_auth_seq_align_beg       1 
_struct_ref_seq.pdbx_auth_seq_align_end       126 
# 
_struct_ref_seq_dif.align_id                     1 
_struct_ref_seq_dif.pdbx_pdb_id_code             3E5D 
_struct_ref_seq_dif.mon_id                       GLY 
_struct_ref_seq_dif.pdbx_pdb_strand_id           A 
_struct_ref_seq_dif.seq_num                      1 
_struct_ref_seq_dif.pdbx_pdb_ins_code            ? 
_struct_ref_seq_dif.pdbx_seq_db_name             UNP 
_struct_ref_seq_dif.pdbx_seq_db_accession_code   Q723Q1 
_struct_ref_seq_dif.db_mon_id                    ? 
_struct_ref_seq_dif.pdbx_seq_db_seq_num          ? 
_struct_ref_seq_dif.details                      'expression tag' 
_struct_ref_seq_dif.pdbx_auth_seq_num            0 
_struct_ref_seq_dif.pdbx_ordinal                 1 
# 
_pdbx_struct_assembly.id                   1 
_pdbx_struct_assembly.details              author_and_software_defined_assembly 
_pdbx_struct_assembly.method_details       PISA 
_pdbx_struct_assembly.oligomeric_details   dimeric 
_pdbx_struct_assembly.oligomeric_count     2 
# 
loop_
_pdbx_struct_assembly_prop.biol_id 
_pdbx_struct_assembly_prop.type 
_pdbx_struct_assembly_prop.value 
_pdbx_struct_assembly_prop.details 
1 'ABSA (A^2)' 4980  ? 
1 MORE         -35   ? 
1 'SSA (A^2)'  11530 ? 
# 
_pdbx_struct_assembly_gen.assembly_id       1 
_pdbx_struct_assembly_gen.oper_expression   1,2 
_pdbx_struct_assembly_gen.asym_id_list      A,B,C 
# 
loop_
_pdbx_struct_oper_list.id 
_pdbx_struct_oper_list.type 
_pdbx_struct_oper_list.name 
_pdbx_struct_oper_list.symmetry_operation 
_pdbx_struct_oper_list.matrix[1][1] 
_pdbx_struct_oper_list.matrix[1][2] 
_pdbx_struct_oper_list.matrix[1][3] 
_pdbx_struct_oper_list.vector[1] 
_pdbx_struct_oper_list.matrix[2][1] 
_pdbx_struct_oper_list.matrix[2][2] 
_pdbx_struct_oper_list.matrix[2][3] 
_pdbx_struct_oper_list.vector[2] 
_pdbx_struct_oper_list.matrix[3][1] 
_pdbx_struct_oper_list.matrix[3][2] 
_pdbx_struct_oper_list.matrix[3][3] 
_pdbx_struct_oper_list.vector[3] 
1 'identity operation'         1_555  x,y,z         1.0000000000  0.0000000000  0.0000000000  0.0000000000   0.0000000000  1.0000000000  0.0000000000 0.0000000000  0.0000000000  0.0000000000 1.0000000000 0.0000000000  
2 'crystal symmetry operation' 14_655 -x+1,-y+1/2,z -0.7869716848 -0.3757769720 -0.4893538952 -16.6268128238 -0.3757769720 -0.3371381992 0.8632088403 -0.1718471446 -0.4893538952 0.8632088403 0.1241098839 -7.1061163676 
# 
_struct_biol.id        1 
_struct_biol.details   
;AUTHORS STATE THAT THIS ENTRY CONTAINS THE CRYSTALLOGRAPHIC ASYMMETRIC UNIT WHICH CONSISTS OF 2 CHAINS THAT FORM A DIMER BASED ON CRYSTAL PACKING ANALYSIS.
;
# 
loop_
_struct_conf.conf_type_id 
_struct_conf.id 
_struct_conf.pdbx_PDB_helix_id 
_struct_conf.beg_label_comp_id 
_struct_conf.beg_label_asym_id 
_struct_conf.beg_label_seq_id 
_struct_conf.pdbx_beg_PDB_ins_code 
_struct_conf.end_label_comp_id 
_struct_conf.end_label_asym_id 
_struct_conf.end_label_seq_id 
_struct_conf.pdbx_end_PDB_ins_code 
_struct_conf.beg_auth_comp_id 
_struct_conf.beg_auth_asym_id 
_struct_conf.beg_auth_seq_id 
_struct_conf.end_auth_comp_id 
_struct_conf.end_auth_asym_id 
_struct_conf.end_auth_seq_id 
_struct_conf.pdbx_PDB_helix_class 
_struct_conf.details 
_struct_conf.pdbx_PDB_helix_length 
HELX_P HELX_P1 1 ASN A 13 ? GLY A 26 ? ASN A 12 GLY A 25 1 ? 14 
HELX_P HELX_P2 2 THR A 81 ? ASP A 95 ? THR A 80 ASP A 94 1 ? 15 
# 
_struct_conf_type.id          HELX_P 
_struct_conf_type.criteria    ? 
_struct_conf_type.reference   ? 
# 
loop_
_struct_conn.id 
_struct_conn.conn_type_id 
_struct_conn.pdbx_leaving_atom_flag 
_struct_conn.pdbx_PDB_id 
_struct_conn.ptnr1_label_asym_id 
_struct_conn.ptnr1_label_comp_id 
_struct_conn.ptnr1_label_seq_id 
_struct_conn.ptnr1_label_atom_id 
_struct_conn.pdbx_ptnr1_label_alt_id 
_struct_conn.pdbx_ptnr1_PDB_ins_code 
_struct_conn.pdbx_ptnr1_standard_comp_id 
_struct_conn.ptnr1_symmetry 
_struct_conn.ptnr2_label_asym_id 
_struct_conn.ptnr2_label_comp_id 
_struct_conn.ptnr2_label_seq_id 
_struct_conn.ptnr2_label_atom_id 
_struct_conn.pdbx_ptnr2_label_alt_id 
_struct_conn.pdbx_ptnr2_PDB_ins_code 
_struct_conn.ptnr1_auth_asym_id 
_struct_conn.ptnr1_auth_comp_id 
_struct_conn.ptnr1_auth_seq_id 
_struct_conn.ptnr2_auth_asym_id 
_struct_conn.ptnr2_auth_comp_id 
_struct_conn.ptnr2_auth_seq_id 
_struct_conn.ptnr2_symmetry 
_struct_conn.pdbx_ptnr3_label_atom_id 
_struct_conn.pdbx_ptnr3_label_seq_id 
_struct_conn.pdbx_ptnr3_label_comp_id 
_struct_conn.pdbx_ptnr3_label_asym_id 
_struct_conn.pdbx_ptnr3_label_alt_id 
_struct_conn.pdbx_ptnr3_PDB_ins_code 
_struct_conn.details 
_struct_conn.pdbx_dist_value 
_struct_conn.pdbx_value_order 
_struct_conn.pdbx_role 
covale1 covale both ? A MSE 2   C ? ? ? 1_555 A LYS 3   N ? ? A MSE 1   A LYS 2   1_555 ? ? ? ? ? ? ? 1.334 ? ? 
covale2 covale both ? A GLN 16  C ? ? ? 1_555 A MSE 17  N ? ? A GLN 15  A MSE 16  1_555 ? ? ? ? ? ? ? 1.329 ? ? 
covale3 covale both ? A MSE 17  C ? ? ? 1_555 A LYS 18  N ? ? A MSE 16  A LYS 17  1_555 ? ? ? ? ? ? ? 1.326 ? ? 
covale4 covale both ? A ILE 55  C ? ? ? 1_555 A MSE 56  N ? ? A ILE 54  A MSE 55  1_555 ? ? ? ? ? ? ? 1.325 ? ? 
covale5 covale both ? A MSE 56  C ? ? ? 1_555 A SER 57  N ? ? A MSE 55  A SER 56  1_555 ? ? ? ? ? ? ? 1.324 ? ? 
covale6 covale both ? A ARG 104 C ? ? ? 1_555 A MSE 105 N ? ? A ARG 103 A MSE 104 1_555 ? ? ? ? ? ? ? 1.330 ? ? 
covale7 covale both ? A MSE 105 C ? ? ? 1_555 A THR 106 N ? ? A MSE 104 A THR 105 1_555 ? ? ? ? ? ? ? 1.326 ? ? 
# 
_struct_conn_type.id          covale 
_struct_conn_type.criteria    ? 
_struct_conn_type.reference   ? 
# 
loop_
_pdbx_modification_feature.ordinal 
_pdbx_modification_feature.label_comp_id 
_pdbx_modification_feature.label_asym_id 
_pdbx_modification_feature.label_seq_id 
_pdbx_modification_feature.label_alt_id 
_pdbx_modification_feature.modified_residue_label_comp_id 
_pdbx_modification_feature.modified_residue_label_asym_id 
_pdbx_modification_feature.modified_residue_label_seq_id 
_pdbx_modification_feature.modified_residue_label_alt_id 
_pdbx_modification_feature.auth_comp_id 
_pdbx_modification_feature.auth_asym_id 
_pdbx_modification_feature.auth_seq_id 
_pdbx_modification_feature.PDB_ins_code 
_pdbx_modification_feature.symmetry 
_pdbx_modification_feature.modified_residue_auth_comp_id 
_pdbx_modification_feature.modified_residue_auth_asym_id 
_pdbx_modification_feature.modified_residue_auth_seq_id 
_pdbx_modification_feature.modified_residue_PDB_ins_code 
_pdbx_modification_feature.modified_residue_symmetry 
_pdbx_modification_feature.comp_id_linking_atom 
_pdbx_modification_feature.modified_residue_id_linking_atom 
_pdbx_modification_feature.modified_residue_id 
_pdbx_modification_feature.ref_pcm_id 
_pdbx_modification_feature.ref_comp_id 
_pdbx_modification_feature.type 
_pdbx_modification_feature.category 
1 MSE A 2   ? . . . . MSE A 1   ? 1_555 . . . . . . . MET 1 MSE Selenomethionine 'Named protein modification' 
2 MSE A 17  ? . . . . MSE A 16  ? 1_555 . . . . . . . MET 1 MSE Selenomethionine 'Named protein modification' 
3 MSE A 56  ? . . . . MSE A 55  ? 1_555 . . . . . . . MET 1 MSE Selenomethionine 'Named protein modification' 
4 MSE A 105 ? . . . . MSE A 104 ? 1_555 . . . . . . . MET 1 MSE Selenomethionine 'Named protein modification' 
# 
loop_
_struct_sheet.id 
_struct_sheet.type 
_struct_sheet.number_strands 
_struct_sheet.details 
A ? 4 ? 
B ? 4 ? 
C ? 4 ? 
# 
loop_
_struct_sheet_order.sheet_id 
_struct_sheet_order.range_id_1 
_struct_sheet_order.range_id_2 
_struct_sheet_order.offset 
_struct_sheet_order.sense 
A 1 2 ? parallel      
A 2 3 ? anti-parallel 
A 3 4 ? anti-parallel 
B 1 2 ? parallel      
B 2 3 ? anti-parallel 
B 3 4 ? anti-parallel 
C 1 2 ? parallel      
C 2 3 ? anti-parallel 
C 3 4 ? anti-parallel 
# 
loop_
_struct_sheet_range.sheet_id 
_struct_sheet_range.id 
_struct_sheet_range.beg_label_comp_id 
_struct_sheet_range.beg_label_asym_id 
_struct_sheet_range.beg_label_seq_id 
_struct_sheet_range.pdbx_beg_PDB_ins_code 
_struct_sheet_range.end_label_comp_id 
_struct_sheet_range.end_label_asym_id 
_struct_sheet_range.end_label_seq_id 
_struct_sheet_range.pdbx_end_PDB_ins_code 
_struct_sheet_range.beg_auth_comp_id 
_struct_sheet_range.beg_auth_asym_id 
_struct_sheet_range.beg_auth_seq_id 
_struct_sheet_range.end_auth_comp_id 
_struct_sheet_range.end_auth_asym_id 
_struct_sheet_range.end_auth_seq_id 
A 1 HIS A 6   ? TRP A 10  ? HIS A 5   TRP A 9   
A 2 ARG A 52  ? ARG A 58  ? ARG A 51  ARG A 57  
A 3 PHE A 40  ? SER A 46  ? PHE A 39  SER A 45  
A 4 THR A 28  ? ALA A 29  ? THR A 27  ALA A 28  
B 1 HIS A 6   ? TRP A 10  ? HIS A 5   TRP A 9   
B 2 ARG A 52  ? ARG A 58  ? ARG A 51  ARG A 57  
B 3 PHE A 40  ? SER A 46  ? PHE A 39  SER A 45  
B 4 TYR A 33  ? ASN A 35  ? TYR A 32  ASN A 34  
C 1 ILE A 75  ? SER A 78  ? ILE A 74  SER A 77  
C 2 ARG A 122 ? THR A 126 ? ARG A 121 THR A 125 
C 3 TYR A 111 ? LEU A 116 ? TYR A 110 LEU A 115 
C 4 ILE A 99  ? MSE A 105 ? ILE A 98  MSE A 104 
# 
loop_
_pdbx_struct_sheet_hbond.sheet_id 
_pdbx_struct_sheet_hbond.range_id_1 
_pdbx_struct_sheet_hbond.range_id_2 
_pdbx_struct_sheet_hbond.range_1_label_atom_id 
_pdbx_struct_sheet_hbond.range_1_label_comp_id 
_pdbx_struct_sheet_hbond.range_1_label_asym_id 
_pdbx_struct_sheet_hbond.range_1_label_seq_id 
_pdbx_struct_sheet_hbond.range_1_PDB_ins_code 
_pdbx_struct_sheet_hbond.range_1_auth_atom_id 
_pdbx_struct_sheet_hbond.range_1_auth_comp_id 
_pdbx_struct_sheet_hbond.range_1_auth_asym_id 
_pdbx_struct_sheet_hbond.range_1_auth_seq_id 
_pdbx_struct_sheet_hbond.range_2_label_atom_id 
_pdbx_struct_sheet_hbond.range_2_label_comp_id 
_pdbx_struct_sheet_hbond.range_2_label_asym_id 
_pdbx_struct_sheet_hbond.range_2_label_seq_id 
_pdbx_struct_sheet_hbond.range_2_PDB_ins_code 
_pdbx_struct_sheet_hbond.range_2_auth_atom_id 
_pdbx_struct_sheet_hbond.range_2_auth_comp_id 
_pdbx_struct_sheet_hbond.range_2_auth_asym_id 
_pdbx_struct_sheet_hbond.range_2_auth_seq_id 
A 1 2 N LEU A 9   ? N LEU A 8   O GLU A 54  ? O GLU A 53  
A 2 3 O LEU A 53  ? O LEU A 52  N LEU A 45  ? N LEU A 44  
A 3 4 O SER A 46  ? O SER A 45  N THR A 28  ? N THR A 27  
B 1 2 N LEU A 9   ? N LEU A 8   O GLU A 54  ? O GLU A 53  
B 2 3 O LEU A 53  ? O LEU A 52  N LEU A 45  ? N LEU A 44  
B 3 4 O SER A 42  ? O SER A 41  N TYR A 33  ? N TYR A 32  
C 1 2 N ILE A 75  ? N ILE A 74  O GLU A 124 ? O GLU A 123 
C 2 3 O ILE A 125 ? O ILE A 124 N SER A 113 ? N SER A 112 
C 3 4 O VAL A 114 ? O VAL A 113 N GLY A 101 ? N GLY A 100 
# 
_struct_site.id                   AC1 
_struct_site.pdbx_evidence_code   Software 
_struct_site.pdbx_auth_asym_id    A 
_struct_site.pdbx_auth_comp_id    UNL 
_struct_site.pdbx_auth_seq_id     200 
_struct_site.pdbx_auth_ins_code   ? 
_struct_site.pdbx_num_residues    9 
_struct_site.details              'BINDING SITE FOR RESIDUE UNL A 200' 
# 
loop_
_struct_site_gen.id 
_struct_site_gen.site_id 
_struct_site_gen.pdbx_num_res 
_struct_site_gen.label_comp_id 
_struct_site_gen.label_asym_id 
_struct_site_gen.label_seq_id 
_struct_site_gen.pdbx_auth_ins_code 
_struct_site_gen.auth_comp_id 
_struct_site_gen.auth_asym_id 
_struct_site_gen.auth_seq_id 
_struct_site_gen.label_atom_id 
_struct_site_gen.label_alt_id 
_struct_site_gen.symmetry 
_struct_site_gen.details 
1 AC1 9 HIS A 6   ? HIS A 5   . ? 14_655 ? 
2 AC1 9 ASN A 35  ? ASN A 34  . ? 14_655 ? 
3 AC1 9 PHE A 40  ? PHE A 39  . ? 14_655 ? 
4 AC1 9 GLU A 54  ? GLU A 53  . ? 14_655 ? 
5 AC1 9 ARG A 58  ? ARG A 57  . ? 14_655 ? 
6 AC1 9 THR A 106 ? THR A 105 . ? 1_555  ? 
7 AC1 9 ASP A 108 ? ASP A 107 . ? 1_555  ? 
8 AC1 9 GLU A 112 ? GLU A 111 . ? 1_555  ? 
9 AC1 9 GLU A 124 ? GLU A 123 . ? 1_555  ? 
# 
_pdbx_entry_details.entry_id                   3E5D 
_pdbx_entry_details.compound_details           ? 
_pdbx_entry_details.source_details             ? 
_pdbx_entry_details.nonpolymer_details         ? 
_pdbx_entry_details.sequence_details           
;THE CONSTRUCT WAS EXPRESSED WITH A PURIFICATION TAG MGSDKIHHHHHHENLYFQG. THE TAG WAS REMOVED WITH TEV PROTEASE LEAVING ONLY A GLYCINE (0) FOLLOWED BY THE TARGET SEQUENCE. HOWEVER, ABOUT 5-10% OF THE PURIFIED PROTEIN HAS THE TAG ON BUT THIS IS NOT VISIBLE IN THE ELECTRON DENSITY OF THE STRUCTURE. IT IS NOT KNOWN IF CRYSTALLIZATION SELECTED FOR TAG OFF MOLECULES OR IF PARTIAL OCCUPANCY AND DISORDER MAKE THE TAG UNOBSERVABLE.
;
_pdbx_entry_details.has_ligand_of_interest     ? 
_pdbx_entry_details.has_protein_modification   Y 
# 
_pdbx_validate_torsion.id              1 
_pdbx_validate_torsion.PDB_model_num   1 
_pdbx_validate_torsion.auth_comp_id    PHE 
_pdbx_validate_torsion.auth_asym_id    A 
_pdbx_validate_torsion.auth_seq_id     46 
_pdbx_validate_torsion.PDB_ins_code    ? 
_pdbx_validate_torsion.label_alt_id    ? 
_pdbx_validate_torsion.phi             -106.51 
_pdbx_validate_torsion.psi             -156.70 
# 
_pdbx_SG_project.project_name          'PSI, Protein Structure Initiative' 
_pdbx_SG_project.full_name_of_center   'Joint Center for Structural Genomics' 
_pdbx_SG_project.id                    1 
_pdbx_SG_project.initial_of_center     JCSG 
# 
loop_
_pdbx_struct_mod_residue.id 
_pdbx_struct_mod_residue.label_asym_id 
_pdbx_struct_mod_residue.label_comp_id 
_pdbx_struct_mod_residue.label_seq_id 
_pdbx_struct_mod_residue.auth_asym_id 
_pdbx_struct_mod_residue.auth_comp_id 
_pdbx_struct_mod_residue.auth_seq_id 
_pdbx_struct_mod_residue.PDB_ins_code 
_pdbx_struct_mod_residue.parent_comp_id 
_pdbx_struct_mod_residue.details 
1 A MSE 2   A MSE 1   ? MET SELENOMETHIONINE 
2 A MSE 17  A MSE 16  ? MET SELENOMETHIONINE 
3 A MSE 56  A MSE 55  ? MET SELENOMETHIONINE 
4 A MSE 105 A MSE 104 ? MET SELENOMETHIONINE 
# 
_pdbx_refine_tls.id               1 
_pdbx_refine_tls.details          ? 
_pdbx_refine_tls.method           refined 
_pdbx_refine_tls.origin_x         -0.1613 
_pdbx_refine_tls.origin_y         0.0140 
_pdbx_refine_tls.origin_z         0.2474 
_pdbx_refine_tls.T[1][1]          0.0454 
_pdbx_refine_tls.T[2][2]          0.0295 
_pdbx_refine_tls.T[3][3]          0.0215 
_pdbx_refine_tls.T[1][2]          0.0480 
_pdbx_refine_tls.T[1][3]          0.0436 
_pdbx_refine_tls.T[2][3]          0.0028 
_pdbx_refine_tls.L[1][1]          3.0954 
_pdbx_refine_tls.L[2][2]          3.8000 
_pdbx_refine_tls.L[3][3]          1.2141 
_pdbx_refine_tls.L[1][2]          1.1289 
_pdbx_refine_tls.L[1][3]          -0.2771 
_pdbx_refine_tls.L[2][3]          -0.8671 
_pdbx_refine_tls.S[1][1]          0.0050 
_pdbx_refine_tls.S[2][2]          -0.0914 
_pdbx_refine_tls.S[3][3]          0.0864 
_pdbx_refine_tls.S[1][2]          -0.0518 
_pdbx_refine_tls.S[1][3]          -0.3148 
_pdbx_refine_tls.S[2][3]          -0.5014 
_pdbx_refine_tls.S[2][1]          -0.2077 
_pdbx_refine_tls.S[3][1]          0.1870 
_pdbx_refine_tls.S[3][2]          0.2021 
_pdbx_refine_tls.pdbx_refine_id   'X-RAY DIFFRACTION' 
# 
_pdbx_refine_tls_group.id                  1 
_pdbx_refine_tls_group.refine_tls_id       1 
_pdbx_refine_tls_group.beg_label_asym_id   A 
_pdbx_refine_tls_group.beg_label_seq_id    2 
_pdbx_refine_tls_group.end_label_asym_id   A 
_pdbx_refine_tls_group.end_label_seq_id    127 
_pdbx_refine_tls_group.selection           ? 
_pdbx_refine_tls_group.beg_auth_asym_id    A 
_pdbx_refine_tls_group.beg_auth_seq_id     1 
_pdbx_refine_tls_group.end_auth_asym_id    A 
_pdbx_refine_tls_group.end_auth_seq_id     126 
_pdbx_refine_tls_group.pdbx_refine_id      'X-RAY DIFFRACTION' 
_pdbx_refine_tls_group.selection_details   ? 
# 
_phasing.method   SAD 
# 
_pdbx_unobs_or_zero_occ_residues.id               1 
_pdbx_unobs_or_zero_occ_residues.PDB_model_num    1 
_pdbx_unobs_or_zero_occ_residues.polymer_flag     Y 
_pdbx_unobs_or_zero_occ_residues.occupancy_flag   1 
_pdbx_unobs_or_zero_occ_residues.auth_asym_id     A 
_pdbx_unobs_or_zero_occ_residues.auth_comp_id     GLY 
_pdbx_unobs_or_zero_occ_residues.auth_seq_id      0 
_pdbx_unobs_or_zero_occ_residues.PDB_ins_code     ? 
_pdbx_unobs_or_zero_occ_residues.label_asym_id    A 
_pdbx_unobs_or_zero_occ_residues.label_comp_id    GLY 
_pdbx_unobs_or_zero_occ_residues.label_seq_id     1 
# 
loop_
_chem_comp_atom.comp_id 
_chem_comp_atom.atom_id 
_chem_comp_atom.type_symbol 
_chem_comp_atom.pdbx_aromatic_flag 
_chem_comp_atom.pdbx_stereo_config 
_chem_comp_atom.pdbx_ordinal 
ALA N    N  N N 1   
ALA CA   C  N S 2   
ALA C    C  N N 3   
ALA O    O  N N 4   
ALA CB   C  N N 5   
ALA OXT  O  N N 6   
ALA H    H  N N 7   
ALA H2   H  N N 8   
ALA HA   H  N N 9   
ALA HB1  H  N N 10  
ALA HB2  H  N N 11  
ALA HB3  H  N N 12  
ALA HXT  H  N N 13  
ARG N    N  N N 14  
ARG CA   C  N S 15  
ARG C    C  N N 16  
ARG O    O  N N 17  
ARG CB   C  N N 18  
ARG CG   C  N N 19  
ARG CD   C  N N 20  
ARG NE   N  N N 21  
ARG CZ   C  N N 22  
ARG NH1  N  N N 23  
ARG NH2  N  N N 24  
ARG OXT  O  N N 25  
ARG H    H  N N 26  
ARG H2   H  N N 27  
ARG HA   H  N N 28  
ARG HB2  H  N N 29  
ARG HB3  H  N N 30  
ARG HG2  H  N N 31  
ARG HG3  H  N N 32  
ARG HD2  H  N N 33  
ARG HD3  H  N N 34  
ARG HE   H  N N 35  
ARG HH11 H  N N 36  
ARG HH12 H  N N 37  
ARG HH21 H  N N 38  
ARG HH22 H  N N 39  
ARG HXT  H  N N 40  
ASN N    N  N N 41  
ASN CA   C  N S 42  
ASN C    C  N N 43  
ASN O    O  N N 44  
ASN CB   C  N N 45  
ASN CG   C  N N 46  
ASN OD1  O  N N 47  
ASN ND2  N  N N 48  
ASN OXT  O  N N 49  
ASN H    H  N N 50  
ASN H2   H  N N 51  
ASN HA   H  N N 52  
ASN HB2  H  N N 53  
ASN HB3  H  N N 54  
ASN HD21 H  N N 55  
ASN HD22 H  N N 56  
ASN HXT  H  N N 57  
ASP N    N  N N 58  
ASP CA   C  N S 59  
ASP C    C  N N 60  
ASP O    O  N N 61  
ASP CB   C  N N 62  
ASP CG   C  N N 63  
ASP OD1  O  N N 64  
ASP OD2  O  N N 65  
ASP OXT  O  N N 66  
ASP H    H  N N 67  
ASP H2   H  N N 68  
ASP HA   H  N N 69  
ASP HB2  H  N N 70  
ASP HB3  H  N N 71  
ASP HD2  H  N N 72  
ASP HXT  H  N N 73  
GLN N    N  N N 74  
GLN CA   C  N S 75  
GLN C    C  N N 76  
GLN O    O  N N 77  
GLN CB   C  N N 78  
GLN CG   C  N N 79  
GLN CD   C  N N 80  
GLN OE1  O  N N 81  
GLN NE2  N  N N 82  
GLN OXT  O  N N 83  
GLN H    H  N N 84  
GLN H2   H  N N 85  
GLN HA   H  N N 86  
GLN HB2  H  N N 87  
GLN HB3  H  N N 88  
GLN HG2  H  N N 89  
GLN HG3  H  N N 90  
GLN HE21 H  N N 91  
GLN HE22 H  N N 92  
GLN HXT  H  N N 93  
GLU N    N  N N 94  
GLU CA   C  N S 95  
GLU C    C  N N 96  
GLU O    O  N N 97  
GLU CB   C  N N 98  
GLU CG   C  N N 99  
GLU CD   C  N N 100 
GLU OE1  O  N N 101 
GLU OE2  O  N N 102 
GLU OXT  O  N N 103 
GLU H    H  N N 104 
GLU H2   H  N N 105 
GLU HA   H  N N 106 
GLU HB2  H  N N 107 
GLU HB3  H  N N 108 
GLU HG2  H  N N 109 
GLU HG3  H  N N 110 
GLU HE2  H  N N 111 
GLU HXT  H  N N 112 
GLY N    N  N N 113 
GLY CA   C  N N 114 
GLY C    C  N N 115 
GLY O    O  N N 116 
GLY OXT  O  N N 117 
GLY H    H  N N 118 
GLY H2   H  N N 119 
GLY HA2  H  N N 120 
GLY HA3  H  N N 121 
GLY HXT  H  N N 122 
HIS N    N  N N 123 
HIS CA   C  N S 124 
HIS C    C  N N 125 
HIS O    O  N N 126 
HIS CB   C  N N 127 
HIS CG   C  Y N 128 
HIS ND1  N  Y N 129 
HIS CD2  C  Y N 130 
HIS CE1  C  Y N 131 
HIS NE2  N  Y N 132 
HIS OXT  O  N N 133 
HIS H    H  N N 134 
HIS H2   H  N N 135 
HIS HA   H  N N 136 
HIS HB2  H  N N 137 
HIS HB3  H  N N 138 
HIS HD1  H  N N 139 
HIS HD2  H  N N 140 
HIS HE1  H  N N 141 
HIS HE2  H  N N 142 
HIS HXT  H  N N 143 
HOH O    O  N N 144 
HOH H1   H  N N 145 
HOH H2   H  N N 146 
ILE N    N  N N 147 
ILE CA   C  N S 148 
ILE C    C  N N 149 
ILE O    O  N N 150 
ILE CB   C  N S 151 
ILE CG1  C  N N 152 
ILE CG2  C  N N 153 
ILE CD1  C  N N 154 
ILE OXT  O  N N 155 
ILE H    H  N N 156 
ILE H2   H  N N 157 
ILE HA   H  N N 158 
ILE HB   H  N N 159 
ILE HG12 H  N N 160 
ILE HG13 H  N N 161 
ILE HG21 H  N N 162 
ILE HG22 H  N N 163 
ILE HG23 H  N N 164 
ILE HD11 H  N N 165 
ILE HD12 H  N N 166 
ILE HD13 H  N N 167 
ILE HXT  H  N N 168 
LEU N    N  N N 169 
LEU CA   C  N S 170 
LEU C    C  N N 171 
LEU O    O  N N 172 
LEU CB   C  N N 173 
LEU CG   C  N N 174 
LEU CD1  C  N N 175 
LEU CD2  C  N N 176 
LEU OXT  O  N N 177 
LEU H    H  N N 178 
LEU H2   H  N N 179 
LEU HA   H  N N 180 
LEU HB2  H  N N 181 
LEU HB3  H  N N 182 
LEU HG   H  N N 183 
LEU HD11 H  N N 184 
LEU HD12 H  N N 185 
LEU HD13 H  N N 186 
LEU HD21 H  N N 187 
LEU HD22 H  N N 188 
LEU HD23 H  N N 189 
LEU HXT  H  N N 190 
LYS N    N  N N 191 
LYS CA   C  N S 192 
LYS C    C  N N 193 
LYS O    O  N N 194 
LYS CB   C  N N 195 
LYS CG   C  N N 196 
LYS CD   C  N N 197 
LYS CE   C  N N 198 
LYS NZ   N  N N 199 
LYS OXT  O  N N 200 
LYS H    H  N N 201 
LYS H2   H  N N 202 
LYS HA   H  N N 203 
LYS HB2  H  N N 204 
LYS HB3  H  N N 205 
LYS HG2  H  N N 206 
LYS HG3  H  N N 207 
LYS HD2  H  N N 208 
LYS HD3  H  N N 209 
LYS HE2  H  N N 210 
LYS HE3  H  N N 211 
LYS HZ1  H  N N 212 
LYS HZ2  H  N N 213 
LYS HZ3  H  N N 214 
LYS HXT  H  N N 215 
MSE N    N  N N 216 
MSE CA   C  N S 217 
MSE C    C  N N 218 
MSE O    O  N N 219 
MSE OXT  O  N N 220 
MSE CB   C  N N 221 
MSE CG   C  N N 222 
MSE SE   SE N N 223 
MSE CE   C  N N 224 
MSE H    H  N N 225 
MSE H2   H  N N 226 
MSE HA   H  N N 227 
MSE HXT  H  N N 228 
MSE HB2  H  N N 229 
MSE HB3  H  N N 230 
MSE HG2  H  N N 231 
MSE HG3  H  N N 232 
MSE HE1  H  N N 233 
MSE HE2  H  N N 234 
MSE HE3  H  N N 235 
PHE N    N  N N 236 
PHE CA   C  N S 237 
PHE C    C  N N 238 
PHE O    O  N N 239 
PHE CB   C  N N 240 
PHE CG   C  Y N 241 
PHE CD1  C  Y N 242 
PHE CD2  C  Y N 243 
PHE CE1  C  Y N 244 
PHE CE2  C  Y N 245 
PHE CZ   C  Y N 246 
PHE OXT  O  N N 247 
PHE H    H  N N 248 
PHE H2   H  N N 249 
PHE HA   H  N N 250 
PHE HB2  H  N N 251 
PHE HB3  H  N N 252 
PHE HD1  H  N N 253 
PHE HD2  H  N N 254 
PHE HE1  H  N N 255 
PHE HE2  H  N N 256 
PHE HZ   H  N N 257 
PHE HXT  H  N N 258 
PRO N    N  N N 259 
PRO CA   C  N S 260 
PRO C    C  N N 261 
PRO O    O  N N 262 
PRO CB   C  N N 263 
PRO CG   C  N N 264 
PRO CD   C  N N 265 
PRO OXT  O  N N 266 
PRO H    H  N N 267 
PRO HA   H  N N 268 
PRO HB2  H  N N 269 
PRO HB3  H  N N 270 
PRO HG2  H  N N 271 
PRO HG3  H  N N 272 
PRO HD2  H  N N 273 
PRO HD3  H  N N 274 
PRO HXT  H  N N 275 
SER N    N  N N 276 
SER CA   C  N S 277 
SER C    C  N N 278 
SER O    O  N N 279 
SER CB   C  N N 280 
SER OG   O  N N 281 
SER OXT  O  N N 282 
SER H    H  N N 283 
SER H2   H  N N 284 
SER HA   H  N N 285 
SER HB2  H  N N 286 
SER HB3  H  N N 287 
SER HG   H  N N 288 
SER HXT  H  N N 289 
THR N    N  N N 290 
THR CA   C  N S 291 
THR C    C  N N 292 
THR O    O  N N 293 
THR CB   C  N R 294 
THR OG1  O  N N 295 
THR CG2  C  N N 296 
THR OXT  O  N N 297 
THR H    H  N N 298 
THR H2   H  N N 299 
THR HA   H  N N 300 
THR HB   H  N N 301 
THR HG1  H  N N 302 
THR HG21 H  N N 303 
THR HG22 H  N N 304 
THR HG23 H  N N 305 
THR HXT  H  N N 306 
TRP N    N  N N 307 
TRP CA   C  N S 308 
TRP C    C  N N 309 
TRP O    O  N N 310 
TRP CB   C  N N 311 
TRP CG   C  Y N 312 
TRP CD1  C  Y N 313 
TRP CD2  C  Y N 314 
TRP NE1  N  Y N 315 
TRP CE2  C  Y N 316 
TRP CE3  C  Y N 317 
TRP CZ2  C  Y N 318 
TRP CZ3  C  Y N 319 
TRP CH2  C  Y N 320 
TRP OXT  O  N N 321 
TRP H    H  N N 322 
TRP H2   H  N N 323 
TRP HA   H  N N 324 
TRP HB2  H  N N 325 
TRP HB3  H  N N 326 
TRP HD1  H  N N 327 
TRP HE1  H  N N 328 
TRP HE3  H  N N 329 
TRP HZ2  H  N N 330 
TRP HZ3  H  N N 331 
TRP HH2  H  N N 332 
TRP HXT  H  N N 333 
TYR N    N  N N 334 
TYR CA   C  N S 335 
TYR C    C  N N 336 
TYR O    O  N N 337 
TYR CB   C  N N 338 
TYR CG   C  Y N 339 
TYR CD1  C  Y N 340 
TYR CD2  C  Y N 341 
TYR CE1  C  Y N 342 
TYR CE2  C  Y N 343 
TYR CZ   C  Y N 344 
TYR OH   O  N N 345 
TYR OXT  O  N N 346 
TYR H    H  N N 347 
TYR H2   H  N N 348 
TYR HA   H  N N 349 
TYR HB2  H  N N 350 
TYR HB3  H  N N 351 
TYR HD1  H  N N 352 
TYR HD2  H  N N 353 
TYR HE1  H  N N 354 
TYR HE2  H  N N 355 
TYR HH   H  N N 356 
TYR HXT  H  N N 357 
VAL N    N  N N 358 
VAL CA   C  N S 359 
VAL C    C  N N 360 
VAL O    O  N N 361 
VAL CB   C  N N 362 
VAL CG1  C  N N 363 
VAL CG2  C  N N 364 
VAL OXT  O  N N 365 
VAL H    H  N N 366 
VAL H2   H  N N 367 
VAL HA   H  N N 368 
VAL HB   H  N N 369 
VAL HG11 H  N N 370 
VAL HG12 H  N N 371 
VAL HG13 H  N N 372 
VAL HG21 H  N N 373 
VAL HG22 H  N N 374 
VAL HG23 H  N N 375 
VAL HXT  H  N N 376 
# 
loop_
_chem_comp_bond.comp_id 
_chem_comp_bond.atom_id_1 
_chem_comp_bond.atom_id_2 
_chem_comp_bond.value_order 
_chem_comp_bond.pdbx_aromatic_flag 
_chem_comp_bond.pdbx_stereo_config 
_chem_comp_bond.pdbx_ordinal 
ALA N   CA   sing N N 1   
ALA N   H    sing N N 2   
ALA N   H2   sing N N 3   
ALA CA  C    sing N N 4   
ALA CA  CB   sing N N 5   
ALA CA  HA   sing N N 6   
ALA C   O    doub N N 7   
ALA C   OXT  sing N N 8   
ALA CB  HB1  sing N N 9   
ALA CB  HB2  sing N N 10  
ALA CB  HB3  sing N N 11  
ALA OXT HXT  sing N N 12  
ARG N   CA   sing N N 13  
ARG N   H    sing N N 14  
ARG N   H2   sing N N 15  
ARG CA  C    sing N N 16  
ARG CA  CB   sing N N 17  
ARG CA  HA   sing N N 18  
ARG C   O    doub N N 19  
ARG C   OXT  sing N N 20  
ARG CB  CG   sing N N 21  
ARG CB  HB2  sing N N 22  
ARG CB  HB3  sing N N 23  
ARG CG  CD   sing N N 24  
ARG CG  HG2  sing N N 25  
ARG CG  HG3  sing N N 26  
ARG CD  NE   sing N N 27  
ARG CD  HD2  sing N N 28  
ARG CD  HD3  sing N N 29  
ARG NE  CZ   sing N N 30  
ARG NE  HE   sing N N 31  
ARG CZ  NH1  sing N N 32  
ARG CZ  NH2  doub N N 33  
ARG NH1 HH11 sing N N 34  
ARG NH1 HH12 sing N N 35  
ARG NH2 HH21 sing N N 36  
ARG NH2 HH22 sing N N 37  
ARG OXT HXT  sing N N 38  
ASN N   CA   sing N N 39  
ASN N   H    sing N N 40  
ASN N   H2   sing N N 41  
ASN CA  C    sing N N 42  
ASN CA  CB   sing N N 43  
ASN CA  HA   sing N N 44  
ASN C   O    doub N N 45  
ASN C   OXT  sing N N 46  
ASN CB  CG   sing N N 47  
ASN CB  HB2  sing N N 48  
ASN CB  HB3  sing N N 49  
ASN CG  OD1  doub N N 50  
ASN CG  ND2  sing N N 51  
ASN ND2 HD21 sing N N 52  
ASN ND2 HD22 sing N N 53  
ASN OXT HXT  sing N N 54  
ASP N   CA   sing N N 55  
ASP N   H    sing N N 56  
ASP N   H2   sing N N 57  
ASP CA  C    sing N N 58  
ASP CA  CB   sing N N 59  
ASP CA  HA   sing N N 60  
ASP C   O    doub N N 61  
ASP C   OXT  sing N N 62  
ASP CB  CG   sing N N 63  
ASP CB  HB2  sing N N 64  
ASP CB  HB3  sing N N 65  
ASP CG  OD1  doub N N 66  
ASP CG  OD2  sing N N 67  
ASP OD2 HD2  sing N N 68  
ASP OXT HXT  sing N N 69  
GLN N   CA   sing N N 70  
GLN N   H    sing N N 71  
GLN N   H2   sing N N 72  
GLN CA  C    sing N N 73  
GLN CA  CB   sing N N 74  
GLN CA  HA   sing N N 75  
GLN C   O    doub N N 76  
GLN C   OXT  sing N N 77  
GLN CB  CG   sing N N 78  
GLN CB  HB2  sing N N 79  
GLN CB  HB3  sing N N 80  
GLN CG  CD   sing N N 81  
GLN CG  HG2  sing N N 82  
GLN CG  HG3  sing N N 83  
GLN CD  OE1  doub N N 84  
GLN CD  NE2  sing N N 85  
GLN NE2 HE21 sing N N 86  
GLN NE2 HE22 sing N N 87  
GLN OXT HXT  sing N N 88  
GLU N   CA   sing N N 89  
GLU N   H    sing N N 90  
GLU N   H2   sing N N 91  
GLU CA  C    sing N N 92  
GLU CA  CB   sing N N 93  
GLU CA  HA   sing N N 94  
GLU C   O    doub N N 95  
GLU C   OXT  sing N N 96  
GLU CB  CG   sing N N 97  
GLU CB  HB2  sing N N 98  
GLU CB  HB3  sing N N 99  
GLU CG  CD   sing N N 100 
GLU CG  HG2  sing N N 101 
GLU CG  HG3  sing N N 102 
GLU CD  OE1  doub N N 103 
GLU CD  OE2  sing N N 104 
GLU OE2 HE2  sing N N 105 
GLU OXT HXT  sing N N 106 
GLY N   CA   sing N N 107 
GLY N   H    sing N N 108 
GLY N   H2   sing N N 109 
GLY CA  C    sing N N 110 
GLY CA  HA2  sing N N 111 
GLY CA  HA3  sing N N 112 
GLY C   O    doub N N 113 
GLY C   OXT  sing N N 114 
GLY OXT HXT  sing N N 115 
HIS N   CA   sing N N 116 
HIS N   H    sing N N 117 
HIS N   H2   sing N N 118 
HIS CA  C    sing N N 119 
HIS CA  CB   sing N N 120 
HIS CA  HA   sing N N 121 
HIS C   O    doub N N 122 
HIS C   OXT  sing N N 123 
HIS CB  CG   sing N N 124 
HIS CB  HB2  sing N N 125 
HIS CB  HB3  sing N N 126 
HIS CG  ND1  sing Y N 127 
HIS CG  CD2  doub Y N 128 
HIS ND1 CE1  doub Y N 129 
HIS ND1 HD1  sing N N 130 
HIS CD2 NE2  sing Y N 131 
HIS CD2 HD2  sing N N 132 
HIS CE1 NE2  sing Y N 133 
HIS CE1 HE1  sing N N 134 
HIS NE2 HE2  sing N N 135 
HIS OXT HXT  sing N N 136 
HOH O   H1   sing N N 137 
HOH O   H2   sing N N 138 
ILE N   CA   sing N N 139 
ILE N   H    sing N N 140 
ILE N   H2   sing N N 141 
ILE CA  C    sing N N 142 
ILE CA  CB   sing N N 143 
ILE CA  HA   sing N N 144 
ILE C   O    doub N N 145 
ILE C   OXT  sing N N 146 
ILE CB  CG1  sing N N 147 
ILE CB  CG2  sing N N 148 
ILE CB  HB   sing N N 149 
ILE CG1 CD1  sing N N 150 
ILE CG1 HG12 sing N N 151 
ILE CG1 HG13 sing N N 152 
ILE CG2 HG21 sing N N 153 
ILE CG2 HG22 sing N N 154 
ILE CG2 HG23 sing N N 155 
ILE CD1 HD11 sing N N 156 
ILE CD1 HD12 sing N N 157 
ILE CD1 HD13 sing N N 158 
ILE OXT HXT  sing N N 159 
LEU N   CA   sing N N 160 
LEU N   H    sing N N 161 
LEU N   H2   sing N N 162 
LEU CA  C    sing N N 163 
LEU CA  CB   sing N N 164 
LEU CA  HA   sing N N 165 
LEU C   O    doub N N 166 
LEU C   OXT  sing N N 167 
LEU CB  CG   sing N N 168 
LEU CB  HB2  sing N N 169 
LEU CB  HB3  sing N N 170 
LEU CG  CD1  sing N N 171 
LEU CG  CD2  sing N N 172 
LEU CG  HG   sing N N 173 
LEU CD1 HD11 sing N N 174 
LEU CD1 HD12 sing N N 175 
LEU CD1 HD13 sing N N 176 
LEU CD2 HD21 sing N N 177 
LEU CD2 HD22 sing N N 178 
LEU CD2 HD23 sing N N 179 
LEU OXT HXT  sing N N 180 
LYS N   CA   sing N N 181 
LYS N   H    sing N N 182 
LYS N   H2   sing N N 183 
LYS CA  C    sing N N 184 
LYS CA  CB   sing N N 185 
LYS CA  HA   sing N N 186 
LYS C   O    doub N N 187 
LYS C   OXT  sing N N 188 
LYS CB  CG   sing N N 189 
LYS CB  HB2  sing N N 190 
LYS CB  HB3  sing N N 191 
LYS CG  CD   sing N N 192 
LYS CG  HG2  sing N N 193 
LYS CG  HG3  sing N N 194 
LYS CD  CE   sing N N 195 
LYS CD  HD2  sing N N 196 
LYS CD  HD3  sing N N 197 
LYS CE  NZ   sing N N 198 
LYS CE  HE2  sing N N 199 
LYS CE  HE3  sing N N 200 
LYS NZ  HZ1  sing N N 201 
LYS NZ  HZ2  sing N N 202 
LYS NZ  HZ3  sing N N 203 
LYS OXT HXT  sing N N 204 
MSE N   CA   sing N N 205 
MSE N   H    sing N N 206 
MSE N   H2   sing N N 207 
MSE CA  C    sing N N 208 
MSE CA  CB   sing N N 209 
MSE CA  HA   sing N N 210 
MSE C   O    doub N N 211 
MSE C   OXT  sing N N 212 
MSE OXT HXT  sing N N 213 
MSE CB  CG   sing N N 214 
MSE CB  HB2  sing N N 215 
MSE CB  HB3  sing N N 216 
MSE CG  SE   sing N N 217 
MSE CG  HG2  sing N N 218 
MSE CG  HG3  sing N N 219 
MSE SE  CE   sing N N 220 
MSE CE  HE1  sing N N 221 
MSE CE  HE2  sing N N 222 
MSE CE  HE3  sing N N 223 
PHE N   CA   sing N N 224 
PHE N   H    sing N N 225 
PHE N   H2   sing N N 226 
PHE CA  C    sing N N 227 
PHE CA  CB   sing N N 228 
PHE CA  HA   sing N N 229 
PHE C   O    doub N N 230 
PHE C   OXT  sing N N 231 
PHE CB  CG   sing N N 232 
PHE CB  HB2  sing N N 233 
PHE CB  HB3  sing N N 234 
PHE CG  CD1  doub Y N 235 
PHE CG  CD2  sing Y N 236 
PHE CD1 CE1  sing Y N 237 
PHE CD1 HD1  sing N N 238 
PHE CD2 CE2  doub Y N 239 
PHE CD2 HD2  sing N N 240 
PHE CE1 CZ   doub Y N 241 
PHE CE1 HE1  sing N N 242 
PHE CE2 CZ   sing Y N 243 
PHE CE2 HE2  sing N N 244 
PHE CZ  HZ   sing N N 245 
PHE OXT HXT  sing N N 246 
PRO N   CA   sing N N 247 
PRO N   CD   sing N N 248 
PRO N   H    sing N N 249 
PRO CA  C    sing N N 250 
PRO CA  CB   sing N N 251 
PRO CA  HA   sing N N 252 
PRO C   O    doub N N 253 
PRO C   OXT  sing N N 254 
PRO CB  CG   sing N N 255 
PRO CB  HB2  sing N N 256 
PRO CB  HB3  sing N N 257 
PRO CG  CD   sing N N 258 
PRO CG  HG2  sing N N 259 
PRO CG  HG3  sing N N 260 
PRO CD  HD2  sing N N 261 
PRO CD  HD3  sing N N 262 
PRO OXT HXT  sing N N 263 
SER N   CA   sing N N 264 
SER N   H    sing N N 265 
SER N   H2   sing N N 266 
SER CA  C    sing N N 267 
SER CA  CB   sing N N 268 
SER CA  HA   sing N N 269 
SER C   O    doub N N 270 
SER C   OXT  sing N N 271 
SER CB  OG   sing N N 272 
SER CB  HB2  sing N N 273 
SER CB  HB3  sing N N 274 
SER OG  HG   sing N N 275 
SER OXT HXT  sing N N 276 
THR N   CA   sing N N 277 
THR N   H    sing N N 278 
THR N   H2   sing N N 279 
THR CA  C    sing N N 280 
THR CA  CB   sing N N 281 
THR CA  HA   sing N N 282 
THR C   O    doub N N 283 
THR C   OXT  sing N N 284 
THR CB  OG1  sing N N 285 
THR CB  CG2  sing N N 286 
THR CB  HB   sing N N 287 
THR OG1 HG1  sing N N 288 
THR CG2 HG21 sing N N 289 
THR CG2 HG22 sing N N 290 
THR CG2 HG23 sing N N 291 
THR OXT HXT  sing N N 292 
TRP N   CA   sing N N 293 
TRP N   H    sing N N 294 
TRP N   H2   sing N N 295 
TRP CA  C    sing N N 296 
TRP CA  CB   sing N N 297 
TRP CA  HA   sing N N 298 
TRP C   O    doub N N 299 
TRP C   OXT  sing N N 300 
TRP CB  CG   sing N N 301 
TRP CB  HB2  sing N N 302 
TRP CB  HB3  sing N N 303 
TRP CG  CD1  doub Y N 304 
TRP CG  CD2  sing Y N 305 
TRP CD1 NE1  sing Y N 306 
TRP CD1 HD1  sing N N 307 
TRP CD2 CE2  doub Y N 308 
TRP CD2 CE3  sing Y N 309 
TRP NE1 CE2  sing Y N 310 
TRP NE1 HE1  sing N N 311 
TRP CE2 CZ2  sing Y N 312 
TRP CE3 CZ3  doub Y N 313 
TRP CE3 HE3  sing N N 314 
TRP CZ2 CH2  doub Y N 315 
TRP CZ2 HZ2  sing N N 316 
TRP CZ3 CH2  sing Y N 317 
TRP CZ3 HZ3  sing N N 318 
TRP CH2 HH2  sing N N 319 
TRP OXT HXT  sing N N 320 
TYR N   CA   sing N N 321 
TYR N   H    sing N N 322 
TYR N   H2   sing N N 323 
TYR CA  C    sing N N 324 
TYR CA  CB   sing N N 325 
TYR CA  HA   sing N N 326 
TYR C   O    doub N N 327 
TYR C   OXT  sing N N 328 
TYR CB  CG   sing N N 329 
TYR CB  HB2  sing N N 330 
TYR CB  HB3  sing N N 331 
TYR CG  CD1  doub Y N 332 
TYR CG  CD2  sing Y N 333 
TYR CD1 CE1  sing Y N 334 
TYR CD1 HD1  sing N N 335 
TYR CD2 CE2  doub Y N 336 
TYR CD2 HD2  sing N N 337 
TYR CE1 CZ   doub Y N 338 
TYR CE1 HE1  sing N N 339 
TYR CE2 CZ   sing Y N 340 
TYR CE2 HE2  sing N N 341 
TYR CZ  OH   sing N N 342 
TYR OH  HH   sing N N 343 
TYR OXT HXT  sing N N 344 
VAL N   CA   sing N N 345 
VAL N   H    sing N N 346 
VAL N   H2   sing N N 347 
VAL CA  C    sing N N 348 
VAL CA  CB   sing N N 349 
VAL CA  HA   sing N N 350 
VAL C   O    doub N N 351 
VAL C   OXT  sing N N 352 
VAL CB  CG1  sing N N 353 
VAL CB  CG2  sing N N 354 
VAL CB  HB   sing N N 355 
VAL CG1 HG11 sing N N 356 
VAL CG1 HG12 sing N N 357 
VAL CG1 HG13 sing N N 358 
VAL CG2 HG21 sing N N 359 
VAL CG2 HG22 sing N N 360 
VAL CG2 HG23 sing N N 361 
VAL OXT HXT  sing N N 362 
# 
_atom_sites.entry_id                    3E5D 
_atom_sites.fract_transf_matrix[1][1]   0.00029612 
_atom_sites.fract_transf_matrix[1][2]   0.00647469 
_atom_sites.fract_transf_matrix[1][3]   -0.00484303 
_atom_sites.fract_transf_matrix[2][1]   -0.00764223 
_atom_sites.fract_transf_matrix[2][2]   -0.00135860 
_atom_sites.fract_transf_matrix[2][3]   -0.00228359 
_atom_sites.fract_transf_matrix[3][1]   -0.00264062 
_atom_sites.fract_transf_matrix[3][2]   0.00465799 
_atom_sites.fract_transf_matrix[3][3]   0.00606585 
_atom_sites.fract_transf_vector[1]      0.485794 
_atom_sites.fract_transf_vector[2]      0.178228 
_atom_sites.fract_transf_vector[3]      0.255864 
# 
loop_
_atom_type.symbol 
C  
N  
O  
SE 
# 
loop_
_atom_site.group_PDB 
_atom_site.id 
_atom_site.type_symbol 
_atom_site.label_atom_id 
_atom_site.label_alt_id 
_atom_site.label_comp_id 
_atom_site.label_asym_id 
_atom_site.label_entity_id 
_atom_site.label_seq_id 
_atom_site.pdbx_PDB_ins_code 
_atom_site.Cartn_x 
_atom_site.Cartn_y 
_atom_site.Cartn_z 
_atom_site.occupancy 
_atom_site.B_iso_or_equiv 
_atom_site.pdbx_formal_charge 
_atom_site.auth_seq_id 
_atom_site.auth_comp_id 
_atom_site.auth_asym_id 
_atom_site.auth_atom_id 
_atom_site.pdbx_PDB_model_num 
HETATM 1    N  N   . MSE A 1 2   ? -23.483 4.902   3.777   1.00 55.46 ? 1   MSE A N   1 
HETATM 2    C  CA  . MSE A 1 2   ? -22.512 4.157   2.851   1.00 62.82 ? 1   MSE A CA  1 
HETATM 3    C  C   . MSE A 1 2   ? -21.108 4.726   2.616   1.00 63.14 ? 1   MSE A C   1 
HETATM 4    O  O   . MSE A 1 2   ? -20.946 5.900   2.311   1.00 65.78 ? 1   MSE A O   1 
HETATM 5    C  CB  . MSE A 1 2   ? -23.114 3.884   1.472   1.00 61.24 ? 1   MSE A CB  1 
HETATM 6    C  CG  . MSE A 1 2   ? -23.935 2.630   1.480   1.00 66.74 ? 1   MSE A CG  1 
HETATM 7    SE SE  . MSE A 1 2   ? -24.754 2.058   -0.177  0.75 68.92 ? 1   MSE A SE  1 
HETATM 8    C  CE  . MSE A 1 2   ? -26.005 3.604   -0.586  1.00 58.01 ? 1   MSE A CE  1 
ATOM   9    N  N   . LYS A 1 3   ? -20.097 3.861   2.705   1.00 64.55 ? 2   LYS A N   1 
ATOM   10   C  CA  . LYS A 1 3   ? -18.694 4.284   2.564   1.00 67.08 ? 2   LYS A CA  1 
ATOM   11   C  C   . LYS A 1 3   ? -17.743 3.113   2.332   1.00 65.41 ? 2   LYS A C   1 
ATOM   12   O  O   . LYS A 1 3   ? -18.105 1.962   2.563   1.00 65.79 ? 2   LYS A O   1 
ATOM   13   C  CB  . LYS A 1 3   ? -18.245 5.013   3.831   1.00 67.96 ? 2   LYS A CB  1 
ATOM   14   C  CG  . LYS A 1 3   ? -18.156 4.102   5.091   1.00 72.67 ? 2   LYS A CG  1 
ATOM   15   C  CD  . LYS A 1 3   ? -18.088 4.918   6.402   1.00 73.63 ? 2   LYS A CD  1 
ATOM   16   C  CE  . LYS A 1 3   ? -19.414 5.677   6.697   1.00 83.61 ? 2   LYS A CE  1 
ATOM   17   N  NZ  . LYS A 1 3   ? -19.394 6.512   7.943   1.00 84.54 ? 2   LYS A NZ  1 
ATOM   18   N  N   . ILE A 1 4   ? -16.523 3.427   1.893   1.00 64.41 ? 3   ILE A N   1 
ATOM   19   C  CA  . ILE A 1 4   ? -15.492 2.428   1.629   1.00 63.15 ? 3   ILE A CA  1 
ATOM   20   C  C   . ILE A 1 4   ? -14.900 1.955   2.946   1.00 65.58 ? 3   ILE A C   1 
ATOM   21   O  O   . ILE A 1 4   ? -14.207 2.708   3.615   1.00 66.24 ? 3   ILE A O   1 
ATOM   22   C  CB  . ILE A 1 4   ? -14.355 2.997   0.752   1.00 62.57 ? 3   ILE A CB  1 
ATOM   23   C  CG1 . ILE A 1 4   ? -14.879 3.351   -0.645  1.00 63.67 ? 3   ILE A CG1 1 
ATOM   24   C  CG2 . ILE A 1 4   ? -13.208 1.998   0.645   1.00 60.20 ? 3   ILE A CG2 1 
ATOM   25   C  CD1 . ILE A 1 4   ? -13.800 3.738   -1.634  1.00 62.27 ? 3   ILE A CD1 1 
ATOM   26   N  N   . GLU A 1 5   ? -15.163 0.702   3.308   1.00 69.16 ? 4   GLU A N   1 
ATOM   27   C  CA  . GLU A 1 5   ? -14.683 0.142   4.577   1.00 69.77 ? 4   GLU A CA  1 
ATOM   28   C  C   . GLU A 1 5   ? -13.220 -0.299  4.430   1.00 69.45 ? 4   GLU A C   1 
ATOM   29   O  O   . GLU A 1 5   ? -12.411 -0.076  5.330   1.00 70.23 ? 4   GLU A O   1 
ATOM   30   C  CB  . GLU A 1 5   ? -15.608 -1.001  5.056   1.00 70.98 ? 4   GLU A CB  1 
ATOM   31   C  CG  . GLU A 1 5   ? -15.527 -1.345  6.566   1.00 73.16 ? 4   GLU A CG  1 
ATOM   32   C  CD  . GLU A 1 5   ? -14.253 -2.122  6.952   1.00 87.55 ? 4   GLU A CD  1 
ATOM   33   O  OE1 . GLU A 1 5   ? -14.102 -3.309  6.549   1.00 92.36 ? 4   GLU A OE1 1 
ATOM   34   O  OE2 . GLU A 1 5   ? -13.415 -1.550  7.693   1.00 89.20 ? 4   GLU A OE2 1 
ATOM   35   N  N   . HIS A 1 6   ? -12.873 -0.923  3.310   1.00 68.83 ? 5   HIS A N   1 
ATOM   36   C  CA  . HIS A 1 6   ? -11.485 -1.314  3.096   1.00 68.38 ? 5   HIS A CA  1 
ATOM   37   C  C   . HIS A 1 6   ? -11.169 -1.567  1.638   1.00 68.40 ? 5   HIS A C   1 
ATOM   38   O  O   . HIS A 1 6   ? -12.059 -1.667  0.804   1.00 69.64 ? 5   HIS A O   1 
ATOM   39   C  CB  . HIS A 1 6   ? -11.104 -2.550  3.930   1.00 67.45 ? 5   HIS A CB  1 
ATOM   40   C  CG  . HIS A 1 6   ? -11.737 -3.828  3.473   1.00 67.46 ? 5   HIS A CG  1 
ATOM   41   N  ND1 . HIS A 1 6   ? -12.782 -4.422  4.146   1.00 68.07 ? 5   HIS A ND1 1 
ATOM   42   C  CD2 . HIS A 1 6   ? -11.454 -4.641  2.427   1.00 70.70 ? 5   HIS A CD2 1 
ATOM   43   C  CE1 . HIS A 1 6   ? -13.114 -5.546  3.533   1.00 67.16 ? 5   HIS A CE1 1 
ATOM   44   N  NE2 . HIS A 1 6   ? -12.328 -5.701  2.483   1.00 67.43 ? 5   HIS A NE2 1 
ATOM   45   N  N   . VAL A 1 7   ? -9.878  -1.639  1.352   1.00 67.93 ? 6   VAL A N   1 
ATOM   46   C  CA  . VAL A 1 7   ? -9.368  -1.982  0.032   1.00 68.44 ? 6   VAL A CA  1 
ATOM   47   C  C   . VAL A 1 7   ? -8.456  -3.184  0.307   1.00 68.33 ? 6   VAL A C   1 
ATOM   48   O  O   . VAL A 1 7   ? -7.703  -3.165  1.281   1.00 69.59 ? 6   VAL A O   1 
ATOM   49   C  CB  . VAL A 1 7   ? -8.616  -0.807  -0.644  1.00 67.08 ? 6   VAL A CB  1 
ATOM   50   C  CG1 . VAL A 1 7   ? -7.654  -0.195  0.300   1.00 71.16 ? 6   VAL A CG1 1 
ATOM   51   C  CG2 . VAL A 1 7   ? -7.867  -1.276  -1.866  1.00 65.07 ? 6   VAL A CG2 1 
ATOM   52   N  N   . ALA A 1 8   ? -8.551  -4.227  -0.523  1.00 67.32 ? 7   ALA A N   1 
ATOM   53   C  CA  . ALA A 1 8   ? -7.809  -5.469  -0.310  1.00 66.52 ? 7   ALA A CA  1 
ATOM   54   C  C   . ALA A 1 8   ? -6.693  -5.666  -1.326  1.00 66.79 ? 7   ALA A C   1 
ATOM   55   O  O   . ALA A 1 8   ? -6.813  -5.228  -2.462  1.00 66.65 ? 7   ALA A O   1 
ATOM   56   C  CB  . ALA A 1 8   ? -8.759  -6.637  -0.347  1.00 65.68 ? 7   ALA A CB  1 
ATOM   57   N  N   . LEU A 1 9   ? -5.632  -6.368  -0.913  1.00 66.27 ? 8   LEU A N   1 
ATOM   58   C  CA  . LEU A 1 9   ? -4.447  -6.594  -1.751  1.00 64.83 ? 8   LEU A CA  1 
ATOM   59   C  C   . LEU A 1 9   ? -3.951  -8.043  -1.712  1.00 65.55 ? 8   LEU A C   1 
ATOM   60   O  O   . LEU A 1 9   ? -3.645  -8.553  -0.641  1.00 65.86 ? 8   LEU A O   1 
ATOM   61   C  CB  . LEU A 1 9   ? -3.328  -5.679  -1.245  1.00 65.06 ? 8   LEU A CB  1 
ATOM   62   C  CG  . LEU A 1 9   ? -1.955  -5.650  -1.910  1.00 65.21 ? 8   LEU A CG  1 
ATOM   63   C  CD1 . LEU A 1 9   ? -2.069  -5.146  -3.341  1.00 66.13 ? 8   LEU A CD1 1 
ATOM   64   C  CD2 . LEU A 1 9   ? -0.986  -4.776  -1.106  1.00 61.84 ? 8   LEU A CD2 1 
ATOM   65   N  N   . TRP A 1 10  ? -3.883  -8.708  -2.871  1.00 66.08 ? 9   TRP A N   1 
ATOM   66   C  CA  . TRP A 1 10  ? -3.338  -10.070 -2.938  1.00 66.10 ? 9   TRP A CA  1 
ATOM   67   C  C   . TRP A 1 10  ? -1.825  -9.984  -2.857  1.00 65.86 ? 9   TRP A C   1 
ATOM   68   O  O   . TRP A 1 10  ? -1.171  -9.289  -3.635  1.00 65.07 ? 9   TRP A O   1 
ATOM   69   C  CB  . TRP A 1 10  ? -3.754  -10.847 -4.192  1.00 66.85 ? 9   TRP A CB  1 
ATOM   70   C  CG  . TRP A 1 10  ? -5.106  -11.479 -4.105  1.00 67.27 ? 9   TRP A CG  1 
ATOM   71   C  CD1 . TRP A 1 10  ? -6.169  -11.239 -4.912  1.00 68.03 ? 9   TRP A CD1 1 
ATOM   72   C  CD2 . TRP A 1 10  ? -5.543  -12.449 -3.145  1.00 69.74 ? 9   TRP A CD2 1 
ATOM   73   N  NE1 . TRP A 1 10  ? -7.241  -12.008 -4.532  1.00 69.58 ? 9   TRP A NE1 1 
ATOM   74   C  CE2 . TRP A 1 10  ? -6.885  -12.754 -3.441  1.00 69.98 ? 9   TRP A CE2 1 
ATOM   75   C  CE3 . TRP A 1 10  ? -4.931  -13.086 -2.062  1.00 67.77 ? 9   TRP A CE3 1 
ATOM   76   C  CZ2 . TRP A 1 10  ? -7.628  -13.668 -2.697  1.00 66.49 ? 9   TRP A CZ2 1 
ATOM   77   C  CZ3 . TRP A 1 10  ? -5.670  -13.997 -1.328  1.00 68.77 ? 9   TRP A CZ3 1 
ATOM   78   C  CH2 . TRP A 1 10  ? -7.005  -14.282 -1.653  1.00 66.34 ? 9   TRP A CH2 1 
ATOM   79   N  N   . THR A 1 11  ? -1.281  -10.728 -1.911  1.00 66.38 ? 10  THR A N   1 
ATOM   80   C  CA  . THR A 1 11  ? 0.119   -10.675 -1.624  1.00 67.28 ? 10  THR A CA  1 
ATOM   81   C  C   . THR A 1 11  ? 0.773   -12.054 -1.647  1.00 66.66 ? 10  THR A C   1 
ATOM   82   O  O   . THR A 1 11  ? 0.145   -13.078 -1.365  1.00 66.87 ? 10  THR A O   1 
ATOM   83   C  CB  . THR A 1 11  ? 0.330   -10.041 -0.245  1.00 67.83 ? 10  THR A CB  1 
ATOM   84   O  OG1 . THR A 1 11  ? 1.679   -9.614  -0.150  1.00 76.46 ? 10  THR A OG1 1 
ATOM   85   C  CG2 . THR A 1 11  ? 0.028   -11.035 0.890   1.00 65.06 ? 10  THR A CG2 1 
ATOM   86   N  N   . THR A 1 12  ? 2.049   -12.068 -1.993  1.00 66.14 ? 11  THR A N   1 
ATOM   87   C  CA  . THR A 1 12  ? 2.813   -13.302 -2.026  1.00 64.82 ? 11  THR A CA  1 
ATOM   88   C  C   . THR A 1 12  ? 3.594   -13.497 -0.711  1.00 65.50 ? 11  THR A C   1 
ATOM   89   O  O   . THR A 1 12  ? 3.673   -14.601 -0.212  1.00 65.68 ? 11  THR A O   1 
ATOM   90   C  CB  . THR A 1 12  ? 3.680   -13.458 -3.322  1.00 63.24 ? 11  THR A CB  1 
ATOM   91   O  OG1 . THR A 1 12  ? 4.823   -14.214 -2.988  1.00 53.50 ? 11  THR A OG1 1 
ATOM   92   C  CG2 . THR A 1 12  ? 4.179   -12.139 -3.899  1.00 63.65 ? 11  THR A CG2 1 
ATOM   93   N  N   . ASN A 1 13  ? 4.124   -12.431 -0.123  1.00 66.70 ? 12  ASN A N   1 
ATOM   94   C  CA  . ASN A 1 13  ? 4.848   -12.550 1.146   1.00 67.62 ? 12  ASN A CA  1 
ATOM   95   C  C   . ASN A 1 13  ? 4.167   -11.686 2.221   1.00 67.13 ? 12  ASN A C   1 
ATOM   96   O  O   . ASN A 1 13  ? 4.545   -10.536 2.455   1.00 67.70 ? 12  ASN A O   1 
ATOM   97   C  CB  . ASN A 1 13  ? 6.311   -12.171 0.928   1.00 69.48 ? 12  ASN A CB  1 
ATOM   98   C  CG  . ASN A 1 13  ? 7.183   -12.492 2.120   1.00 75.93 ? 12  ASN A CG  1 
ATOM   99   O  OD1 . ASN A 1 13  ? 6.719   -12.537 3.269   1.00 82.74 ? 12  ASN A OD1 1 
ATOM   100  N  ND2 . ASN A 1 13  ? 8.466   -12.704 1.857   1.00 82.06 ? 12  ASN A ND2 1 
ATOM   101  N  N   . LEU A 1 14  ? 3.183   -12.275 2.900   1.00 66.45 ? 13  LEU A N   1 
ATOM   102  C  CA  . LEU A 1 14  ? 2.316   -11.536 3.838   1.00 65.22 ? 13  LEU A CA  1 
ATOM   103  C  C   . LEU A 1 14  ? 3.019   -10.745 4.932   1.00 65.99 ? 13  LEU A C   1 
ATOM   104  O  O   . LEU A 1 14  ? 2.691   -9.586  5.144   1.00 67.30 ? 13  LEU A O   1 
ATOM   105  C  CB  . LEU A 1 14  ? 1.249   -12.465 4.449   1.00 64.88 ? 13  LEU A CB  1 
ATOM   106  C  CG  . LEU A 1 14  ? 0.044   -11.840 5.179   1.00 65.28 ? 13  LEU A CG  1 
ATOM   107  C  CD1 . LEU A 1 14  ? -0.832  -11.013 4.237   1.00 58.01 ? 13  LEU A CD1 1 
ATOM   108  C  CD2 . LEU A 1 14  ? -0.799  -12.917 5.852   1.00 60.75 ? 13  LEU A CD2 1 
ATOM   109  N  N   . GLU A 1 15  ? 3.987   -11.341 5.617   1.00 66.60 ? 14  GLU A N   1 
ATOM   110  C  CA  . GLU A 1 15  ? 4.658   -10.637 6.719   1.00 67.00 ? 14  GLU A CA  1 
ATOM   111  C  C   . GLU A 1 15  ? 5.497   -9.456  6.247   1.00 68.15 ? 14  GLU A C   1 
ATOM   112  O  O   . GLU A 1 15  ? 5.496   -8.397  6.877   1.00 66.87 ? 14  GLU A O   1 
ATOM   113  C  CB  . GLU A 1 15  ? 5.521   -11.599 7.544   1.00 66.48 ? 14  GLU A CB  1 
ATOM   114  C  CG  . GLU A 1 15  ? 4.731   -12.683 8.277   1.00 65.46 ? 14  GLU A CG  1 
ATOM   115  C  CD  . GLU A 1 15  ? 3.732   -12.129 9.303   1.00 67.88 ? 14  GLU A CD  1 
ATOM   116  O  OE1 . GLU A 1 15  ? 3.913   -10.998 9.808   1.00 76.62 ? 14  GLU A OE1 1 
ATOM   117  O  OE2 . GLU A 1 15  ? 2.757   -12.837 9.613   1.00 57.08 ? 14  GLU A OE2 1 
ATOM   118  N  N   . GLN A 1 16  ? 6.212   -9.649  5.142   1.00 70.66 ? 15  GLN A N   1 
ATOM   119  C  CA  . GLN A 1 16  ? 7.060   -8.609  4.565   1.00 71.63 ? 15  GLN A CA  1 
ATOM   120  C  C   . GLN A 1 16  ? 6.191   -7.371  4.267   1.00 71.17 ? 15  GLN A C   1 
ATOM   121  O  O   . GLN A 1 16  ? 6.579   -6.226  4.544   1.00 70.29 ? 15  GLN A O   1 
ATOM   122  C  CB  . GLN A 1 16  ? 7.734   -9.149  3.291   1.00 71.44 ? 15  GLN A CB  1 
ATOM   123  C  CG  . GLN A 1 16  ? 8.741   -8.200  2.597   1.00 74.20 ? 15  GLN A CG  1 
ATOM   124  C  CD  . GLN A 1 16  ? 9.131   -8.624  1.148   1.00 76.18 ? 15  GLN A CD  1 
ATOM   125  O  OE1 . GLN A 1 16  ? 8.395   -9.347  0.450   1.00 85.88 ? 15  GLN A OE1 1 
ATOM   126  N  NE2 . GLN A 1 16  ? 10.278  -8.139  0.693   1.00 80.58 ? 15  GLN A NE2 1 
HETATM 127  N  N   . MSE A 1 17  ? 5.001   -7.618  3.729   1.00 71.40 ? 16  MSE A N   1 
HETATM 128  C  CA  . MSE A 1 17  ? 4.074   -6.545  3.393   1.00 72.70 ? 16  MSE A CA  1 
HETATM 129  C  C   . MSE A 1 17  ? 3.507   -5.858  4.609   1.00 71.37 ? 16  MSE A C   1 
HETATM 130  O  O   . MSE A 1 17  ? 3.347   -4.646  4.611   1.00 70.79 ? 16  MSE A O   1 
HETATM 131  C  CB  . MSE A 1 17  ? 2.915   -7.074  2.561   1.00 74.09 ? 16  MSE A CB  1 
HETATM 132  C  CG  . MSE A 1 17  ? 3.293   -7.442  1.140   1.00 78.59 ? 16  MSE A CG  1 
HETATM 133  SE SE  . MSE A 1 17  ? 3.659   -5.924  -0.008  0.75 86.78 ? 16  MSE A SE  1 
HETATM 134  C  CE  . MSE A 1 17  ? 2.026   -4.967  0.157   1.00 71.41 ? 16  MSE A CE  1 
ATOM   135  N  N   . LYS A 1 18  ? 3.181   -6.634  5.633   1.00 70.47 ? 17  LYS A N   1 
ATOM   136  C  CA  . LYS A 1 18  ? 2.643   -6.061  6.857   1.00 70.01 ? 17  LYS A CA  1 
ATOM   137  C  C   . LYS A 1 18  ? 3.639   -5.083  7.469   1.00 69.39 ? 17  LYS A C   1 
ATOM   138  O  O   . LYS A 1 18  ? 3.292   -3.942  7.774   1.00 69.41 ? 17  LYS A O   1 
ATOM   139  C  CB  . LYS A 1 18  ? 2.327   -7.150  7.883   1.00 69.75 ? 17  LYS A CB  1 
ATOM   140  C  CG  . LYS A 1 18  ? 1.730   -6.616  9.189   1.00 69.39 ? 17  LYS A CG  1 
ATOM   141  C  CD  . LYS A 1 18  ? 1.668   -7.677  10.283  1.00 69.41 ? 17  LYS A CD  1 
ATOM   142  C  CE  . LYS A 1 18  ? 3.032   -7.991  10.869  1.00 65.40 ? 17  LYS A CE  1 
ATOM   143  N  NZ  . LYS A 1 18  ? 2.906   -9.045  11.884  1.00 66.19 ? 17  LYS A NZ  1 
ATOM   144  N  N   . GLN A 1 19  ? 4.880   -5.523  7.639   1.00 69.14 ? 18  GLN A N   1 
ATOM   145  C  CA  . GLN A 1 19  ? 5.869   -4.659  8.277   1.00 69.90 ? 18  GLN A CA  1 
ATOM   146  C  C   . GLN A 1 19  ? 6.271   -3.469  7.404   1.00 67.75 ? 18  GLN A C   1 
ATOM   147  O  O   . GLN A 1 19  ? 6.827   -2.500  7.910   1.00 68.06 ? 18  GLN A O   1 
ATOM   148  C  CB  . GLN A 1 19  ? 7.061   -5.458  8.838   1.00 69.45 ? 18  GLN A CB  1 
ATOM   149  C  CG  . GLN A 1 19  ? 7.906   -6.178  7.830   1.00 72.45 ? 18  GLN A CG  1 
ATOM   150  C  CD  . GLN A 1 19  ? 8.726   -7.297  8.462   1.00 73.27 ? 18  GLN A CD  1 
ATOM   151  O  OE1 . GLN A 1 19  ? 8.178   -8.183  9.125   1.00 73.78 ? 18  GLN A OE1 1 
ATOM   152  N  NE2 . GLN A 1 19  ? 10.042  -7.277  8.232   1.00 76.32 ? 18  GLN A NE2 1 
ATOM   153  N  N   . PHE A 1 20  ? 5.959   -3.517  6.112   1.00 66.41 ? 19  PHE A N   1 
ATOM   154  C  CA  . PHE A 1 20  ? 6.214   -2.369  5.241   1.00 65.97 ? 19  PHE A CA  1 
ATOM   155  C  C   . PHE A 1 20  ? 5.226   -1.237  5.574   1.00 66.49 ? 19  PHE A C   1 
ATOM   156  O  O   . PHE A 1 20  ? 5.625   -0.128  5.924   1.00 66.61 ? 19  PHE A O   1 
ATOM   157  C  CB  . PHE A 1 20  ? 6.094   -2.768  3.771   1.00 65.18 ? 19  PHE A CB  1 
ATOM   158  C  CG  . PHE A 1 20  ? 6.191   -1.608  2.810   1.00 64.99 ? 19  PHE A CG  1 
ATOM   159  C  CD1 . PHE A 1 20  ? 7.426   -1.083  2.450   1.00 65.54 ? 19  PHE A CD1 1 
ATOM   160  C  CD2 . PHE A 1 20  ? 5.049   -1.061  2.241   1.00 61.87 ? 19  PHE A CD2 1 
ATOM   161  C  CE1 . PHE A 1 20  ? 7.518   -0.016  1.548   1.00 64.16 ? 19  PHE A CE1 1 
ATOM   162  C  CE2 . PHE A 1 20  ? 5.131   -0.003  1.344   1.00 61.87 ? 19  PHE A CE2 1 
ATOM   163  C  CZ  . PHE A 1 20  ? 6.364   0.522   1.002   1.00 63.26 ? 19  PHE A CZ  1 
ATOM   164  N  N   . TYR A 1 21  ? 3.936   -1.533  5.471   1.00 66.48 ? 20  TYR A N   1 
ATOM   165  C  CA  . TYR A 1 21  ? 2.909   -0.544  5.756   1.00 66.38 ? 20  TYR A CA  1 
ATOM   166  C  C   . TYR A 1 21  ? 2.950   -0.096  7.206   1.00 66.33 ? 20  TYR A C   1 
ATOM   167  O  O   . TYR A 1 21  ? 2.629   1.051   7.502   1.00 68.29 ? 20  TYR A O   1 
ATOM   168  C  CB  . TYR A 1 21  ? 1.516   -1.058  5.367   1.00 67.82 ? 20  TYR A CB  1 
ATOM   169  C  CG  . TYR A 1 21  ? 1.318   -1.101  3.865   1.00 67.33 ? 20  TYR A CG  1 
ATOM   170  C  CD1 . TYR A 1 21  ? 1.688   -2.208  3.143   1.00 68.87 ? 20  TYR A CD1 1 
ATOM   171  C  CD2 . TYR A 1 21  ? 0.789   -0.014  3.170   1.00 67.24 ? 20  TYR A CD2 1 
ATOM   172  C  CE1 . TYR A 1 21  ? 1.543   -2.254  1.767   1.00 73.40 ? 20  TYR A CE1 1 
ATOM   173  C  CE2 . TYR A 1 21  ? 0.631   -0.052  1.785   1.00 68.08 ? 20  TYR A CE2 1 
ATOM   174  C  CZ  . TYR A 1 21  ? 1.013   -1.184  1.087   1.00 70.60 ? 20  TYR A CZ  1 
ATOM   175  O  OH  . TYR A 1 21  ? 0.892   -1.276  -0.293  1.00 71.68 ? 20  TYR A OH  1 
ATOM   176  N  N   . VAL A 1 22  ? 3.363   -0.979  8.111   1.00 65.17 ? 21  VAL A N   1 
ATOM   177  C  CA  . VAL A 1 22  ? 3.476   -0.595  9.520   1.00 62.96 ? 21  VAL A CA  1 
ATOM   178  C  C   . VAL A 1 22  ? 4.637   0.373   9.704   1.00 64.70 ? 21  VAL A C   1 
ATOM   179  O  O   . VAL A 1 22  ? 4.495   1.394   10.375  1.00 66.22 ? 21  VAL A O   1 
ATOM   180  C  CB  . VAL A 1 22  ? 3.669   -1.806  10.451  1.00 62.21 ? 21  VAL A CB  1 
ATOM   181  C  CG1 . VAL A 1 22  ? 4.159   -1.353  11.826  1.00 51.30 ? 21  VAL A CG1 1 
ATOM   182  C  CG2 . VAL A 1 22  ? 2.377   -2.611  10.535  1.00 54.05 ? 21  VAL A CG2 1 
ATOM   183  N  N   . THR A 1 23  ? 5.776   0.056   9.088   1.00 65.00 ? 22  THR A N   1 
ATOM   184  C  CA  . THR A 1 23  ? 6.973   0.895   9.197   1.00 63.94 ? 22  THR A CA  1 
ATOM   185  C  C   . THR A 1 23  ? 6.825   2.260   8.566   1.00 64.87 ? 22  THR A C   1 
ATOM   186  O  O   . THR A 1 23  ? 7.145   3.250   9.190   1.00 67.04 ? 22  THR A O   1 
ATOM   187  C  CB  . THR A 1 23  ? 8.205   0.257   8.507   1.00 63.32 ? 22  THR A CB  1 
ATOM   188  O  OG1 . THR A 1 23  ? 8.637   -0.883  9.249   1.00 62.99 ? 22  THR A OG1 1 
ATOM   189  C  CG2 . THR A 1 23  ? 9.359   1.247   8.422   1.00 57.68 ? 22  THR A CG2 1 
ATOM   190  N  N   . TYR A 1 24  ? 6.348   2.308   7.331   1.00 65.44 ? 23  TYR A N   1 
ATOM   191  C  CA  . TYR A 1 24  ? 6.324   3.561   6.579   1.00 65.95 ? 23  TYR A CA  1 
ATOM   192  C  C   . TYR A 1 24  ? 5.064   4.414   6.666   1.00 66.80 ? 23  TYR A C   1 
ATOM   193  O  O   . TYR A 1 24  ? 5.162   5.645   6.675   1.00 68.57 ? 23  TYR A O   1 
ATOM   194  C  CB  . TYR A 1 24  ? 6.689   3.276   5.122   1.00 65.30 ? 23  TYR A CB  1 
ATOM   195  C  CG  . TYR A 1 24  ? 8.084   2.717   5.019   1.00 64.32 ? 23  TYR A CG  1 
ATOM   196  C  CD1 . TYR A 1 24  ? 9.194   3.551   5.113   1.00 65.76 ? 23  TYR A CD1 1 
ATOM   197  C  CD2 . TYR A 1 24  ? 8.304   1.355   4.874   1.00 67.16 ? 23  TYR A CD2 1 
ATOM   198  C  CE1 . TYR A 1 24  ? 10.490  3.044   5.040   1.00 65.94 ? 23  TYR A CE1 1 
ATOM   199  C  CE2 . TYR A 1 24  ? 9.601   0.836   4.798   1.00 66.71 ? 23  TYR A CE2 1 
ATOM   200  C  CZ  . TYR A 1 24  ? 10.683  1.688   4.883   1.00 64.41 ? 23  TYR A CZ  1 
ATOM   201  O  OH  . TYR A 1 24  ? 11.952  1.184   4.808   1.00 63.06 ? 23  TYR A OH  1 
ATOM   202  N  N   . PHE A 1 25  ? 3.901   3.777   6.754   1.00 66.76 ? 24  PHE A N   1 
ATOM   203  C  CA  . PHE A 1 25  ? 2.636   4.504   6.789   1.00 66.04 ? 24  PHE A CA  1 
ATOM   204  C  C   . PHE A 1 25  ? 1.925   4.485   8.135   1.00 66.48 ? 24  PHE A C   1 
ATOM   205  O  O   . PHE A 1 25  ? 0.763   4.855   8.230   1.00 68.63 ? 24  PHE A O   1 
ATOM   206  C  CB  . PHE A 1 25  ? 1.736   3.994   5.670   1.00 65.93 ? 24  PHE A CB  1 
ATOM   207  C  CG  . PHE A 1 25  ? 2.360   4.134   4.317   1.00 67.10 ? 24  PHE A CG  1 
ATOM   208  C  CD1 . PHE A 1 25  ? 2.386   5.359   3.678   1.00 66.51 ? 24  PHE A CD1 1 
ATOM   209  C  CD2 . PHE A 1 25  ? 2.966   3.055   3.698   1.00 71.82 ? 24  PHE A CD2 1 
ATOM   210  C  CE1 . PHE A 1 25  ? 2.993   5.507   2.430   1.00 68.22 ? 24  PHE A CE1 1 
ATOM   211  C  CE2 . PHE A 1 25  ? 3.576   3.196   2.444   1.00 70.49 ? 24  PHE A CE2 1 
ATOM   212  C  CZ  . PHE A 1 25  ? 3.582   4.424   1.812   1.00 68.60 ? 24  PHE A CZ  1 
ATOM   213  N  N   . GLY A 1 26  ? 2.628   4.078   9.185   1.00 66.88 ? 25  GLY A N   1 
ATOM   214  C  CA  . GLY A 1 26  ? 2.057   4.080   10.527  1.00 66.62 ? 25  GLY A CA  1 
ATOM   215  C  C   . GLY A 1 26  ? 0.868   3.167   10.778  1.00 66.95 ? 25  GLY A C   1 
ATOM   216  O  O   . GLY A 1 26  ? 0.176   3.327   11.774  1.00 67.64 ? 25  GLY A O   1 
ATOM   217  N  N   . ALA A 1 27  ? 0.644   2.194   9.897   1.00 67.51 ? 26  ALA A N   1 
ATOM   218  C  CA  . ALA A 1 27  ? -0.462  1.248   10.043  1.00 65.41 ? 26  ALA A CA  1 
ATOM   219  C  C   . ALA A 1 27  ? -0.306  0.355   11.276  1.00 65.29 ? 26  ALA A C   1 
ATOM   220  O  O   . ALA A 1 27  ? 0.804   0.081   11.735  1.00 64.94 ? 26  ALA A O   1 
ATOM   221  C  CB  . ALA A 1 27  ? -0.588  0.380   8.793   1.00 64.00 ? 26  ALA A CB  1 
ATOM   222  N  N   . THR A 1 28  ? -1.452  -0.073  11.795  1.00 65.27 ? 27  THR A N   1 
ATOM   223  C  CA  . THR A 1 28  ? -1.558  -0.998  12.901  1.00 63.40 ? 27  THR A CA  1 
ATOM   224  C  C   . THR A 1 28  ? -2.203  -2.250  12.368  1.00 65.03 ? 27  THR A C   1 
ATOM   225  O  O   . THR A 1 28  ? -3.237  -2.174  11.703  1.00 67.49 ? 27  THR A O   1 
ATOM   226  C  CB  . THR A 1 28  ? -2.453  -0.441  13.976  1.00 63.20 ? 27  THR A CB  1 
ATOM   227  O  OG1 . THR A 1 28  ? -1.694  0.501   14.714  1.00 61.00 ? 27  THR A OG1 1 
ATOM   228  C  CG2 . THR A 1 28  ? -2.939  -1.530  14.944  1.00 65.23 ? 27  THR A CG2 1 
ATOM   229  N  N   . ALA A 1 29  ? -1.608  -3.398  12.679  1.00 65.06 ? 28  ALA A N   1 
ATOM   230  C  CA  . ALA A 1 29  ? -2.132  -4.685  12.245  1.00 63.41 ? 28  ALA A CA  1 
ATOM   231  C  C   . ALA A 1 29  ? -3.031  -5.304  13.304  1.00 62.64 ? 28  ALA A C   1 
ATOM   232  O  O   . ALA A 1 29  ? -2.856  -5.081  14.491  1.00 63.16 ? 28  ALA A O   1 
ATOM   233  C  CB  . ALA A 1 29  ? -0.990  -5.620  11.936  1.00 61.79 ? 28  ALA A CB  1 
ATOM   234  N  N   . ASN A 1 30  ? -4.021  -6.064  12.860  1.00 63.56 ? 29  ASN A N   1 
ATOM   235  C  CA  . ASN A 1 30  ? -4.866  -6.803  13.778  1.00 63.48 ? 29  ASN A CA  1 
ATOM   236  C  C   . ASN A 1 30  ? -4.222  -8.180  13.898  1.00 64.91 ? 29  ASN A C   1 
ATOM   237  O  O   . ASN A 1 30  ? -3.058  -8.360  13.526  1.00 65.78 ? 29  ASN A O   1 
ATOM   238  C  CB  . ASN A 1 30  ? -6.295  -6.901  13.244  1.00 63.88 ? 29  ASN A CB  1 
ATOM   239  C  CG  . ASN A 1 30  ? -6.406  -7.747  11.982  1.00 64.55 ? 29  ASN A CG  1 
ATOM   240  O  OD1 . ASN A 1 30  ? -5.428  -7.992  11.276  1.00 69.49 ? 29  ASN A OD1 1 
ATOM   241  N  ND2 . ASN A 1 30  ? -7.613  -8.181  11.688  1.00 62.56 ? 29  ASN A ND2 1 
ATOM   242  N  N   . ASP A 1 31  ? -4.966  -9.159  14.398  1.00 66.13 ? 30  ASP A N   1 
ATOM   243  C  CA  . ASP A 1 31  ? -4.439  -10.511 14.522  1.00 66.40 ? 30  ASP A CA  1 
ATOM   244  C  C   . ASP A 1 31  ? -4.537  -11.225 13.189  1.00 66.16 ? 30  ASP A C   1 
ATOM   245  O  O   . ASP A 1 31  ? -5.476  -11.008 12.428  1.00 67.51 ? 30  ASP A O   1 
ATOM   246  C  CB  . ASP A 1 31  ? -5.203  -11.304 15.582  1.00 66.89 ? 30  ASP A CB  1 
ATOM   247  C  CG  . ASP A 1 31  ? -4.935  -10.815 17.001  1.00 70.58 ? 30  ASP A CG  1 
ATOM   248  O  OD1 . ASP A 1 31  ? -3.894  -10.156 17.239  1.00 74.05 ? 30  ASP A OD1 1 
ATOM   249  O  OD2 . ASP A 1 31  ? -5.762  -11.118 17.888  1.00 75.00 ? 30  ASP A OD2 1 
ATOM   250  N  N   . LEU A 1 32  ? -3.544  -12.058 12.911  1.00 65.62 ? 31  LEU A N   1 
ATOM   251  C  CA  . LEU A 1 32  ? -3.524  -12.850 11.704  1.00 64.46 ? 31  LEU A CA  1 
ATOM   252  C  C   . LEU A 1 32  ? -4.797  -13.688 11.649  1.00 64.47 ? 31  LEU A C   1 
ATOM   253  O  O   . LEU A 1 32  ? -5.183  -14.274 12.645  1.00 63.23 ? 31  LEU A O   1 
ATOM   254  C  CB  . LEU A 1 32  ? -2.302  -13.778 11.724  1.00 64.68 ? 31  LEU A CB  1 
ATOM   255  C  CG  . LEU A 1 32  ? -2.117  -14.746 10.548  1.00 66.10 ? 31  LEU A CG  1 
ATOM   256  C  CD1 . LEU A 1 32  ? -1.907  -13.968 9.245   1.00 64.51 ? 31  LEU A CD1 1 
ATOM   257  C  CD2 . LEU A 1 32  ? -0.960  -15.699 10.816  1.00 61.56 ? 31  LEU A CD2 1 
ATOM   258  N  N   . TYR A 1 33  ? -5.487  -13.683 10.514  1.00 64.97 ? 32  TYR A N   1 
ATOM   259  C  CA  . TYR A 1 33  ? -6.635  -14.563 10.316  1.00 65.57 ? 32  TYR A CA  1 
ATOM   260  C  C   . TYR A 1 33  ? -6.126  -15.690 9.449   1.00 67.67 ? 32  TYR A C   1 
ATOM   261  O  O   . TYR A 1 33  ? -5.270  -15.487 8.584   1.00 67.94 ? 32  TYR A O   1 
ATOM   262  C  CB  . TYR A 1 33  ? -7.817  -13.872 9.628   1.00 64.33 ? 32  TYR A CB  1 
ATOM   263  C  CG  . TYR A 1 33  ? -8.913  -14.838 9.157   1.00 64.02 ? 32  TYR A CG  1 
ATOM   264  C  CD1 . TYR A 1 33  ? -9.797  -15.441 10.057  1.00 56.63 ? 32  TYR A CD1 1 
ATOM   265  C  CD2 . TYR A 1 33  ? -9.062  -15.146 7.804   1.00 66.41 ? 32  TYR A CD2 1 
ATOM   266  C  CE1 . TYR A 1 33  ? -10.797 -16.324 9.618   1.00 59.02 ? 32  TYR A CE1 1 
ATOM   267  C  CE2 . TYR A 1 33  ? -10.059 -16.032 7.362   1.00 64.90 ? 32  TYR A CE2 1 
ATOM   268  C  CZ  . TYR A 1 33  ? -10.916 -16.611 8.273   1.00 62.33 ? 32  TYR A CZ  1 
ATOM   269  O  OH  . TYR A 1 33  ? -11.883 -17.470 7.816   1.00 62.54 ? 32  TYR A OH  1 
ATOM   270  N  N   . GLU A 1 34  ? -6.675  -16.878 9.654   1.00 70.30 ? 33  GLU A N   1 
ATOM   271  C  CA  . GLU A 1 34  ? -6.194  -18.026 8.931   1.00 72.60 ? 33  GLU A CA  1 
ATOM   272  C  C   . GLU A 1 34  ? -7.313  -18.994 8.614   1.00 71.17 ? 33  GLU A C   1 
ATOM   273  O  O   . GLU A 1 34  ? -8.199  -19.217 9.438   1.00 71.92 ? 33  GLU A O   1 
ATOM   274  C  CB  . GLU A 1 34  ? -5.130  -18.696 9.797   1.00 72.41 ? 33  GLU A CB  1 
ATOM   275  C  CG  . GLU A 1 34  ? -4.161  -19.584 9.056   1.00 80.02 ? 33  GLU A CG  1 
ATOM   276  C  CD  . GLU A 1 34  ? -2.959  -19.973 9.912   1.00 77.90 ? 33  GLU A CD  1 
ATOM   277  O  OE1 . GLU A 1 34  ? -3.084  -19.949 11.159  1.00 83.35 ? 33  GLU A OE1 1 
ATOM   278  O  OE2 . GLU A 1 34  ? -1.898  -20.298 9.332   1.00 82.73 ? 33  GLU A OE2 1 
ATOM   279  N  N   . ASN A 1 35  ? -7.295  -19.515 7.389   1.00 70.71 ? 34  ASN A N   1 
ATOM   280  C  CA  . ASN A 1 35  ? -8.210  -20.579 6.971   1.00 70.67 ? 34  ASN A CA  1 
ATOM   281  C  C   . ASN A 1 35  ? -7.321  -21.665 6.369   1.00 69.83 ? 34  ASN A C   1 
ATOM   282  O  O   . ASN A 1 35  ? -7.059  -21.682 5.163   1.00 68.01 ? 34  ASN A O   1 
ATOM   283  C  CB  . ASN A 1 35  ? -9.266  -20.080 5.980   1.00 70.65 ? 34  ASN A CB  1 
ATOM   284  C  CG  . ASN A 1 35  ? -10.287 -21.156 5.606   1.00 69.54 ? 34  ASN A CG  1 
ATOM   285  O  OD1 . ASN A 1 35  ? -10.202 -22.315 6.022   1.00 70.65 ? 34  ASN A OD1 1 
ATOM   286  N  ND2 . ASN A 1 35  ? -11.256 -20.764 4.812   1.00 70.32 ? 34  ASN A ND2 1 
ATOM   287  N  N   . LYS A 1 36  ? -6.826  -22.544 7.240   1.00 69.90 ? 35  LYS A N   1 
ATOM   288  C  CA  . LYS A 1 36  ? -5.916  -23.607 6.823   1.00 69.23 ? 35  LYS A CA  1 
ATOM   289  C  C   . LYS A 1 36  ? -6.475  -24.397 5.620   1.00 69.51 ? 35  LYS A C   1 
ATOM   290  O  O   . LYS A 1 36  ? -5.726  -24.688 4.689   1.00 70.16 ? 35  LYS A O   1 
ATOM   291  C  CB  . LYS A 1 36  ? -5.524  -24.517 8.013   1.00 68.82 ? 35  LYS A CB  1 
ATOM   292  C  CG  . LYS A 1 36  ? -4.594  -23.861 9.070   1.00 64.97 ? 35  LYS A CG  1 
ATOM   293  N  N   . THR A 1 37  ? -7.782  -24.681 5.600   1.00 69.36 ? 36  THR A N   1 
ATOM   294  C  CA  . THR A 1 37  ? -8.406  -25.448 4.495   1.00 69.33 ? 36  THR A CA  1 
ATOM   295  C  C   . THR A 1 37  ? -8.179  -24.857 3.105   1.00 69.36 ? 36  THR A C   1 
ATOM   296  O  O   . THR A 1 37  ? -7.914  -25.594 2.165   1.00 69.00 ? 36  THR A O   1 
ATOM   297  C  CB  . THR A 1 37  ? -9.947  -25.564 4.643   1.00 69.52 ? 36  THR A CB  1 
ATOM   298  O  OG1 . THR A 1 37  ? -10.275 -26.096 5.923   1.00 70.28 ? 36  THR A OG1 1 
ATOM   299  C  CG2 . THR A 1 37  ? -10.527 -26.472 3.562   1.00 68.42 ? 36  THR A CG2 1 
ATOM   300  N  N   . LYS A 1 38  ? -8.308  -23.537 2.984   1.00 69.40 ? 37  LYS A N   1 
ATOM   301  C  CA  . LYS A 1 38  ? -8.183  -22.848 1.696   1.00 69.76 ? 37  LYS A CA  1 
ATOM   302  C  C   . LYS A 1 38  ? -6.782  -22.253 1.478   1.00 68.82 ? 37  LYS A C   1 
ATOM   303  O  O   . LYS A 1 38  ? -6.529  -21.624 0.445   1.00 68.39 ? 37  LYS A O   1 
ATOM   304  C  CB  . LYS A 1 38  ? -9.235  -21.729 1.606   1.00 71.46 ? 37  LYS A CB  1 
ATOM   305  C  CG  . LYS A 1 38  ? -10.676 -22.146 1.997   1.00 78.53 ? 37  LYS A CG  1 
ATOM   306  C  CD  . LYS A 1 38  ? -11.468 -22.920 0.916   1.00 81.37 ? 37  LYS A CD  1 
ATOM   307  C  CE  . LYS A 1 38  ? -12.029 -21.968 -0.156  1.00 83.13 ? 37  LYS A CE  1 
ATOM   308  N  NZ  . LYS A 1 38  ? -13.029 -22.650 -1.029  1.00 81.46 ? 37  LYS A NZ  1 
ATOM   309  N  N   . GLY A 1 39  ? -5.883  -22.449 2.445   1.00 68.31 ? 38  GLY A N   1 
ATOM   310  C  CA  . GLY A 1 39  ? -4.516  -21.904 2.380   1.00 68.14 ? 38  GLY A CA  1 
ATOM   311  C  C   . GLY A 1 39  ? -4.491  -20.382 2.411   1.00 67.52 ? 38  GLY A C   1 
ATOM   312  O  O   . GLY A 1 39  ? -3.591  -19.766 1.872   1.00 67.85 ? 38  GLY A O   1 
ATOM   313  N  N   . PHE A 1 40  ? -5.466  -19.782 3.083   1.00 67.01 ? 39  PHE A N   1 
ATOM   314  C  CA  . PHE A 1 40  ? -5.627  -18.333 3.122   1.00 66.98 ? 39  PHE A CA  1 
ATOM   315  C  C   . PHE A 1 40  ? -5.148  -17.684 4.434   1.00 66.16 ? 39  PHE A C   1 
ATOM   316  O  O   . PHE A 1 40  ? -5.379  -18.213 5.524   1.00 66.21 ? 39  PHE A O   1 
ATOM   317  C  CB  . PHE A 1 40  ? -7.121  -18.025 2.870   1.00 68.16 ? 39  PHE A CB  1 
ATOM   318  C  CG  . PHE A 1 40  ? -7.473  -16.562 2.921   1.00 68.68 ? 39  PHE A CG  1 
ATOM   319  C  CD1 . PHE A 1 40  ? -7.829  -15.963 4.109   1.00 69.57 ? 39  PHE A CD1 1 
ATOM   320  C  CD2 . PHE A 1 40  ? -7.433  -15.784 1.778   1.00 65.86 ? 39  PHE A CD2 1 
ATOM   321  C  CE1 . PHE A 1 40  ? -8.146  -14.620 4.151   1.00 67.81 ? 39  PHE A CE1 1 
ATOM   322  C  CE2 . PHE A 1 40  ? -7.752  -14.453 1.821   1.00 64.84 ? 39  PHE A CE2 1 
ATOM   323  C  CZ  . PHE A 1 40  ? -8.104  -13.869 3.006   1.00 66.66 ? 39  PHE A CZ  1 
ATOM   324  N  N   . ASN A 1 41  ? -4.468  -16.547 4.316   1.00 66.04 ? 40  ASN A N   1 
ATOM   325  C  CA  . ASN A 1 41  ? -4.029  -15.759 5.477   1.00 66.69 ? 40  ASN A CA  1 
ATOM   326  C  C   . ASN A 1 41  ? -4.286  -14.287 5.229   1.00 66.02 ? 40  ASN A C   1 
ATOM   327  O  O   . ASN A 1 41  ? -4.203  -13.846 4.089   1.00 65.44 ? 40  ASN A O   1 
ATOM   328  C  CB  . ASN A 1 41  ? -2.543  -15.922 5.764   1.00 67.41 ? 40  ASN A CB  1 
ATOM   329  C  CG  . ASN A 1 41  ? -2.190  -17.303 6.208   1.00 69.23 ? 40  ASN A CG  1 
ATOM   330  O  OD1 . ASN A 1 41  ? -2.036  -17.563 7.402   1.00 75.37 ? 40  ASN A OD1 1 
ATOM   331  N  ND2 . ASN A 1 41  ? -2.088  -18.212 5.258   1.00 71.66 ? 40  ASN A ND2 1 
ATOM   332  N  N   . SER A 1 42  ? -4.584  -13.526 6.282   1.00 65.87 ? 41  SER A N   1 
ATOM   333  C  CA  . SER A 1 42  ? -4.803  -12.090 6.124   1.00 65.54 ? 41  SER A CA  1 
ATOM   334  C  C   . SER A 1 42  ? -4.608  -11.276 7.385   1.00 65.89 ? 41  SER A C   1 
ATOM   335  O  O   . SER A 1 42  ? -4.728  -11.770 8.505   1.00 66.93 ? 41  SER A O   1 
ATOM   336  C  CB  . SER A 1 42  ? -6.222  -11.804 5.625   1.00 65.83 ? 41  SER A CB  1 
ATOM   337  O  OG  . SER A 1 42  ? -7.194  -12.042 6.631   1.00 65.01 ? 41  SER A OG  1 
ATOM   338  N  N   . TYR A 1 43  ? -4.322  -10.002 7.155   1.00 65.90 ? 42  TYR A N   1 
ATOM   339  C  CA  . TYR A 1 43  ? -4.228  -8.998  8.196   1.00 65.36 ? 42  TYR A CA  1 
ATOM   340  C  C   . TYR A 1 43  ? -5.045  -7.806  7.728   1.00 65.46 ? 42  TYR A C   1 
ATOM   341  O  O   . TYR A 1 43  ? -5.212  -7.593  6.523   1.00 65.96 ? 42  TYR A O   1 
ATOM   342  C  CB  . TYR A 1 43  ? -2.800  -8.503  8.392   1.00 64.98 ? 42  TYR A CB  1 
ATOM   343  C  CG  . TYR A 1 43  ? -1.829  -9.428  9.101   1.00 65.76 ? 42  TYR A CG  1 
ATOM   344  C  CD1 . TYR A 1 43  ? -1.876  -9.598  10.483  1.00 65.23 ? 42  TYR A CD1 1 
ATOM   345  C  CD2 . TYR A 1 43  ? -0.801  -10.055 8.401   1.00 66.98 ? 42  TYR A CD2 1 
ATOM   346  C  CE1 . TYR A 1 43  ? -0.965  -10.412 11.134  1.00 64.83 ? 42  TYR A CE1 1 
ATOM   347  C  CE2 . TYR A 1 43  ? 0.112   -10.867 9.044   1.00 67.38 ? 42  TYR A CE2 1 
ATOM   348  C  CZ  . TYR A 1 43  ? 0.026   -11.037 10.405  1.00 65.79 ? 42  TYR A CZ  1 
ATOM   349  O  OH  . TYR A 1 43  ? 0.935   -11.840 11.031  1.00 66.74 ? 42  TYR A OH  1 
ATOM   350  N  N   . PHE A 1 44  ? -5.563  -7.048  8.686   1.00 65.34 ? 43  PHE A N   1 
ATOM   351  C  CA  . PHE A 1 44  ? -6.211  -5.783  8.406   1.00 65.26 ? 43  PHE A CA  1 
ATOM   352  C  C   . PHE A 1 44  ? -5.327  -4.719  9.026   1.00 65.43 ? 43  PHE A C   1 
ATOM   353  O  O   . PHE A 1 44  ? -4.968  -4.800  10.210  1.00 66.07 ? 43  PHE A O   1 
ATOM   354  C  CB  . PHE A 1 44  ? -7.614  -5.712  8.980   1.00 65.98 ? 43  PHE A CB  1 
ATOM   355  C  CG  . PHE A 1 44  ? -8.652  -6.319  8.095   1.00 67.71 ? 43  PHE A CG  1 
ATOM   356  C  CD1 . PHE A 1 44  ? -8.918  -7.672  8.145   1.00 63.79 ? 43  PHE A CD1 1 
ATOM   357  C  CD2 . PHE A 1 44  ? -9.360  -5.528  7.202   1.00 69.55 ? 43  PHE A CD2 1 
ATOM   358  C  CE1 . PHE A 1 44  ? -9.876  -8.228  7.328   1.00 65.54 ? 43  PHE A CE1 1 
ATOM   359  C  CE2 . PHE A 1 44  ? -10.322 -6.079  6.371   1.00 68.90 ? 43  PHE A CE2 1 
ATOM   360  C  CZ  . PHE A 1 44  ? -10.583 -7.431  6.440   1.00 66.39 ? 43  PHE A CZ  1 
ATOM   361  N  N   . LEU A 1 45  ? -4.951  -3.746  8.209   1.00 64.74 ? 44  LEU A N   1 
ATOM   362  C  CA  . LEU A 1 45  ? -4.122  -2.654  8.656   1.00 64.65 ? 44  LEU A CA  1 
ATOM   363  C  C   . LEU A 1 45  ? -5.007  -1.416  8.806   1.00 64.60 ? 44  LEU A C   1 
ATOM   364  O  O   . LEU A 1 45  ? -5.749  -1.056  7.900   1.00 63.89 ? 44  LEU A O   1 
ATOM   365  C  CB  . LEU A 1 45  ? -2.994  -2.414  7.660   1.00 65.01 ? 44  LEU A CB  1 
ATOM   366  C  CG  . LEU A 1 45  ? -2.157  -3.650  7.297   1.00 66.35 ? 44  LEU A CG  1 
ATOM   367  C  CD1 . LEU A 1 45  ? -1.060  -3.278  6.327   1.00 67.70 ? 44  LEU A CD1 1 
ATOM   368  C  CD2 . LEU A 1 45  ? -1.571  -4.308  8.524   1.00 70.20 ? 44  LEU A CD2 1 
ATOM   369  N  N   . SER A 1 46  ? -4.932  -0.781  9.964   1.00 65.04 ? 45  SER A N   1 
ATOM   370  C  CA  . SER A 1 46  ? -5.721  0.396   10.244  1.00 66.67 ? 45  SER A CA  1 
ATOM   371  C  C   . SER A 1 46  ? -4.831  1.612   10.255  1.00 68.96 ? 45  SER A C   1 
ATOM   372  O  O   . SER A 1 46  ? -3.698  1.539   10.706  1.00 71.65 ? 45  SER A O   1 
ATOM   373  C  CB  . SER A 1 46  ? -6.386  0.261   11.606  1.00 65.16 ? 45  SER A CB  1 
ATOM   374  O  OG  . SER A 1 46  ? -7.273  -0.843  11.601  1.00 68.74 ? 45  SER A OG  1 
ATOM   375  N  N   . PHE A 1 47  ? -5.349  2.733   9.764   1.00 69.99 ? 46  PHE A N   1 
ATOM   376  C  CA  . PHE A 1 47  ? -4.608  3.984   9.758   1.00 70.25 ? 46  PHE A CA  1 
ATOM   377  C  C   . PHE A 1 47  ? -5.202  4.886   10.828  1.00 71.48 ? 46  PHE A C   1 
ATOM   378  O  O   . PHE A 1 47  ? -5.788  4.387   11.786  1.00 71.09 ? 46  PHE A O   1 
ATOM   379  C  CB  . PHE A 1 47  ? -4.615  4.567   8.353   1.00 69.79 ? 46  PHE A CB  1 
ATOM   380  C  CG  . PHE A 1 47  ? -3.988  3.642   7.356   1.00 67.84 ? 46  PHE A CG  1 
ATOM   381  C  CD1 . PHE A 1 47  ? -4.732  2.654   6.743   1.00 68.52 ? 46  PHE A CD1 1 
ATOM   382  C  CD2 . PHE A 1 47  ? -2.635  3.707   7.087   1.00 70.58 ? 46  PHE A CD2 1 
ATOM   383  C  CE1 . PHE A 1 47  ? -4.150  1.774   5.844   1.00 69.92 ? 46  PHE A CE1 1 
ATOM   384  C  CE2 . PHE A 1 47  ? -2.049  2.828   6.195   1.00 67.62 ? 46  PHE A CE2 1 
ATOM   385  C  CZ  . PHE A 1 47  ? -2.809  1.859   5.577   1.00 68.55 ? 46  PHE A CZ  1 
ATOM   386  N  N   . GLU A 1 48  ? -5.034  6.194   10.715  1.00 73.55 ? 47  GLU A N   1 
ATOM   387  C  CA  . GLU A 1 48  ? -5.570  7.086   11.739  1.00 76.36 ? 47  GLU A CA  1 
ATOM   388  C  C   . GLU A 1 48  ? -7.088  6.860   11.881  1.00 76.14 ? 47  GLU A C   1 
ATOM   389  O  O   . GLU A 1 48  ? -7.613  6.727   12.983  1.00 75.06 ? 47  GLU A O   1 
ATOM   390  C  CB  . GLU A 1 48  ? -5.246  8.521   11.374  1.00 76.11 ? 47  GLU A CB  1 
ATOM   391  C  CG  . GLU A 1 48  ? -5.421  9.504   12.495  1.00 80.11 ? 47  GLU A CG  1 
ATOM   392  C  CD  . GLU A 1 48  ? -4.836  10.871  12.153  1.00 82.05 ? 47  GLU A CD  1 
ATOM   393  O  OE1 . GLU A 1 48  ? -4.541  11.156  10.958  1.00 93.60 ? 47  GLU A OE1 1 
ATOM   394  O  OE2 . GLU A 1 48  ? -4.659  11.661  13.101  1.00 94.77 ? 47  GLU A OE2 1 
ATOM   395  N  N   . ASP A 1 49  ? -7.767  6.801   10.740  1.00 76.11 ? 48  ASP A N   1 
ATOM   396  C  CA  . ASP A 1 49  ? -9.203  6.524   10.659  1.00 75.46 ? 48  ASP A CA  1 
ATOM   397  C  C   . ASP A 1 49  ? -9.494  6.196   9.196   1.00 73.54 ? 48  ASP A C   1 
ATOM   398  O  O   . ASP A 1 49  ? -8.582  6.195   8.351   1.00 74.98 ? 48  ASP A O   1 
ATOM   399  C  CB  . ASP A 1 49  ? -10.060 7.716   11.151  1.00 76.10 ? 48  ASP A CB  1 
ATOM   400  C  CG  . ASP A 1 49  ? -9.785  9.037   10.381  1.00 81.27 ? 48  ASP A CG  1 
ATOM   401  O  OD1 . ASP A 1 49  ? -9.740  9.055   9.127   1.00 87.72 ? 48  ASP A OD1 1 
ATOM   402  O  OD2 . ASP A 1 49  ? -9.643  10.087  11.046  1.00 90.46 ? 48  ASP A OD2 1 
ATOM   403  N  N   . GLY A 1 50  ? -10.747 5.912   8.888   1.00 70.09 ? 49  GLY A N   1 
ATOM   404  C  CA  . GLY A 1 50  ? -11.129 5.646   7.515   1.00 68.64 ? 49  GLY A CA  1 
ATOM   405  C  C   . GLY A 1 50  ? -10.882 4.224   7.071   1.00 67.68 ? 49  GLY A C   1 
ATOM   406  O  O   . GLY A 1 50  ? -10.772 3.313   7.891   1.00 68.96 ? 49  GLY A O   1 
ATOM   407  N  N   . ALA A 1 51  ? -10.786 4.048   5.758   1.00 67.11 ? 50  ALA A N   1 
ATOM   408  C  CA  . ALA A 1 51  ? -10.630 2.735   5.169   1.00 65.82 ? 50  ALA A CA  1 
ATOM   409  C  C   . ALA A 1 51  ? -9.385  2.050   5.683   1.00 66.53 ? 50  ALA A C   1 
ATOM   410  O  O   . ALA A 1 51  ? -8.380  2.705   5.984   1.00 67.39 ? 50  ALA A O   1 
ATOM   411  C  CB  . ALA A 1 51  ? -10.576 2.828   3.658   1.00 64.57 ? 50  ALA A CB  1 
ATOM   412  N  N   . ARG A 1 52  ? -9.495  0.730   5.792   1.00 65.89 ? 51  ARG A N   1 
ATOM   413  C  CA  . ARG A 1 52  ? -8.407  -0.136  6.181   1.00 66.44 ? 51  ARG A CA  1 
ATOM   414  C  C   . ARG A 1 52  ? -7.828  -0.802  4.950   1.00 66.81 ? 51  ARG A C   1 
ATOM   415  O  O   . ARG A 1 52  ? -8.445  -0.789  3.880   1.00 67.75 ? 51  ARG A O   1 
ATOM   416  C  CB  . ARG A 1 52  ? -8.914  -1.210  7.125   1.00 65.82 ? 51  ARG A CB  1 
ATOM   417  C  CG  . ARG A 1 52  ? -9.379  -0.622  8.444   1.00 71.89 ? 51  ARG A CG  1 
ATOM   418  C  CD  . ARG A 1 52  ? -9.656  -1.689  9.450   1.00 70.27 ? 51  ARG A CD  1 
ATOM   419  N  NE  . ARG A 1 52  ? -10.804 -2.468  9.025   1.00 76.56 ? 51  ARG A NE  1 
ATOM   420  C  CZ  . ARG A 1 52  ? -11.110 -3.672  9.487   1.00 78.58 ? 51  ARG A CZ  1 
ATOM   421  N  NH1 . ARG A 1 52  ? -10.340 -4.280  10.384  1.00 77.68 ? 51  ARG A NH1 1 
ATOM   422  N  NH2 . ARG A 1 52  ? -12.183 -4.284  9.012   1.00 80.07 ? 51  ARG A NH2 1 
ATOM   423  N  N   . LEU A 1 53  ? -6.639  -1.374  5.100   1.00 65.68 ? 52  LEU A N   1 
ATOM   424  C  CA  . LEU A 1 53  ? -6.004  -2.104  4.023   1.00 65.22 ? 52  LEU A CA  1 
ATOM   425  C  C   . LEU A 1 53  ? -5.999  -3.564  4.440   1.00 64.78 ? 52  LEU A C   1 
ATOM   426  O  O   . LEU A 1 53  ? -5.494  -3.886  5.515   1.00 65.18 ? 52  LEU A O   1 
ATOM   427  C  CB  . LEU A 1 53  ? -4.583  -1.602  3.819   1.00 65.79 ? 52  LEU A CB  1 
ATOM   428  C  CG  . LEU A 1 53  ? -3.707  -2.316  2.784   1.00 66.42 ? 52  LEU A CG  1 
ATOM   429  C  CD1 . LEU A 1 53  ? -4.378  -2.389  1.407   1.00 58.47 ? 52  LEU A CD1 1 
ATOM   430  C  CD2 . LEU A 1 53  ? -2.345  -1.611  2.706   1.00 66.32 ? 52  LEU A CD2 1 
ATOM   431  N  N   . GLU A 1 54  ? -6.609  -4.432  3.628   1.00 64.09 ? 53  GLU A N   1 
ATOM   432  C  CA  . GLU A 1 54  ? -6.640  -5.869  3.909   1.00 64.09 ? 53  GLU A CA  1 
ATOM   433  C  C   . GLU A 1 54  ? -5.573  -6.502  3.065   1.00 63.72 ? 53  GLU A C   1 
ATOM   434  O  O   . GLU A 1 54  ? -5.681  -6.507  1.832   1.00 64.06 ? 53  GLU A O   1 
ATOM   435  C  CB  . GLU A 1 54  ? -8.001  -6.506  3.570   1.00 63.84 ? 53  GLU A CB  1 
ATOM   436  C  CG  . GLU A 1 54  ? -8.046  -8.019  3.835   1.00 64.36 ? 53  GLU A CG  1 
ATOM   437  C  CD  . GLU A 1 54  ? -9.421  -8.670  3.626   1.00 65.93 ? 53  GLU A CD  1 
ATOM   438  O  OE1 . GLU A 1 54  ? -10.341 -8.067  3.005   1.00 71.85 ? 53  GLU A OE1 1 
ATOM   439  O  OE2 . GLU A 1 54  ? -9.569  -9.820  4.099   1.00 72.79 ? 53  GLU A OE2 1 
ATOM   440  N  N   . ILE A 1 55  ? -4.521  -6.993  3.711   1.00 64.00 ? 54  ILE A N   1 
ATOM   441  C  CA  . ILE A 1 55  ? -3.455  -7.688  2.976   1.00 65.25 ? 54  ILE A CA  1 
ATOM   442  C  C   . ILE A 1 55  ? -3.687  -9.174  3.178   1.00 66.88 ? 54  ILE A C   1 
ATOM   443  O  O   . ILE A 1 55  ? -3.858  -9.642  4.309   1.00 68.93 ? 54  ILE A O   1 
ATOM   444  C  CB  . ILE A 1 55  ? -2.017  -7.270  3.362   1.00 63.59 ? 54  ILE A CB  1 
ATOM   445  C  CG1 . ILE A 1 55  ? -1.781  -7.368  4.874   1.00 64.82 ? 54  ILE A CG1 1 
ATOM   446  C  CG2 . ILE A 1 55  ? -1.750  -5.866  2.882   1.00 59.64 ? 54  ILE A CG2 1 
ATOM   447  C  CD1 . ILE A 1 55  ? -0.336  -7.104  5.281   1.00 66.81 ? 54  ILE A CD1 1 
HETATM 448  N  N   . MSE A 1 56  ? -3.706  -9.911  2.077   1.00 66.99 ? 55  MSE A N   1 
HETATM 449  C  CA  . MSE A 1 56  ? -4.005  -11.321 2.141   1.00 67.02 ? 55  MSE A CA  1 
HETATM 450  C  C   . MSE A 1 56  ? -3.187  -12.144 1.157   1.00 66.84 ? 55  MSE A C   1 
HETATM 451  O  O   . MSE A 1 56  ? -2.586  -11.611 0.237   1.00 67.34 ? 55  MSE A O   1 
HETATM 452  C  CB  . MSE A 1 56  ? -5.509  -11.506 1.938   1.00 67.25 ? 55  MSE A CB  1 
HETATM 453  C  CG  . MSE A 1 56  ? -6.071  -10.848 0.688   1.00 72.92 ? 55  MSE A CG  1 
HETATM 454  SE SE  . MSE A 1 56  ? -8.031  -10.603 0.731   0.75 64.87 ? 55  MSE A SE  1 
HETATM 455  C  CE  . MSE A 1 56  ? -8.219  -10.305 -1.274  1.00 66.41 ? 55  MSE A CE  1 
ATOM   456  N  N   . SER A 1 57  ? -3.136  -13.444 1.402   1.00 66.35 ? 56  SER A N   1 
ATOM   457  C  CA  . SER A 1 57  ? -2.423  -14.360 0.543   1.00 66.33 ? 56  SER A CA  1 
ATOM   458  C  C   . SER A 1 57  ? -3.091  -15.714 0.592   1.00 66.87 ? 56  SER A C   1 
ATOM   459  O  O   . SER A 1 57  ? -3.730  -16.052 1.584   1.00 67.25 ? 56  SER A O   1 
ATOM   460  C  CB  . SER A 1 57  ? -0.983  -14.533 1.029   1.00 66.33 ? 56  SER A CB  1 
ATOM   461  O  OG  . SER A 1 57  ? -0.927  -15.287 2.232   1.00 64.79 ? 56  SER A OG  1 
ATOM   462  N  N   . ARG A 1 58  ? -3.013  -16.453 -0.503  1.00 67.32 ? 57  ARG A N   1 
ATOM   463  C  CA  . ARG A 1 58  ? -3.389  -17.849 -0.450  1.00 68.67 ? 57  ARG A CA  1 
ATOM   464  C  C   . ARG A 1 58  ? -2.628  -18.610 -1.514  1.00 67.51 ? 57  ARG A C   1 
ATOM   465  O  O   . ARG A 1 58  ? -2.385  -18.107 -2.615  1.00 65.03 ? 57  ARG A O   1 
ATOM   466  C  CB  . ARG A 1 58  ? -4.898  -18.145 -0.451  1.00 70.15 ? 57  ARG A CB  1 
ATOM   467  C  CG  . ARG A 1 58  ? -5.618  -17.963 -1.729  1.00 73.65 ? 57  ARG A CG  1 
ATOM   468  C  CD  . ARG A 1 58  ? -6.917  -18.771 -1.752  1.00 70.06 ? 57  ARG A CD  1 
ATOM   469  N  NE  . ARG A 1 58  ? -7.674  -18.287 -2.899  1.00 73.82 ? 57  ARG A NE  1 
ATOM   470  C  CZ  . ARG A 1 58  ? -8.671  -17.417 -2.831  1.00 72.70 ? 57  ARG A CZ  1 
ATOM   471  N  NH1 . ARG A 1 58  ? -9.147  -17.006 -1.657  1.00 73.74 ? 57  ARG A NH1 1 
ATOM   472  N  NH2 . ARG A 1 58  ? -9.239  -17.009 -3.956  1.00 73.53 ? 57  ARG A NH2 1 
ATOM   473  N  N   . THR A 1 59  ? -2.257  -19.833 -1.140  1.00 68.20 ? 58  THR A N   1 
ATOM   474  C  CA  . THR A 1 59  ? -1.415  -20.695 -1.949  1.00 67.60 ? 58  THR A CA  1 
ATOM   475  C  C   . THR A 1 59  ? -1.805  -20.739 -3.438  1.00 67.15 ? 58  THR A C   1 
ATOM   476  O  O   . THR A 1 59  ? -0.912  -20.790 -4.274  1.00 66.33 ? 58  THR A O   1 
ATOM   477  C  CB  . THR A 1 59  ? -1.231  -22.092 -1.274  1.00 67.36 ? 58  THR A CB  1 
ATOM   478  O  OG1 . THR A 1 59  ? -2.498  -22.566 -0.822  1.00 67.73 ? 58  THR A OG1 1 
ATOM   479  C  CG2 . THR A 1 59  ? -0.295  -21.981 -0.044  1.00 62.95 ? 58  THR A CG2 1 
ATOM   480  N  N   . ASP A 1 60  ? -3.094  -20.643 -3.788  1.00 66.62 ? 59  ASP A N   1 
ATOM   481  C  CA  . ASP A 1 60  ? -3.468  -20.633 -5.224  1.00 66.85 ? 59  ASP A CA  1 
ATOM   482  C  C   . ASP A 1 60  ? -3.357  -19.258 -5.948  1.00 67.33 ? 59  ASP A C   1 
ATOM   483  O  O   . ASP A 1 60  ? -3.213  -19.229 -7.172  1.00 67.16 ? 59  ASP A O   1 
ATOM   484  C  CB  . ASP A 1 60  ? -4.834  -21.290 -5.479  1.00 65.73 ? 59  ASP A CB  1 
ATOM   485  C  CG  . ASP A 1 60  ? -5.998  -20.439 -5.057  1.00 67.39 ? 59  ASP A CG  1 
ATOM   486  O  OD1 . ASP A 1 60  ? -5.925  -19.196 -5.123  1.00 72.22 ? 59  ASP A OD1 1 
ATOM   487  O  OD2 . ASP A 1 60  ? -7.024  -21.031 -4.684  1.00 74.70 ? 59  ASP A OD2 1 
ATOM   488  N  N   . VAL A 1 61  ? -3.437  -18.136 -5.221  1.00 67.83 ? 60  VAL A N   1 
ATOM   489  C  CA  . VAL A 1 61  ? -3.312  -16.801 -5.852  1.00 67.25 ? 60  VAL A CA  1 
ATOM   490  C  C   . VAL A 1 61  ? -1.833  -16.532 -6.104  1.00 67.22 ? 60  VAL A C   1 
ATOM   491  O  O   . VAL A 1 61  ? -1.091  -16.114 -5.222  1.00 66.18 ? 60  VAL A O   1 
ATOM   492  C  CB  . VAL A 1 61  ? -3.958  -15.681 -5.033  1.00 67.68 ? 60  VAL A CB  1 
ATOM   493  C  CG1 . VAL A 1 61  ? -3.641  -14.322 -5.660  1.00 64.29 ? 60  VAL A CG1 1 
ATOM   494  C  CG2 . VAL A 1 61  ? -5.480  -15.914 -4.930  1.00 67.93 ? 60  VAL A CG2 1 
ATOM   495  N  N   . THR A 1 62  ? -1.447  -16.724 -7.356  1.00 68.47 ? 61  THR A N   1 
ATOM   496  C  CA  . THR A 1 62  ? -0.054  -16.770 -7.730  1.00 69.09 ? 61  THR A CA  1 
ATOM   497  C  C   . THR A 1 62  ? 0.424   -15.887 -8.897  1.00 69.84 ? 61  THR A C   1 
ATOM   498  O  O   . THR A 1 62  ? 1.591   -15.488 -8.923  1.00 68.97 ? 61  THR A O   1 
ATOM   499  C  CB  . THR A 1 62  ? 0.244   -18.245 -8.069  1.00 67.97 ? 61  THR A CB  1 
ATOM   500  O  OG1 . THR A 1 62  ? 1.587   -18.358 -8.506  1.00 70.63 ? 61  THR A OG1 1 
ATOM   501  C  CG2 . THR A 1 62  ? -0.697  -18.780 -9.171  1.00 64.96 ? 61  THR A CG2 1 
ATOM   502  N  N   . GLY A 1 63  ? -0.460  -15.582 -9.848  1.00 71.36 ? 62  GLY A N   1 
ATOM   503  C  CA  . GLY A 1 63  ? -0.096  -14.816 -11.050 1.00 72.01 ? 62  GLY A CA  1 
ATOM   504  C  C   . GLY A 1 63  ? 0.202   -13.337 -10.878 1.00 73.04 ? 62  GLY A C   1 
ATOM   505  O  O   . GLY A 1 63  ? -0.444  -12.670 -10.084 1.00 74.31 ? 62  GLY A O   1 
ATOM   506  N  N   . LYS A 1 64  ? 1.193   -12.838 -11.627 1.00 74.60 ? 63  LYS A N   1 
ATOM   507  C  CA  . LYS A 1 64  ? 1.594   -11.415 -11.631 1.00 75.17 ? 63  LYS A CA  1 
ATOM   508  C  C   . LYS A 1 64  ? 1.017   -10.744 -12.910 1.00 76.65 ? 63  LYS A C   1 
ATOM   509  O  O   . LYS A 1 64  ? 0.943   -11.382 -13.966 1.00 74.96 ? 63  LYS A O   1 
ATOM   510  C  CB  . LYS A 1 64  ? 3.137   -11.266 -11.603 1.00 74.27 ? 63  LYS A CB  1 
ATOM   511  C  CG  . LYS A 1 64  ? 3.882   -11.917 -10.423 1.00 68.78 ? 63  LYS A CG  1 
ATOM   512  N  N   . THR A 1 65  ? 0.598   -9.478  -12.809 1.00 78.48 ? 64  THR A N   1 
ATOM   513  C  CA  . THR A 1 65  ? 0.064   -8.724  -13.960 1.00 79.11 ? 64  THR A CA  1 
ATOM   514  C  C   . THR A 1 65  ? 1.181   -7.854  -14.581 1.00 79.57 ? 64  THR A C   1 
ATOM   515  O  O   . THR A 1 65  ? 1.885   -7.135  -13.867 1.00 77.29 ? 64  THR A O   1 
ATOM   516  C  CB  . THR A 1 65  ? -1.153  -7.844  -13.562 1.00 79.70 ? 64  THR A CB  1 
ATOM   517  O  OG1 . THR A 1 65  ? -0.745  -6.846  -12.615 1.00 82.28 ? 64  THR A OG1 1 
ATOM   518  C  CG2 . THR A 1 65  ? -2.282  -8.702  -12.964 1.00 79.90 ? 64  THR A CG2 1 
ATOM   519  N  N   . THR A 1 66  ? 1.306   -7.905  -15.912 1.00 81.74 ? 65  THR A N   1 
ATOM   520  C  CA  . THR A 1 66  ? 2.402   -7.228  -16.648 1.00 82.44 ? 65  THR A CA  1 
ATOM   521  C  C   . THR A 1 66  ? 2.548   -5.692  -16.445 1.00 83.25 ? 65  THR A C   1 
ATOM   522  O  O   . THR A 1 66  ? 3.509   -5.268  -15.803 1.00 84.51 ? 65  THR A O   1 
ATOM   523  C  CB  . THR A 1 66  ? 2.417   -7.603  -18.197 1.00 83.74 ? 65  THR A CB  1 
ATOM   524  O  OG1 . THR A 1 66  ? 1.259   -7.074  -18.854 1.00 88.36 ? 65  THR A OG1 1 
ATOM   525  C  CG2 . THR A 1 66  ? 2.492   -9.144  -18.435 1.00 79.07 ? 65  THR A CG2 1 
ATOM   526  N  N   . GLY A 1 67  ? 1.625   -4.865  -16.947 1.00 82.49 ? 66  GLY A N   1 
ATOM   527  C  CA  . GLY A 1 67  ? 1.803   -3.393  -16.862 1.00 82.12 ? 66  GLY A CA  1 
ATOM   528  C  C   . GLY A 1 67  ? 0.727   -2.588  -16.147 1.00 82.92 ? 66  GLY A C   1 
ATOM   529  O  O   . GLY A 1 67  ? 0.525   -2.769  -14.944 1.00 83.99 ? 66  GLY A O   1 
ATOM   530  N  N   . GLU A 1 68  ? 0.105   -1.641  -16.870 1.00 82.26 ? 67  GLU A N   1 
ATOM   531  C  CA  . GLU A 1 68  ? -1.044  -0.839  -16.374 1.00 80.92 ? 67  GLU A CA  1 
ATOM   532  C  C   . GLU A 1 68  ? -2.290  -1.276  -17.154 1.00 77.96 ? 67  GLU A C   1 
ATOM   533  O  O   . GLU A 1 68  ? -2.408  -1.046  -18.352 1.00 76.04 ? 67  GLU A O   1 
ATOM   534  C  CB  . GLU A 1 68  ? -0.811  0.671   -16.463 1.00 79.70 ? 67  GLU A CB  1 
ATOM   535  C  CG  . GLU A 1 68  ? -0.041  1.219   -15.263 1.00 82.97 ? 67  GLU A CG  1 
ATOM   536  C  CD  . GLU A 1 68  ? 0.020   2.756   -15.208 1.00 84.06 ? 67  GLU A CD  1 
ATOM   537  O  OE1 . GLU A 1 68  ? 0.237   3.398   -16.270 1.00 84.86 ? 67  GLU A OE1 1 
ATOM   538  O  OE2 . GLU A 1 68  ? -0.127  3.315   -14.089 1.00 81.69 ? 67  GLU A OE2 1 
ATOM   539  N  N   . ASN A 1 69  ? -3.214  -1.908  -16.430 1.00 76.31 ? 68  ASN A N   1 
ATOM   540  C  CA  . ASN A 1 69  ? -4.388  -2.553  -16.999 1.00 73.53 ? 68  ASN A CA  1 
ATOM   541  C  C   . ASN A 1 69  ? -5.714  -2.134  -16.374 1.00 71.51 ? 68  ASN A C   1 
ATOM   542  O  O   . ASN A 1 69  ? -5.741  -1.550  -15.277 1.00 70.93 ? 68  ASN A O   1 
ATOM   543  C  CB  . ASN A 1 69  ? -4.227  -4.054  -16.764 1.00 73.82 ? 68  ASN A CB  1 
ATOM   544  C  CG  . ASN A 1 69  ? -2.950  -4.600  -17.349 1.00 73.24 ? 68  ASN A CG  1 
ATOM   545  O  OD1 . ASN A 1 69  ? -2.727  -4.515  -18.555 1.00 70.59 ? 68  ASN A OD1 1 
ATOM   546  N  ND2 . ASN A 1 69  ? -2.110  -5.183  -16.501 1.00 72.05 ? 68  ASN A ND2 1 
ATOM   547  N  N   . LEU A 1 70  ? -6.808  -2.467  -17.072 1.00 68.59 ? 69  LEU A N   1 
ATOM   548  C  CA  . LEU A 1 70  ? -8.162  -2.214  -16.578 1.00 66.61 ? 69  LEU A CA  1 
ATOM   549  C  C   . LEU A 1 70  ? -8.302  -2.958  -15.251 1.00 66.47 ? 69  LEU A C   1 
ATOM   550  O  O   . LEU A 1 70  ? -7.836  -4.086  -15.116 1.00 67.37 ? 69  LEU A O   1 
ATOM   551  C  CB  . LEU A 1 70  ? -9.224  -2.686  -17.581 1.00 64.71 ? 69  LEU A CB  1 
ATOM   552  C  CG  . LEU A 1 70  ? -9.289  -1.982  -18.946 1.00 64.00 ? 69  LEU A CG  1 
ATOM   553  C  CD1 . LEU A 1 70  ? -10.329 -2.623  -19.871 1.00 58.92 ? 69  LEU A CD1 1 
ATOM   554  C  CD2 . LEU A 1 70  ? -9.575  -0.498  -18.790 1.00 57.68 ? 69  LEU A CD2 1 
ATOM   555  N  N   . GLY A 1 71  ? -8.911  -2.312  -14.265 1.00 66.33 ? 70  GLY A N   1 
ATOM   556  C  CA  . GLY A 1 71  ? -9.090  -2.909  -12.943 1.00 66.55 ? 70  GLY A CA  1 
ATOM   557  C  C   . GLY A 1 71  ? -8.546  -1.982  -11.885 1.00 67.37 ? 70  GLY A C   1 
ATOM   558  O  O   . GLY A 1 71  ? -8.223  -0.831  -12.180 1.00 67.78 ? 70  GLY A O   1 
ATOM   559  N  N   . TRP A 1 72  ? -8.411  -2.479  -10.659 1.00 67.43 ? 71  TRP A N   1 
ATOM   560  C  CA  . TRP A 1 72  ? -7.934  -1.639  -9.559  1.00 68.27 ? 71  TRP A CA  1 
ATOM   561  C  C   . TRP A 1 72  ? -6.536  -1.111  -9.858  1.00 68.85 ? 71  TRP A C   1 
ATOM   562  O  O   . TRP A 1 72  ? -5.654  -1.882  -10.169 1.00 69.74 ? 71  TRP A O   1 
ATOM   563  C  CB  . TRP A 1 72  ? -8.002  -2.408  -8.248  1.00 68.69 ? 71  TRP A CB  1 
ATOM   564  C  CG  . TRP A 1 72  ? -9.390  -2.850  -7.972  1.00 68.43 ? 71  TRP A CG  1 
ATOM   565  C  CD1 . TRP A 1 72  ? -9.860  -4.117  -8.002  1.00 70.75 ? 71  TRP A CD1 1 
ATOM   566  C  CD2 . TRP A 1 72  ? -10.518 -2.006  -7.697  1.00 71.28 ? 71  TRP A CD2 1 
ATOM   567  N  NE1 . TRP A 1 72  ? -11.209 -4.133  -7.729  1.00 71.91 ? 71  TRP A NE1 1 
ATOM   568  C  CE2 . TRP A 1 72  ? -11.640 -2.849  -7.542  1.00 71.33 ? 71  TRP A CE2 1 
ATOM   569  C  CE3 . TRP A 1 72  ? -10.685 -0.622  -7.547  1.00 71.55 ? 71  TRP A CE3 1 
ATOM   570  C  CZ2 . TRP A 1 72  ? -12.915 -2.357  -7.248  1.00 73.15 ? 71  TRP A CZ2 1 
ATOM   571  C  CZ3 . TRP A 1 72  ? -11.956 -0.129  -7.255  1.00 71.49 ? 71  TRP A CZ3 1 
ATOM   572  C  CH2 . TRP A 1 72  ? -13.054 -0.996  -7.107  1.00 71.81 ? 71  TRP A CH2 1 
ATOM   573  N  N   . ALA A 1 73  ? -6.351  0.207   -9.767  1.00 70.36 ? 72  ALA A N   1 
ATOM   574  C  CA  . ALA A 1 73  ? -5.099  0.874   -10.174 1.00 70.46 ? 72  ALA A CA  1 
ATOM   575  C  C   . ALA A 1 73  ? -4.072  1.144   -9.072  1.00 71.17 ? 72  ALA A C   1 
ATOM   576  O  O   . ALA A 1 73  ? -2.899  0.802   -9.224  1.00 72.06 ? 72  ALA A O   1 
ATOM   577  C  CB  . ALA A 1 73  ? -5.431  2.182   -10.879 1.00 70.71 ? 72  ALA A CB  1 
ATOM   578  N  N   . HIS A 1 74  ? -4.492  1.807   -7.999  1.00 70.41 ? 73  HIS A N   1 
ATOM   579  C  CA  . HIS A 1 74  ? -3.587  2.141   -6.904  1.00 69.23 ? 73  HIS A CA  1 
ATOM   580  C  C   . HIS A 1 74  ? -4.373  2.596   -5.692  1.00 67.62 ? 73  HIS A C   1 
ATOM   581  O  O   . HIS A 1 74  ? -5.598  2.605   -5.700  1.00 66.43 ? 73  HIS A O   1 
ATOM   582  C  CB  . HIS A 1 74  ? -2.624  3.269   -7.335  1.00 71.43 ? 73  HIS A CB  1 
ATOM   583  C  CG  . HIS A 1 74  ? -3.297  4.581   -7.654  1.00 75.74 ? 73  HIS A CG  1 
ATOM   584  N  ND1 . HIS A 1 74  ? -3.529  5.006   -8.946  1.00 77.98 ? 73  HIS A ND1 1 
ATOM   585  C  CD2 . HIS A 1 74  ? -3.765  5.568   -6.845  1.00 77.01 ? 73  HIS A CD2 1 
ATOM   586  C  CE1 . HIS A 1 74  ? -4.122  6.190   -8.916  1.00 82.50 ? 73  HIS A CE1 1 
ATOM   587  N  NE2 . HIS A 1 74  ? -4.279  6.554   -7.653  1.00 77.13 ? 73  HIS A NE2 1 
ATOM   588  N  N   . ILE A 1 75  ? -3.669  2.939   -4.628  1.00 67.09 ? 74  ILE A N   1 
ATOM   589  C  CA  . ILE A 1 75  ? -4.318  3.563   -3.489  1.00 67.04 ? 74  ILE A CA  1 
ATOM   590  C  C   . ILE A 1 75  ? -3.473  4.799   -3.191  1.00 68.00 ? 74  ILE A C   1 
ATOM   591  O  O   . ILE A 1 75  ? -2.305  4.864   -3.569  1.00 69.94 ? 74  ILE A O   1 
ATOM   592  C  CB  . ILE A 1 75  ? -4.504  2.624   -2.261  1.00 66.59 ? 74  ILE A CB  1 
ATOM   593  C  CG1 . ILE A 1 75  ? -3.185  2.318   -1.559  1.00 66.87 ? 74  ILE A CG1 1 
ATOM   594  C  CG2 . ILE A 1 75  ? -5.182  1.328   -2.668  1.00 64.41 ? 74  ILE A CG2 1 
ATOM   595  C  CD1 . ILE A 1 75  ? -3.391  1.567   -0.245  1.00 66.11 ? 74  ILE A CD1 1 
ATOM   596  N  N   . ALA A 1 76  ? -4.070  5.805   -2.574  1.00 67.22 ? 75  ALA A N   1 
ATOM   597  C  CA  . ALA A 1 76  ? -3.348  7.008   -2.243  1.00 65.93 ? 75  ALA A CA  1 
ATOM   598  C  C   . ALA A 1 76  ? -3.402  7.164   -0.728  1.00 66.71 ? 75  ALA A C   1 
ATOM   599  O  O   . ALA A 1 76  ? -4.490  7.118   -0.156  1.00 68.33 ? 75  ALA A O   1 
ATOM   600  C  CB  . ALA A 1 76  ? -3.978  8.206   -2.940  1.00 63.16 ? 75  ALA A CB  1 
ATOM   601  N  N   . ILE A 1 77  ? -2.241  7.273   -0.077  1.00 66.05 ? 76  ILE A N   1 
ATOM   602  C  CA  . ILE A 1 77  ? -2.184  7.553   1.361   1.00 66.44 ? 76  ILE A CA  1 
ATOM   603  C  C   . ILE A 1 77  ? -1.797  9.034   1.517   1.00 66.33 ? 76  ILE A C   1 
ATOM   604  O  O   . ILE A 1 77  ? -0.799  9.482   0.957   1.00 65.52 ? 76  ILE A O   1 
ATOM   605  C  CB  . ILE A 1 77  ? -1.155  6.670   2.141   1.00 66.79 ? 76  ILE A CB  1 
ATOM   606  C  CG1 . ILE A 1 77  ? -1.590  5.205   2.234   1.00 66.58 ? 76  ILE A CG1 1 
ATOM   607  C  CG2 . ILE A 1 77  ? -0.963  7.169   3.572   1.00 65.59 ? 76  ILE A CG2 1 
ATOM   608  C  CD1 . ILE A 1 77  ? -1.225  4.397   1.065   1.00 68.71 ? 76  ILE A CD1 1 
ATOM   609  N  N   . SER A 1 78  ? -2.587  9.794   2.266   1.00 66.98 ? 77  SER A N   1 
ATOM   610  C  CA  . SER A 1 78  ? -2.280  11.197  2.486   1.00 68.71 ? 77  SER A CA  1 
ATOM   611  C  C   . SER A 1 78  ? -1.451  11.297  3.751   1.00 68.67 ? 77  SER A C   1 
ATOM   612  O  O   . SER A 1 78  ? -1.632  10.509  4.679   1.00 68.11 ? 77  SER A O   1 
ATOM   613  C  CB  . SER A 1 78  ? -3.543  12.044  2.624   1.00 69.18 ? 77  SER A CB  1 
ATOM   614  O  OG  . SER A 1 78  ? -4.292  11.651  3.760   1.00 75.32 ? 77  SER A OG  1 
ATOM   615  N  N   . THR A 1 79  ? -0.542  12.269  3.766   1.00 69.20 ? 78  THR A N   1 
ATOM   616  C  CA  . THR A 1 79  ? 0.360   12.501  4.888   1.00 68.26 ? 78  THR A CA  1 
ATOM   617  C  C   . THR A 1 79  ? 0.070   13.821  5.588   1.00 67.82 ? 78  THR A C   1 
ATOM   618  O  O   . THR A 1 79  ? 0.675   14.122  6.621   1.00 68.47 ? 78  THR A O   1 
ATOM   619  C  CB  . THR A 1 79  ? 1.832   12.498  4.420   1.00 68.52 ? 78  THR A CB  1 
ATOM   620  O  OG1 . THR A 1 79  ? 2.056   13.598  3.522   1.00 69.78 ? 78  THR A OG1 1 
ATOM   621  C  CG2 . THR A 1 79  ? 2.170   11.169  3.730   1.00 66.02 ? 78  THR A CG2 1 
ATOM   622  N  N   . GLY A 1 80  ? -0.829  14.621  5.019   1.00 67.32 ? 79  GLY A N   1 
ATOM   623  C  CA  . GLY A 1 80  ? -1.240  15.876  5.634   1.00 66.31 ? 79  GLY A CA  1 
ATOM   624  C  C   . GLY A 1 80  ? -0.585  17.144  5.118   1.00 67.40 ? 79  GLY A C   1 
ATOM   625  O  O   . GLY A 1 80  ? -1.212  18.202  5.141   1.00 69.06 ? 79  GLY A O   1 
ATOM   626  N  N   . THR A 1 81  ? 0.663   17.065  4.655   1.00 66.98 ? 80  THR A N   1 
ATOM   627  C  CA  . THR A 1 81  ? 1.366   18.252  4.173   1.00 65.51 ? 80  THR A CA  1 
ATOM   628  C  C   . THR A 1 81  ? 2.331   17.935  3.052   1.00 66.19 ? 80  THR A C   1 
ATOM   629  O  O   . THR A 1 81  ? 2.671   16.780  2.821   1.00 66.51 ? 80  THR A O   1 
ATOM   630  C  CB  . THR A 1 81  ? 2.191   18.923  5.306   1.00 64.91 ? 80  THR A CB  1 
ATOM   631  O  OG1 . THR A 1 81  ? 3.192   18.013  5.791   1.00 63.24 ? 80  THR A OG1 1 
ATOM   632  C  CG2 . THR A 1 81  ? 1.303   19.353  6.454   1.00 59.74 ? 80  THR A CG2 1 
ATOM   633  N  N   . LYS A 1 82  ? 2.775   18.986  2.370   1.00 67.44 ? 81  LYS A N   1 
ATOM   634  C  CA  . LYS A 1 82  ? 3.762   18.872  1.308   1.00 67.83 ? 81  LYS A CA  1 
ATOM   635  C  C   . LYS A 1 82  ? 5.082   18.337  1.892   1.00 69.56 ? 81  LYS A C   1 
ATOM   636  O  O   . LYS A 1 82  ? 5.707   17.398  1.368   1.00 69.27 ? 81  LYS A O   1 
ATOM   637  C  CB  . LYS A 1 82  ? 4.054   20.252  0.709   1.00 67.51 ? 81  LYS A CB  1 
ATOM   638  C  CG  . LYS A 1 82  ? 4.989   20.168  -0.473  1.00 66.71 ? 81  LYS A CG  1 
ATOM   639  C  CD  . LYS A 1 82  ? 6.025   21.255  -0.542  1.00 64.11 ? 81  LYS A CD  1 
ATOM   640  C  CE  . LYS A 1 82  ? 7.054   20.867  -1.589  1.00 63.17 ? 81  LYS A CE  1 
ATOM   641  N  NZ  . LYS A 1 82  ? 8.301   21.610  -1.479  1.00 64.59 ? 81  LYS A NZ  1 
ATOM   642  N  N   . GLU A 1 83  ? 5.503   18.971  2.983   1.00 70.65 ? 82  GLU A N   1 
ATOM   643  C  CA  . GLU A 1 83  ? 6.730   18.601  3.657   1.00 70.61 ? 82  GLU A CA  1 
ATOM   644  C  C   . GLU A 1 83  ? 6.707   17.103  3.993   1.00 68.58 ? 82  GLU A C   1 
ATOM   645  O  O   . GLU A 1 83  ? 7.711   16.418  3.826   1.00 68.74 ? 82  GLU A O   1 
ATOM   646  C  CB  . GLU A 1 83  ? 6.910   19.472  4.907   1.00 70.31 ? 82  GLU A CB  1 
ATOM   647  C  CG  . GLU A 1 83  ? 8.227   19.251  5.664   1.00 76.89 ? 82  GLU A CG  1 
ATOM   648  C  CD  . GLU A 1 83  ? 8.476   20.301  6.755   1.00 75.41 ? 82  GLU A CD  1 
ATOM   649  O  OE1 . GLU A 1 83  ? 7.498   20.753  7.396   1.00 85.57 ? 82  GLU A OE1 1 
ATOM   650  O  OE2 . GLU A 1 83  ? 9.655   20.676  6.966   1.00 79.51 ? 82  GLU A OE2 1 
ATOM   651  N  N   . ALA A 1 84  ? 5.555   16.588  4.427   1.00 67.30 ? 83  ALA A N   1 
ATOM   652  C  CA  . ALA A 1 84  ? 5.442   15.169  4.797   1.00 65.47 ? 83  ALA A CA  1 
ATOM   653  C  C   . ALA A 1 84  ? 5.657   14.246  3.609   1.00 65.74 ? 83  ALA A C   1 
ATOM   654  O  O   . ALA A 1 84  ? 6.231   13.171  3.772   1.00 66.83 ? 83  ALA A O   1 
ATOM   655  C  CB  . ALA A 1 84  ? 4.111   14.880  5.468   1.00 62.88 ? 83  ALA A CB  1 
ATOM   656  N  N   . VAL A 1 85  ? 5.201   14.650  2.425   1.00 65.27 ? 84  VAL A N   1 
ATOM   657  C  CA  . VAL A 1 85  ? 5.389   13.826  1.228   1.00 65.32 ? 84  VAL A CA  1 
ATOM   658  C  C   . VAL A 1 85  ? 6.876   13.746  0.874   1.00 65.99 ? 84  VAL A C   1 
ATOM   659  O  O   . VAL A 1 85  ? 7.413   12.673  0.566   1.00 65.78 ? 84  VAL A O   1 
ATOM   660  C  CB  . VAL A 1 85  ? 4.571   14.358  0.019   1.00 65.30 ? 84  VAL A CB  1 
ATOM   661  C  CG1 . VAL A 1 85  ? 5.073   13.748  -1.309  1.00 61.90 ? 84  VAL A CG1 1 
ATOM   662  C  CG2 . VAL A 1 85  ? 3.079   14.084  0.227   1.00 63.54 ? 84  VAL A CG2 1 
ATOM   663  N  N   . ASP A 1 86  ? 7.539   14.892  0.935   1.00 66.13 ? 85  ASP A N   1 
ATOM   664  C  CA  . ASP A 1 86  ? 8.957   14.953  0.613   1.00 66.29 ? 85  ASP A CA  1 
ATOM   665  C  C   . ASP A 1 86  ? 9.764   14.088  1.582   1.00 66.10 ? 85  ASP A C   1 
ATOM   666  O  O   . ASP A 1 86  ? 10.588  13.287  1.145   1.00 65.72 ? 85  ASP A O   1 
ATOM   667  C  CB  . ASP A 1 86  ? 9.465   16.409  0.647   1.00 66.11 ? 85  ASP A CB  1 
ATOM   668  C  CG  . ASP A 1 86  ? 8.761   17.318  -0.369  1.00 66.81 ? 85  ASP A CG  1 
ATOM   669  O  OD1 . ASP A 1 86  ? 8.282   16.818  -1.412  1.00 65.84 ? 85  ASP A OD1 1 
ATOM   670  O  OD2 . ASP A 1 86  ? 8.701   18.544  -0.125  1.00 67.21 ? 85  ASP A OD2 1 
ATOM   671  N  N   . GLU A 1 87  ? 9.512   14.256  2.889   1.00 66.44 ? 86  GLU A N   1 
ATOM   672  C  CA  . GLU A 1 87  ? 10.240  13.523  3.942   1.00 65.65 ? 86  GLU A CA  1 
ATOM   673  C  C   . GLU A 1 87  ? 10.059  12.003  3.754   1.00 64.95 ? 86  GLU A C   1 
ATOM   674  O  O   . GLU A 1 87  ? 11.044  11.263  3.723   1.00 65.18 ? 86  GLU A O   1 
ATOM   675  C  CB  . GLU A 1 87  ? 9.872   14.002  5.395   1.00 65.76 ? 86  GLU A CB  1 
ATOM   676  C  CG  . GLU A 1 87  ? 10.466  15.412  5.863   1.00 70.10 ? 86  GLU A CG  1 
ATOM   677  C  CD  . GLU A 1 87  ? 10.214  15.763  7.348   1.00 64.41 ? 86  GLU A CD  1 
ATOM   678  N  N   . LEU A 1 88  ? 8.822   11.549  3.563   1.00 64.46 ? 87  LEU A N   1 
ATOM   679  C  CA  . LEU A 1 88  ? 8.556   10.106  3.417   1.00 64.10 ? 87  LEU A CA  1 
ATOM   680  C  C   . LEU A 1 88  ? 9.112   9.541   2.106   1.00 65.08 ? 87  LEU A C   1 
ATOM   681  O  O   . LEU A 1 88  ? 9.634   8.431   2.086   1.00 66.03 ? 87  LEU A O   1 
ATOM   682  C  CB  . LEU A 1 88  ? 7.055   9.787   3.565   1.00 62.20 ? 87  LEU A CB  1 
ATOM   683  C  CG  . LEU A 1 88  ? 6.649   8.306   3.551   1.00 63.76 ? 87  LEU A CG  1 
ATOM   684  C  CD1 . LEU A 1 88  ? 7.479   7.481   4.549   1.00 55.44 ? 87  LEU A CD1 1 
ATOM   685  C  CD2 . LEU A 1 88  ? 5.142   8.119   3.808   1.00 61.00 ? 87  LEU A CD2 1 
ATOM   686  N  N   . THR A 1 89  ? 9.011   10.294  1.017   1.00 65.61 ? 88  THR A N   1 
ATOM   687  C  CA  . THR A 1 89  ? 9.532   9.826   -0.266  1.00 65.98 ? 88  THR A CA  1 
ATOM   688  C  C   . THR A 1 89  ? 11.049  9.607   -0.190  1.00 68.08 ? 88  THR A C   1 
ATOM   689  O  O   . THR A 1 89  ? 11.587  8.677   -0.792  1.00 70.00 ? 88  THR A O   1 
ATOM   690  C  CB  . THR A 1 89  ? 9.195   10.807  -1.390  1.00 65.87 ? 88  THR A CB  1 
ATOM   691  O  OG1 . THR A 1 89  ? 7.775   11.009  -1.426  1.00 65.76 ? 88  THR A OG1 1 
ATOM   692  C  CG2 . THR A 1 89  ? 9.680   10.287  -2.739  1.00 61.33 ? 88  THR A CG2 1 
ATOM   693  N  N   . GLU A 1 90  ? 11.732  10.449  0.571   1.00 69.44 ? 89  GLU A N   1 
ATOM   694  C  CA  . GLU A 1 90  ? 13.176  10.320  0.748   1.00 70.62 ? 89  GLU A CA  1 
ATOM   695  C  C   . GLU A 1 90  ? 13.585  9.190   1.670   1.00 70.42 ? 89  GLU A C   1 
ATOM   696  O  O   . GLU A 1 90  ? 14.650  8.601   1.489   1.00 70.51 ? 89  GLU A O   1 
ATOM   697  C  CB  . GLU A 1 90  ? 13.761  11.632  1.258   1.00 71.09 ? 89  GLU A CB  1 
ATOM   698  C  CG  . GLU A 1 90  ? 13.910  12.619  0.155   1.00 74.13 ? 89  GLU A CG  1 
ATOM   699  C  CD  . GLU A 1 90  ? 14.912  12.140  -0.888  1.00 82.09 ? 89  GLU A CD  1 
ATOM   700  O  OE1 . GLU A 1 90  ? 15.846  11.352  -0.544  1.00 80.23 ? 89  GLU A OE1 1 
ATOM   701  O  OE2 . GLU A 1 90  ? 14.758  12.569  -2.049  1.00 82.14 ? 89  GLU A OE2 1 
ATOM   702  N  N   . LYS A 1 91  ? 12.757  8.909   2.668   1.00 70.15 ? 90  LYS A N   1 
ATOM   703  C  CA  . LYS A 1 91  ? 13.041  7.829   3.596   1.00 71.95 ? 90  LYS A CA  1 
ATOM   704  C  C   . LYS A 1 91  ? 12.935  6.522   2.802   1.00 70.80 ? 90  LYS A C   1 
ATOM   705  O  O   . LYS A 1 91  ? 13.775  5.625   2.935   1.00 70.80 ? 90  LYS A O   1 
ATOM   706  C  CB  . LYS A 1 91  ? 12.059  7.856   4.775   1.00 71.75 ? 90  LYS A CB  1 
ATOM   707  C  CG  . LYS A 1 91  ? 12.433  6.972   5.966   1.00 74.24 ? 90  LYS A CG  1 
ATOM   708  C  CD  . LYS A 1 91  ? 11.256  6.876   6.977   1.00 76.47 ? 90  LYS A CD  1 
ATOM   709  C  CE  . LYS A 1 91  ? 11.552  5.901   8.159   1.00 82.18 ? 90  LYS A CE  1 
ATOM   710  N  NZ  . LYS A 1 91  ? 10.310  5.448   8.901   1.00 77.05 ? 90  LYS A NZ  1 
ATOM   711  N  N   . LEU A 1 92  ? 11.909  6.444   1.958   1.00 69.56 ? 91  LEU A N   1 
ATOM   712  C  CA  . LEU A 1 92  ? 11.678  5.277   1.117   1.00 68.34 ? 91  LEU A CA  1 
ATOM   713  C  C   . LEU A 1 92  ? 12.788  5.134   0.078   1.00 68.13 ? 91  LEU A C   1 
ATOM   714  O  O   . LEU A 1 92  ? 13.261  4.027   -0.179  1.00 68.20 ? 91  LEU A O   1 
ATOM   715  C  CB  . LEU A 1 92  ? 10.300  5.347   0.445   1.00 67.51 ? 91  LEU A CB  1 
ATOM   716  C  CG  . LEU A 1 92  ? 9.077   5.076   1.331   1.00 65.10 ? 91  LEU A CG  1 
ATOM   717  C  CD1 . LEU A 1 92  ? 7.785   5.604   0.699   1.00 59.70 ? 91  LEU A CD1 1 
ATOM   718  C  CD2 . LEU A 1 92  ? 8.968   3.579   1.645   1.00 63.13 ? 91  LEU A CD2 1 
ATOM   719  N  N   . ARG A 1 93  ? 13.215  6.241   -0.515  1.00 68.44 ? 92  ARG A N   1 
ATOM   720  C  CA  . ARG A 1 93  ? 14.306  6.166   -1.494  1.00 68.78 ? 92  ARG A CA  1 
ATOM   721  C  C   . ARG A 1 93  ? 15.570  5.580   -0.865  1.00 69.10 ? 92  ARG A C   1 
ATOM   722  O  O   . ARG A 1 93  ? 16.090  4.580   -1.366  1.00 67.24 ? 92  ARG A O   1 
ATOM   723  C  CB  . ARG A 1 93  ? 14.576  7.525   -2.149  1.00 68.72 ? 92  ARG A CB  1 
ATOM   724  C  CG  . ARG A 1 93  ? 15.934  7.648   -2.888  1.00 69.22 ? 92  ARG A CG  1 
ATOM   725  C  CD  . ARG A 1 93  ? 15.816  8.562   -4.095  1.00 66.93 ? 92  ARG A CD  1 
ATOM   726  N  NE  . ARG A 1 93  ? 14.990  9.715   -3.770  1.00 66.08 ? 92  ARG A NE  1 
ATOM   727  C  CZ  . ARG A 1 93  ? 14.164  10.328  -4.620  1.00 67.58 ? 92  ARG A CZ  1 
ATOM   728  N  NH1 . ARG A 1 93  ? 14.019  9.907   -5.870  1.00 65.31 ? 92  ARG A NH1 1 
ATOM   729  N  NH2 . ARG A 1 93  ? 13.445  11.360  -4.206  1.00 63.75 ? 92  ARG A NH2 1 
ATOM   730  N  N   . GLN A 1 94  ? 16.012  6.184   0.245   1.00 69.70 ? 93  GLN A N   1 
ATOM   731  C  CA  . GLN A 1 94  ? 17.216  5.763   0.980   1.00 71.55 ? 93  GLN A CA  1 
ATOM   732  C  C   . GLN A 1 94  ? 17.136  4.342   1.485   1.00 68.54 ? 93  GLN A C   1 
ATOM   733  O  O   . GLN A 1 94  ? 18.166  3.715   1.687   1.00 69.80 ? 93  GLN A O   1 
ATOM   734  C  CB  . GLN A 1 94  ? 17.470  6.673   2.173   1.00 71.51 ? 93  GLN A CB  1 
ATOM   735  C  CG  . GLN A 1 94  ? 17.825  8.101   1.797   1.00 79.30 ? 93  GLN A CG  1 
ATOM   736  C  CD  . GLN A 1 94  ? 17.611  9.067   2.955   1.00 79.53 ? 93  GLN A CD  1 
ATOM   737  O  OE1 . GLN A 1 94  ? 17.691  8.673   4.129   1.00 92.77 ? 93  GLN A OE1 1 
ATOM   738  N  NE2 . GLN A 1 94  ? 17.320  10.336  2.633   1.00 87.41 ? 93  GLN A NE2 1 
ATOM   739  N  N   . ASP A 1 95  ? 15.926  3.848   1.723   1.00 66.32 ? 94  ASP A N   1 
ATOM   740  C  CA  . ASP A 1 95  ? 15.727  2.460   2.129   1.00 64.58 ? 94  ASP A CA  1 
ATOM   741  C  C   . ASP A 1 95  ? 15.592  1.525   0.901   1.00 64.09 ? 94  ASP A C   1 
ATOM   742  O  O   . ASP A 1 95  ? 15.265  0.348   1.046   1.00 63.67 ? 94  ASP A O   1 
ATOM   743  C  CB  . ASP A 1 95  ? 14.526  2.334   3.081   1.00 64.63 ? 94  ASP A CB  1 
ATOM   744  C  CG  . ASP A 1 95  ? 14.779  2.986   4.446   1.00 65.01 ? 94  ASP A CG  1 
ATOM   745  O  OD1 . ASP A 1 95  ? 15.899  3.478   4.704   1.00 60.45 ? 94  ASP A OD1 1 
ATOM   746  O  OD2 . ASP A 1 95  ? 13.848  3.003   5.275   1.00 66.65 ? 94  ASP A OD2 1 
ATOM   747  N  N   . GLY A 1 96  ? 15.827  2.064   -0.299  1.00 63.23 ? 95  GLY A N   1 
ATOM   748  C  CA  . GLY A 1 96  ? 15.869  1.279   -1.531  1.00 62.88 ? 95  GLY A CA  1 
ATOM   749  C  C   . GLY A 1 96  ? 14.602  1.003   -2.301  1.00 63.14 ? 95  GLY A C   1 
ATOM   750  O  O   . GLY A 1 96  ? 14.603  0.188   -3.213  1.00 62.18 ? 95  GLY A O   1 
ATOM   751  N  N   . PHE A 1 97  ? 13.505  1.657   -1.963  1.00 65.21 ? 96  PHE A N   1 
ATOM   752  C  CA  . PHE A 1 97  ? 12.266  1.412   -2.713  1.00 65.63 ? 96  PHE A CA  1 
ATOM   753  C  C   . PHE A 1 97  ? 12.239  2.245   -3.985  1.00 65.33 ? 96  PHE A C   1 
ATOM   754  O  O   . PHE A 1 97  ? 12.947  3.247   -4.086  1.00 66.65 ? 96  PHE A O   1 
ATOM   755  C  CB  . PHE A 1 97  ? 11.042  1.639   -1.841  1.00 64.98 ? 96  PHE A CB  1 
ATOM   756  C  CG  . PHE A 1 97  ? 10.977  0.699   -0.693  1.00 64.53 ? 96  PHE A CG  1 
ATOM   757  C  CD1 . PHE A 1 97  ? 10.418  -0.558  -0.850  1.00 63.75 ? 96  PHE A CD1 1 
ATOM   758  C  CD2 . PHE A 1 97  ? 11.535  1.041   0.532   1.00 65.60 ? 96  PHE A CD2 1 
ATOM   759  C  CE1 . PHE A 1 97  ? 10.380  -1.450  0.212   1.00 63.73 ? 96  PHE A CE1 1 
ATOM   760  C  CE2 . PHE A 1 97  ? 11.496  0.155   1.604   1.00 64.33 ? 96  PHE A CE2 1 
ATOM   761  C  CZ  . PHE A 1 97  ? 10.920  -1.091  1.444   1.00 61.01 ? 96  PHE A CZ  1 
ATOM   762  N  N   . ALA A 1 98  ? 11.438  1.795   -4.950  1.00 63.81 ? 97  ALA A N   1 
ATOM   763  C  CA  . ALA A 1 98  ? 11.339  2.423   -6.255  1.00 62.16 ? 97  ALA A CA  1 
ATOM   764  C  C   . ALA A 1 98  ? 10.443  3.659   -6.227  1.00 63.56 ? 97  ALA A C   1 
ATOM   765  O  O   . ALA A 1 98  ? 9.274   3.580   -5.845  1.00 65.44 ? 97  ALA A O   1 
ATOM   766  C  CB  . ALA A 1 98  ? 10.797  1.418   -7.255  1.00 60.83 ? 97  ALA A CB  1 
ATOM   767  N  N   . ILE A 1 99  ? 10.991  4.805   -6.622  1.00 63.15 ? 98  ILE A N   1 
ATOM   768  C  CA  . ILE A 1 99  ? 10.218  6.029   -6.720  1.00 63.54 ? 98  ILE A CA  1 
ATOM   769  C  C   . ILE A 1 99  ? 9.775   6.173   -8.186  1.00 62.49 ? 98  ILE A C   1 
ATOM   770  O  O   . ILE A 1 99  ? 10.518  6.643   -9.026  1.00 62.35 ? 98  ILE A O   1 
ATOM   771  C  CB  . ILE A 1 99  ? 11.008  7.254   -6.181  1.00 64.14 ? 98  ILE A CB  1 
ATOM   772  C  CG1 . ILE A 1 99  ? 10.995  7.263   -4.646  1.00 68.05 ? 98  ILE A CG1 1 
ATOM   773  C  CG2 . ILE A 1 99  ? 10.348  8.576   -6.606  1.00 66.20 ? 98  ILE A CG2 1 
ATOM   774  C  CD1 . ILE A 1 99  ? 11.454  6.009   -3.991  1.00 66.41 ? 98  ILE A CD1 1 
ATOM   775  N  N   . ALA A 1 100 ? 8.560   5.721   -8.483  1.00 63.33 ? 99  ALA A N   1 
ATOM   776  C  CA  . ALA A 1 100 ? 7.982   5.809   -9.828  1.00 63.06 ? 99  ALA A CA  1 
ATOM   777  C  C   . ALA A 1 100 ? 7.647   7.253   -10.215 1.00 64.55 ? 99  ALA A C   1 
ATOM   778  O  O   . ALA A 1 100 ? 7.650   7.598   -11.393 1.00 64.27 ? 99  ALA A O   1 
ATOM   779  C  CB  . ALA A 1 100 ? 6.732   4.954   -9.919  1.00 60.42 ? 99  ALA A CB  1 
ATOM   780  N  N   . GLY A 1 101 ? 7.340   8.086   -9.223  1.00 65.49 ? 100 GLY A N   1 
ATOM   781  C  CA  . GLY A 1 101 ? 7.014   9.479   -9.475  1.00 65.29 ? 100 GLY A CA  1 
ATOM   782  C  C   . GLY A 1 101 ? 7.568   10.389  -8.401  1.00 65.42 ? 100 GLY A C   1 
ATOM   783  O  O   . GLY A 1 101 ? 7.248   10.231  -7.224  1.00 67.45 ? 100 GLY A O   1 
ATOM   784  N  N   . GLU A 1 102 ? 8.409   11.339  -8.803  1.00 64.61 ? 101 GLU A N   1 
ATOM   785  C  CA  . GLU A 1 102 ? 8.981   12.313  -7.874  1.00 63.12 ? 101 GLU A CA  1 
ATOM   786  C  C   . GLU A 1 102 ? 7.872   13.218  -7.348  1.00 63.21 ? 101 GLU A C   1 
ATOM   787  O  O   . GLU A 1 102 ? 6.863   13.446  -8.027  1.00 64.10 ? 101 GLU A O   1 
ATOM   788  C  CB  . GLU A 1 102 ? 10.036  13.173  -8.565  1.00 63.09 ? 101 GLU A CB  1 
ATOM   789  C  CG  . GLU A 1 102 ? 11.224  12.404  -9.101  1.00 61.29 ? 101 GLU A CG  1 
ATOM   790  C  CD  . GLU A 1 102 ? 11.982  11.696  -8.007  1.00 66.71 ? 101 GLU A CD  1 
ATOM   791  O  OE1 . GLU A 1 102 ? 12.016  12.222  -6.875  1.00 65.13 ? 101 GLU A OE1 1 
ATOM   792  O  OE2 . GLU A 1 102 ? 12.535  10.606  -8.277  1.00 66.61 ? 101 GLU A OE2 1 
ATOM   793  N  N   . PRO A 1 103 ? 8.036   13.728  -6.122  1.00 62.92 ? 102 PRO A N   1 
ATOM   794  C  CA  . PRO A 1 103 ? 6.998   14.607  -5.585  1.00 62.12 ? 102 PRO A CA  1 
ATOM   795  C  C   . PRO A 1 103 ? 6.722   15.765  -6.523  1.00 62.90 ? 102 PRO A C   1 
ATOM   796  O  O   . PRO A 1 103 ? 7.645   16.287  -7.120  1.00 63.49 ? 102 PRO A O   1 
ATOM   797  C  CB  . PRO A 1 103 ? 7.604   15.110  -4.273  1.00 61.44 ? 102 PRO A CB  1 
ATOM   798  C  CG  . PRO A 1 103 ? 8.591   14.047  -3.885  1.00 62.37 ? 102 PRO A CG  1 
ATOM   799  C  CD  . PRO A 1 103 ? 9.141   13.513  -5.170  1.00 61.60 ? 102 PRO A CD  1 
ATOM   800  N  N   . ARG A 1 104 ? 5.460   16.140  -6.681  1.00 65.09 ? 103 ARG A N   1 
ATOM   801  C  CA  . ARG A 1 104 ? 5.107   17.257  -7.537  1.00 65.62 ? 103 ARG A CA  1 
ATOM   802  C  C   . ARG A 1 104 ? 3.612   17.576  -7.467  1.00 65.73 ? 103 ARG A C   1 
ATOM   803  O  O   . ARG A 1 104 ? 2.822   16.779  -6.954  1.00 67.40 ? 103 ARG A O   1 
ATOM   804  C  CB  . ARG A 1 104 ? 5.470   16.930  -8.981  1.00 64.79 ? 103 ARG A CB  1 
ATOM   805  C  CG  . ARG A 1 104 ? 4.511   15.985  -9.661  1.00 66.40 ? 103 ARG A CG  1 
ATOM   806  C  CD  . ARG A 1 104 ? 4.991   15.651  -11.068 1.00 69.85 ? 103 ARG A CD  1 
ATOM   807  N  NE  . ARG A 1 104 ? 3.898   15.693  -12.042 1.00 75.99 ? 103 ARG A NE  1 
ATOM   808  C  CZ  . ARG A 1 104 ? 2.949   14.767  -12.175 1.00 81.63 ? 103 ARG A CZ  1 
ATOM   809  N  NH1 . ARG A 1 104 ? 2.912   13.695  -11.382 1.00 87.68 ? 103 ARG A NH1 1 
ATOM   810  N  NH2 . ARG A 1 104 ? 2.008   14.928  -13.096 1.00 79.76 ? 103 ARG A NH2 1 
HETATM 811  N  N   . MSE A 1 105 ? 3.248   18.751  -7.973  1.00 64.85 ? 104 MSE A N   1 
HETATM 812  C  CA  . MSE A 1 105 ? 1.852   19.143  -8.120  1.00 65.32 ? 104 MSE A CA  1 
HETATM 813  C  C   . MSE A 1 105 ? 1.352   18.535  -9.407  1.00 64.06 ? 104 MSE A C   1 
HETATM 814  O  O   . MSE A 1 105 ? 1.903   18.807  -10.467 1.00 64.20 ? 104 MSE A O   1 
HETATM 815  C  CB  . MSE A 1 105 ? 1.673   20.666  -8.195  1.00 65.76 ? 104 MSE A CB  1 
HETATM 816  C  CG  . MSE A 1 105 ? 1.240   21.294  -6.889  1.00 70.84 ? 104 MSE A CG  1 
HETATM 817  SE SE  . MSE A 1 105 ? -0.571  20.755  -6.494  0.75 69.98 ? 104 MSE A SE  1 
HETATM 818  C  CE  . MSE A 1 105 ? -1.422  21.582  -8.143  1.00 85.47 ? 104 MSE A CE  1 
ATOM   819  N  N   . THR A 1 106 ? 0.312   17.717  -9.321  1.00 63.16 ? 105 THR A N   1 
ATOM   820  C  CA  . THR A 1 106 ? -0.234  17.089  -10.505 1.00 62.36 ? 105 THR A CA  1 
ATOM   821  C  C   . THR A 1 106 ? -1.232  18.059  -11.124 1.00 62.67 ? 105 THR A C   1 
ATOM   822  O  O   . THR A 1 106 ? -1.649  19.022  -10.478 1.00 63.42 ? 105 THR A O   1 
ATOM   823  C  CB  . THR A 1 106 ? -0.925  15.780  -10.159 1.00 62.14 ? 105 THR A CB  1 
ATOM   824  O  OG1 . THR A 1 106 ? -2.041  16.063  -9.311  1.00 63.08 ? 105 THR A OG1 1 
ATOM   825  C  CG2 . THR A 1 106 ? 0.042   14.845  -9.433  1.00 58.03 ? 105 THR A CG2 1 
ATOM   826  N  N   . GLY A 1 107 ? -1.609  17.806  -12.374 1.00 62.04 ? 106 GLY A N   1 
ATOM   827  C  CA  . GLY A 1 107 ? -2.561  18.658  -13.076 1.00 61.27 ? 106 GLY A CA  1 
ATOM   828  C  C   . GLY A 1 107 ? -3.962  18.633  -12.487 1.00 60.96 ? 106 GLY A C   1 
ATOM   829  O  O   . GLY A 1 107 ? -4.743  19.546  -12.721 1.00 59.66 ? 106 GLY A O   1 
ATOM   830  N  N   . ASP A 1 108 ? -4.287  17.575  -11.748 1.00 61.75 ? 107 ASP A N   1 
ATOM   831  C  CA  . ASP A 1 108 ? -5.603  17.435  -11.116 1.00 62.74 ? 107 ASP A CA  1 
ATOM   832  C  C   . ASP A 1 108 ? -5.550  17.931  -9.679  1.00 63.61 ? 107 ASP A C   1 
ATOM   833  O  O   . ASP A 1 108 ? -6.450  17.637  -8.904  1.00 64.88 ? 107 ASP A O   1 
ATOM   834  C  CB  . ASP A 1 108 ? -6.168  15.988  -11.206 1.00 61.29 ? 107 ASP A CB  1 
ATOM   835  C  CG  . ASP A 1 108 ? -5.149  14.893  -10.796 1.00 64.59 ? 107 ASP A CG  1 
ATOM   836  O  OD1 . ASP A 1 108 ? -3.997  15.213  -10.425 1.00 67.05 ? 107 ASP A OD1 1 
ATOM   837  O  OD2 . ASP A 1 108 ? -5.488  13.688  -10.886 1.00 67.52 ? 107 ASP A OD2 1 
ATOM   838  N  N   . GLY A 1 109 ? -4.475  18.644  -9.320  1.00 64.33 ? 108 GLY A N   1 
ATOM   839  C  CA  . GLY A 1 109 ? -4.345  19.298  -7.998  1.00 64.32 ? 108 GLY A CA  1 
ATOM   840  C  C   . GLY A 1 109 ? -3.867  18.555  -6.756  1.00 64.72 ? 108 GLY A C   1 
ATOM   841  O  O   . GLY A 1 109 ? -4.295  18.875  -5.655  1.00 65.25 ? 108 GLY A O   1 
ATOM   842  N  N   . TYR A 1 110 ? -2.965  17.594  -6.918  1.00 65.78 ? 109 TYR A N   1 
ATOM   843  C  CA  . TYR A 1 110 ? -2.435  16.824  -5.795  1.00 65.67 ? 109 TYR A CA  1 
ATOM   844  C  C   . TYR A 1 110 ? -0.952  17.040  -5.700  1.00 65.38 ? 109 TYR A C   1 
ATOM   845  O  O   . TYR A 1 110 ? -0.273  17.121  -6.727  1.00 66.07 ? 109 TYR A O   1 
ATOM   846  C  CB  . TYR A 1 110 ? -2.707  15.315  -5.978  1.00 67.45 ? 109 TYR A CB  1 
ATOM   847  C  CG  . TYR A 1 110 ? -4.159  15.028  -5.840  1.00 69.16 ? 109 TYR A CG  1 
ATOM   848  C  CD1 . TYR A 1 110 ? -5.030  15.450  -6.821  1.00 74.99 ? 109 TYR A CD1 1 
ATOM   849  C  CD2 . TYR A 1 110 ? -4.684  14.395  -4.705  1.00 74.68 ? 109 TYR A CD2 1 
ATOM   850  C  CE1 . TYR A 1 110 ? -6.389  15.263  -6.710  1.00 77.80 ? 109 TYR A CE1 1 
ATOM   851  C  CE2 . TYR A 1 110 ? -6.068  14.181  -4.581  1.00 74.77 ? 109 TYR A CE2 1 
ATOM   852  C  CZ  . TYR A 1 110 ? -6.905  14.637  -5.604  1.00 75.39 ? 109 TYR A CZ  1 
ATOM   853  O  OH  . TYR A 1 110 ? -8.268  14.489  -5.611  1.00 80.92 ? 109 TYR A OH  1 
ATOM   854  N  N   . TYR A 1 111 ? -0.450  17.187  -4.480  1.00 64.44 ? 110 TYR A N   1 
ATOM   855  C  CA  . TYR A 1 111 ? 0.978   17.185  -4.290  1.00 65.11 ? 110 TYR A CA  1 
ATOM   856  C  C   . TYR A 1 111 ? 1.256   15.749  -3.879  1.00 66.32 ? 110 TYR A C   1 
ATOM   857  O  O   . TYR A 1 111 ? 0.843   15.306  -2.792  1.00 67.75 ? 110 TYR A O   1 
ATOM   858  C  CB  . TYR A 1 111 ? 1.469   18.154  -3.231  1.00 64.75 ? 110 TYR A CB  1 
ATOM   859  C  CG  . TYR A 1 111 ? 2.979   18.184  -3.227  1.00 64.62 ? 110 TYR A CG  1 
ATOM   860  C  CD1 . TYR A 1 111 ? 3.674   18.970  -4.140  1.00 63.60 ? 110 TYR A CD1 1 
ATOM   861  C  CD2 . TYR A 1 111 ? 3.716   17.385  -2.356  1.00 66.38 ? 110 TYR A CD2 1 
ATOM   862  C  CE1 . TYR A 1 111 ? 5.057   18.991  -4.167  1.00 63.16 ? 110 TYR A CE1 1 
ATOM   863  C  CE2 . TYR A 1 111 ? 5.118   17.397  -2.382  1.00 66.29 ? 110 TYR A CE2 1 
ATOM   864  C  CZ  . TYR A 1 111 ? 5.779   18.205  -3.291  1.00 62.70 ? 110 TYR A CZ  1 
ATOM   865  O  OH  . TYR A 1 111 ? 7.161   18.236  -3.333  1.00 63.29 ? 110 TYR A OH  1 
ATOM   866  N  N   . GLU A 1 112 ? 1.934   15.006  -4.743  1.00 66.58 ? 111 GLU A N   1 
ATOM   867  C  CA  . GLU A 1 112 ? 2.166   13.611  -4.446  1.00 67.48 ? 111 GLU A CA  1 
ATOM   868  C  C   . GLU A 1 112 ? 3.389   13.051  -5.108  1.00 65.80 ? 111 GLU A C   1 
ATOM   869  O  O   . GLU A 1 112 ? 3.936   13.650  -6.028  1.00 66.27 ? 111 GLU A O   1 
ATOM   870  C  CB  . GLU A 1 112 ? 0.964   12.798  -4.925  1.00 67.87 ? 111 GLU A CB  1 
ATOM   871  C  CG  . GLU A 1 112 ? 0.715   12.905  -6.436  1.00 70.57 ? 111 GLU A CG  1 
ATOM   872  C  CD  . GLU A 1 112 ? -0.331  11.917  -6.933  1.00 70.81 ? 111 GLU A CD  1 
ATOM   873  O  OE1 . GLU A 1 112 ? -1.286  11.637  -6.171  1.00 67.99 ? 111 GLU A OE1 1 
ATOM   874  O  OE2 . GLU A 1 112 ? -0.193  11.426  -8.081  1.00 67.16 ? 111 GLU A OE2 1 
ATOM   875  N  N   . SER A 1 113 ? 3.817   11.900  -4.608  1.00 64.75 ? 112 SER A N   1 
ATOM   876  C  CA  . SER A 1 113 ? 4.883   11.121  -5.219  1.00 64.65 ? 112 SER A CA  1 
ATOM   877  C  C   . SER A 1 113 ? 4.235   9.773   -5.455  1.00 65.04 ? 112 SER A C   1 
ATOM   878  O  O   . SER A 1 113 ? 3.145   9.517   -4.943  1.00 66.47 ? 112 SER A O   1 
ATOM   879  C  CB  . SER A 1 113 ? 6.084   10.972  -4.288  1.00 64.87 ? 112 SER A CB  1 
ATOM   880  O  OG  . SER A 1 113 ? 5.733   10.296  -3.087  1.00 64.74 ? 112 SER A OG  1 
ATOM   881  N  N   . VAL A 1 114 ? 4.871   8.913   -6.230  1.00 65.60 ? 113 VAL A N   1 
ATOM   882  C  CA  . VAL A 1 114 ? 4.333   7.577   -6.451  1.00 65.93 ? 113 VAL A CA  1 
ATOM   883  C  C   . VAL A 1 114 ? 5.459   6.591   -6.220  1.00 67.28 ? 113 VAL A C   1 
ATOM   884  O  O   . VAL A 1 114 ? 6.488   6.673   -6.900  1.00 68.50 ? 113 VAL A O   1 
ATOM   885  C  CB  . VAL A 1 114 ? 3.793   7.408   -7.877  1.00 67.08 ? 113 VAL A CB  1 
ATOM   886  C  CG1 . VAL A 1 114 ? 3.221   5.983   -8.071  1.00 62.07 ? 113 VAL A CG1 1 
ATOM   887  C  CG2 . VAL A 1 114 ? 2.747   8.492   -8.181  1.00 60.11 ? 113 VAL A CG2 1 
ATOM   888  N  N   . VAL A 1 115 ? 5.268   5.689   -5.252  1.00 66.93 ? 114 VAL A N   1 
ATOM   889  C  CA  . VAL A 1 115 ? 6.250   4.654   -4.908  1.00 67.20 ? 114 VAL A CA  1 
ATOM   890  C  C   . VAL A 1 115 ? 5.651   3.259   -5.092  1.00 66.52 ? 114 VAL A C   1 
ATOM   891  O  O   . VAL A 1 115 ? 4.439   3.097   -5.091  1.00 68.14 ? 114 VAL A O   1 
ATOM   892  C  CB  . VAL A 1 115 ? 6.717   4.773   -3.437  1.00 67.25 ? 114 VAL A CB  1 
ATOM   893  C  CG1 . VAL A 1 115 ? 7.189   6.168   -3.154  1.00 71.59 ? 114 VAL A CG1 1 
ATOM   894  C  CG2 . VAL A 1 115 ? 5.596   4.410   -2.473  1.00 67.48 ? 114 VAL A CG2 1 
ATOM   895  N  N   . LEU A 1 116 ? 6.510   2.255   -5.222  1.00 65.49 ? 115 LEU A N   1 
ATOM   896  C  CA  . LEU A 1 116 ? 6.086   0.868   -5.385  1.00 64.04 ? 115 LEU A CA  1 
ATOM   897  C  C   . LEU A 1 116 ? 6.384   0.054   -4.123  1.00 64.38 ? 115 LEU A C   1 
ATOM   898  O  O   . LEU A 1 116 ? 7.520   0.024   -3.646  1.00 64.54 ? 115 LEU A O   1 
ATOM   899  C  CB  . LEU A 1 116 ? 6.804   0.231   -6.577  1.00 63.52 ? 115 LEU A CB  1 
ATOM   900  C  CG  . LEU A 1 116 ? 6.670   0.910   -7.938  1.00 59.86 ? 115 LEU A CG  1 
ATOM   901  C  CD1 . LEU A 1 116 ? 7.294   0.031   -9.002  1.00 44.01 ? 115 LEU A CD1 1 
ATOM   902  C  CD2 . LEU A 1 116 ? 5.210   1.174   -8.242  1.00 55.98 ? 115 LEU A CD2 1 
ATOM   903  N  N   . ASP A 1 117 ? 5.372   -0.635  -3.598  1.00 65.44 ? 116 ASP A N   1 
ATOM   904  C  CA  . ASP A 1 117 ? 5.546   -1.433  -2.385  1.00 65.92 ? 116 ASP A CA  1 
ATOM   905  C  C   . ASP A 1 117 ? 6.476   -2.625  -2.711  1.00 65.48 ? 116 ASP A C   1 
ATOM   906  O  O   . ASP A 1 117 ? 6.842   -2.826  -3.867  1.00 63.69 ? 116 ASP A O   1 
ATOM   907  C  CB  . ASP A 1 117 ? 4.173   -1.829  -1.780  1.00 67.14 ? 116 ASP A CB  1 
ATOM   908  C  CG  . ASP A 1 117 ? 3.448   -2.952  -2.550  1.00 70.75 ? 116 ASP A CG  1 
ATOM   909  O  OD1 . ASP A 1 117 ? 4.023   -3.548  -3.496  1.00 72.71 ? 116 ASP A OD1 1 
ATOM   910  O  OD2 . ASP A 1 117 ? 2.275   -3.243  -2.182  1.00 72.99 ? 116 ASP A OD2 1 
ATOM   911  N  N   . PRO A 1 118 ? 6.871   -3.412  -1.702  1.00 66.08 ? 117 PRO A N   1 
ATOM   912  C  CA  . PRO A 1 118 ? 7.801   -4.522  -1.948  1.00 65.81 ? 117 PRO A CA  1 
ATOM   913  C  C   . PRO A 1 118 ? 7.422   -5.459  -3.088  1.00 64.90 ? 117 PRO A C   1 
ATOM   914  O  O   . PRO A 1 118 ? 8.302   -6.097  -3.634  1.00 64.72 ? 117 PRO A O   1 
ATOM   915  C  CB  . PRO A 1 118 ? 7.792   -5.291  -0.626  1.00 66.13 ? 117 PRO A CB  1 
ATOM   916  C  CG  . PRO A 1 118 ? 7.450   -4.268  0.391   1.00 66.53 ? 117 PRO A CG  1 
ATOM   917  C  CD  . PRO A 1 118 ? 6.483   -3.337  -0.282  1.00 67.03 ? 117 PRO A CD  1 
ATOM   918  N  N   . GLU A 1 119 ? 6.141   -5.544  -3.435  1.00 65.02 ? 118 GLU A N   1 
ATOM   919  C  CA  . GLU A 1 119 ? 5.699   -6.403  -4.529  1.00 66.21 ? 118 GLU A CA  1 
ATOM   920  C  C   . GLU A 1 119 ? 5.289   -5.648  -5.800  1.00 65.11 ? 118 GLU A C   1 
ATOM   921  O  O   . GLU A 1 119 ? 4.627   -6.202  -6.673  1.00 65.11 ? 118 GLU A O   1 
ATOM   922  C  CB  . GLU A 1 119 ? 4.627   -7.372  -4.023  1.00 66.32 ? 118 GLU A CB  1 
ATOM   923  C  CG  . GLU A 1 119 ? 5.260   -8.373  -3.050  1.00 69.99 ? 118 GLU A CG  1 
ATOM   924  C  CD  . GLU A 1 119 ? 4.288   -9.326  -2.397  1.00 69.15 ? 118 GLU A CD  1 
ATOM   925  O  OE1 . GLU A 1 119 ? 3.105   -9.361  -2.807  1.00 71.79 ? 118 GLU A OE1 1 
ATOM   926  O  OE2 . GLU A 1 119 ? 4.725   -10.048 -1.466  1.00 72.49 ? 118 GLU A OE2 1 
ATOM   927  N  N   . GLY A 1 120 ? 5.689   -4.387  -5.908  1.00 64.33 ? 119 GLY A N   1 
ATOM   928  C  CA  . GLY A 1 120 ? 5.449   -3.608  -7.120  1.00 64.67 ? 119 GLY A CA  1 
ATOM   929  C  C   . GLY A 1 120 ? 4.150   -2.842  -7.232  1.00 65.01 ? 119 GLY A C   1 
ATOM   930  O  O   . GLY A 1 120 ? 3.913   -2.195  -8.238  1.00 65.12 ? 119 GLY A O   1 
ATOM   931  N  N   . ASN A 1 121 ? 3.317   -2.876  -6.206  1.00 66.12 ? 120 ASN A N   1 
ATOM   932  C  CA  . ASN A 1 121 ? 2.041   -2.171  -6.267  1.00 68.21 ? 120 ASN A CA  1 
ATOM   933  C  C   . ASN A 1 121 ? 2.196   -0.663  -6.131  1.00 69.63 ? 120 ASN A C   1 
ATOM   934  O  O   . ASN A 1 121 ? 2.988   -0.199  -5.317  1.00 70.78 ? 120 ASN A O   1 
ATOM   935  C  CB  . ASN A 1 121 ? 1.128   -2.686  -5.174  1.00 69.26 ? 120 ASN A CB  1 
ATOM   936  C  CG  . ASN A 1 121 ? 0.936   -4.179  -5.250  1.00 69.76 ? 120 ASN A CG  1 
ATOM   937  O  OD1 . ASN A 1 121 ? 0.542   -4.706  -6.296  1.00 68.16 ? 120 ASN A OD1 1 
ATOM   938  N  ND2 . ASN A 1 121 ? 1.203   -4.872  -4.140  1.00 71.20 ? 120 ASN A ND2 1 
ATOM   939  N  N   . ARG A 1 122 ? 1.430   0.098   -6.913  1.00 70.59 ? 121 ARG A N   1 
ATOM   940  C  CA  . ARG A 1 122 ? 1.511   1.569   -6.887  1.00 70.89 ? 121 ARG A CA  1 
ATOM   941  C  C   . ARG A 1 122 ? 0.818   2.186   -5.694  1.00 67.38 ? 121 ARG A C   1 
ATOM   942  O  O   . ARG A 1 122 ? -0.293  1.813   -5.363  1.00 66.31 ? 121 ARG A O   1 
ATOM   943  C  CB  . ARG A 1 122 ? 0.894   2.177   -8.148  1.00 70.08 ? 121 ARG A CB  1 
ATOM   944  C  CG  . ARG A 1 122 ? 1.619   1.793   -9.428  1.00 76.82 ? 121 ARG A CG  1 
ATOM   945  C  CD  . ARG A 1 122 ? 0.889   2.292   -10.667 1.00 77.20 ? 121 ARG A CD  1 
ATOM   946  N  NE  . ARG A 1 122 ? 0.631   3.734   -10.590 1.00 83.76 ? 121 ARG A NE  1 
ATOM   947  C  CZ  . ARG A 1 122 ? 1.460   4.681   -11.024 1.00 83.60 ? 121 ARG A CZ  1 
ATOM   948  N  NH1 . ARG A 1 122 ? 2.631   4.367   -11.583 1.00 80.11 ? 121 ARG A NH1 1 
ATOM   949  N  NH2 . ARG A 1 122 ? 1.114   5.957   -10.896 1.00 83.70 ? 121 ARG A NH2 1 
ATOM   950  N  N   . ILE A 1 123 ? 1.494   3.142   -5.065  1.00 66.85 ? 122 ILE A N   1 
ATOM   951  C  CA  . ILE A 1 123 ? 0.949   3.901   -3.955  1.00 66.40 ? 122 ILE A CA  1 
ATOM   952  C  C   . ILE A 1 123 ? 1.266   5.353   -4.211  1.00 66.37 ? 122 ILE A C   1 
ATOM   953  O  O   . ILE A 1 123 ? 2.424   5.684   -4.406  1.00 67.84 ? 122 ILE A O   1 
ATOM   954  C  CB  . ILE A 1 123 ? 1.602   3.545   -2.616  1.00 66.72 ? 122 ILE A CB  1 
ATOM   955  C  CG1 . ILE A 1 123 ? 1.459   2.053   -2.310  1.00 66.48 ? 122 ILE A CG1 1 
ATOM   956  C  CG2 . ILE A 1 123 ? 0.984   4.372   -1.505  1.00 61.20 ? 122 ILE A CG2 1 
ATOM   957  C  CD1 . ILE A 1 123 ? 2.152   1.651   -1.019  1.00 66.91 ? 122 ILE A CD1 1 
ATOM   958  N  N   . GLU A 1 124 ? 0.247   6.208   -4.250  1.00 66.14 ? 123 GLU A N   1 
ATOM   959  C  CA  . GLU A 1 124 ? 0.456   7.642   -4.406  1.00 65.54 ? 123 GLU A CA  1 
ATOM   960  C  C   . GLU A 1 124 ? 0.595   8.168   -3.000  1.00 64.97 ? 123 GLU A C   1 
ATOM   961  O  O   . GLU A 1 124 ? -0.261  7.900   -2.175  1.00 65.51 ? 123 GLU A O   1 
ATOM   962  C  CB  . GLU A 1 124 ? -0.729  8.335   -5.089  1.00 64.62 ? 123 GLU A CB  1 
ATOM   963  C  CG  . GLU A 1 124 ? -0.861  8.050   -6.573  1.00 65.81 ? 123 GLU A CG  1 
ATOM   964  C  CD  . GLU A 1 124 ? -2.044  8.765   -7.248  1.00 68.10 ? 123 GLU A CD  1 
ATOM   965  O  OE1 . GLU A 1 124 ? -2.893  9.360   -6.556  1.00 73.80 ? 123 GLU A OE1 1 
ATOM   966  O  OE2 . GLU A 1 124 ? -2.131  8.721   -8.495  1.00 77.91 ? 123 GLU A OE2 1 
ATOM   967  N  N   . ILE A 1 125 ? 1.686   8.871   -2.708  1.00 65.09 ? 124 ILE A N   1 
ATOM   968  C  CA  . ILE A 1 125 ? 1.880   9.455   -1.381  1.00 64.29 ? 124 ILE A CA  1 
ATOM   969  C  C   . ILE A 1 125 ? 1.513   10.914  -1.552  1.00 65.99 ? 124 ILE A C   1 
ATOM   970  O  O   . ILE A 1 125 ? 2.252   11.711  -2.135  1.00 67.51 ? 124 ILE A O   1 
ATOM   971  C  CB  . ILE A 1 125 ? 3.293   9.285   -0.843  1.00 63.41 ? 124 ILE A CB  1 
ATOM   972  C  CG1 . ILE A 1 125 ? 3.676   7.799   -0.847  1.00 63.33 ? 124 ILE A CG1 1 
ATOM   973  C  CG2 . ILE A 1 125 ? 3.374   9.857   0.557   1.00 57.36 ? 124 ILE A CG2 1 
ATOM   974  C  CD1 . ILE A 1 125 ? 5.108   7.511   -0.426  1.00 64.56 ? 124 ILE A CD1 1 
ATOM   975  N  N   . THR A 1 126 ? 0.338   11.221  -1.036  1.00 66.75 ? 125 THR A N   1 
ATOM   976  C  CA  . THR A 1 126 ? -0.334  12.500  -1.152  1.00 66.05 ? 125 THR A CA  1 
ATOM   977  C  C   . THR A 1 126 ? -0.151  13.368  0.057   1.00 67.56 ? 125 THR A C   1 
ATOM   978  O  O   . THR A 1 126 ? 0.189   12.880  1.135   1.00 68.73 ? 125 THR A O   1 
ATOM   979  C  CB  . THR A 1 126 ? -1.825  12.173  -1.272  1.00 65.56 ? 125 THR A CB  1 
ATOM   980  O  OG1 . THR A 1 126 ? -2.094  11.831  -2.631  1.00 68.05 ? 125 THR A OG1 1 
ATOM   981  C  CG2 . THR A 1 126 ? -2.723  13.284  -0.829  1.00 66.03 ? 125 THR A CG2 1 
ATOM   982  N  N   . TRP A 1 127 ? -0.342  14.667  -0.125  1.00 67.88 ? 126 TRP A N   1 
ATOM   983  C  CA  . TRP A 1 127 ? -0.371  15.580  1.014   1.00 67.87 ? 126 TRP A CA  1 
ATOM   984  C  C   . TRP A 1 127 ? -1.754  15.530  1.684   1.00 68.49 ? 126 TRP A C   1 
ATOM   985  O  O   . TRP A 1 127 ? -1.948  16.115  2.747   1.00 69.48 ? 126 TRP A O   1 
ATOM   986  C  CB  . TRP A 1 127 ? -0.010  16.997  0.594   1.00 67.71 ? 126 TRP A CB  1 
ATOM   987  C  CG  . TRP A 1 127 ? -0.967  17.690  -0.359  1.00 68.42 ? 126 TRP A CG  1 
ATOM   988  C  CD1 . TRP A 1 127 ? -1.966  17.126  -1.105  1.00 65.48 ? 126 TRP A CD1 1 
ATOM   989  C  CD2 . TRP A 1 127 ? -0.894  19.059  -0.770  1.00 64.71 ? 126 TRP A CD2 1 
ATOM   990  N  NE1 . TRP A 1 127 ? -2.564  18.075  -1.894  1.00 65.04 ? 126 TRP A NE1 1 
ATOM   991  C  CE2 . TRP A 1 127 ? -1.916  19.267  -1.717  1.00 66.14 ? 126 TRP A CE2 1 
ATOM   992  C  CE3 . TRP A 1 127 ? -0.071  20.131  -0.415  1.00 64.56 ? 126 TRP A CE3 1 
ATOM   993  C  CZ2 . TRP A 1 127 ? -2.144  20.505  -2.308  1.00 65.84 ? 126 TRP A CZ2 1 
ATOM   994  C  CZ3 . TRP A 1 127 ? -0.298  21.362  -0.999  1.00 67.12 ? 126 TRP A CZ3 1 
ATOM   995  C  CH2 . TRP A 1 127 ? -1.329  21.540  -1.937  1.00 66.48 ? 126 TRP A CH2 1 
ATOM   996  O  OXT . TRP A 1 127 ? -2.716  14.902  1.216   1.00 68.08 ? 126 TRP A OXT 1 
HETATM 997  O  O1  . UNL B 2 .   ? -4.603  10.536  -8.326  1.00 62.82 ? 200 UNL A O1  1 
HETATM 998  O  O2  . UNL B 2 .   ? -4.000  11.413  -10.268 1.00 59.93 ? 200 UNL A O2  1 
HETATM 999  O  O3  . UNL B 2 .   ? -2.716  12.504  -9.873  1.00 64.82 ? 200 UNL A O3  1 
HETATM 1000 O  O4  . UNL B 2 .   ? -2.475  12.416  -12.267 1.00 52.40 ? 200 UNL A O4  1 
HETATM 1001 O  O5  . UNL B 2 .   ? -3.723  11.018  -12.686 1.00 57.59 ? 200 UNL A O5  1 
HETATM 1002 O  O6  . UNL B 2 .   ? -2.581  11.470  -14.943 1.00 55.87 ? 200 UNL A O6  1 
HETATM 1003 O  O7  . UNL B 2 .   ? -2.540  10.674  -17.340 1.00 49.52 ? 200 UNL A O7  1 
HETATM 1004 O  O8  . UNL B 2 .   ? -2.835  12.710  -17.337 1.00 59.49 ? 200 UNL A O8  1 
HETATM 1005 O  O9  . UNL B 2 .   ? -1.168  11.798  -17.169 1.00 46.70 ? 200 UNL A O9  1 
HETATM 1006 O  O   . HOH C 3 .   ? -0.458  15.720  -13.933 1.00 51.17 ? 201 HOH A O   1 
HETATM 1007 O  O   . HOH C 3 .   ? -2.523  5.458   -11.396 1.00 78.38 ? 202 HOH A O   1 
# 
